data_7UUL
#
_entry.id   7UUL
#
_cell.length_a   101.093
_cell.length_b   131.685
_cell.length_c   157.915
_cell.angle_alpha   90.000
_cell.angle_beta   90.000
_cell.angle_gamma   90.000
#
_symmetry.space_group_name_H-M   'P 21 21 21'
#
loop_
_entity.id
_entity.type
_entity.pdbx_description
1 polymer 'Aminocyclitol acetyltransferase ApmA'
2 non-polymer '(1R,2S,3S,4R,6S)-4,6-DIAMINO-3-[(3-AMINO-3-DEOXY-ALPHA-D-GLUCOPYRANOSYL)OXY]-2-HYDROXYCYCLOHEXYL 2,6-DIAMINO-2,6-DIDEOXY-ALPHA-D-GLUCOPYRANOSIDE'
3 non-polymer 'COENZYME A'
4 non-polymer 1,2-ETHANEDIOL
5 non-polymer 'SULFATE ION'
6 non-polymer 'CHLORIDE ION'
7 water water
#
_entity_poly.entity_id   1
_entity_poly.type   'polypeptide(L)'
_entity_poly.pdbx_seq_one_letter_code
;QGMKTRLEQVLERYLNGREVAVWGVPTRRLLRALKPFKFHTADRVDPQYHYVVAVTDDDLTDFLSDEQSKSFQYANDYLT
FDDEGGELPFERMCFNVPVGRQTYFGDGVVGACENGYIKSIGQFTSINGTAEIHANHQLNMTFVSDDIQNFFNEESMAVF
QEKLRKDPKHPYAYSKEPMTIGSDVYIGAHAFINASTVTSIGDGAIIGSGAVVLENVPPFAVVVGVPARIKRYRFSKEMI
ETLLRVKWWDWSIEEINENVDALISPELFMKKYGSL
;
_entity_poly.pdbx_strand_id   A,B,C,D,E,F
#
# COMPACT_ATOMS: atom_id res chain seq x y z
N GLY A 2 -3.52 26.37 12.51
CA GLY A 2 -4.36 26.54 13.70
C GLY A 2 -4.57 25.22 14.44
N MET A 3 -4.75 24.15 13.67
CA MET A 3 -5.03 22.81 14.18
C MET A 3 -3.87 21.90 13.84
N LYS A 4 -3.34 21.19 14.83
CA LYS A 4 -2.13 20.39 14.63
C LYS A 4 -2.37 19.24 13.65
N THR A 5 -1.59 19.19 12.59
CA THR A 5 -1.66 18.04 11.72
C THR A 5 -1.19 16.79 12.44
N ARG A 6 -1.42 15.64 11.81
CA ARG A 6 -0.91 14.38 12.32
C ARG A 6 0.60 14.44 12.49
N LEU A 7 1.31 14.87 11.44
CA LEU A 7 2.77 14.96 11.57
C LEU A 7 3.18 15.89 12.71
N GLU A 8 2.51 17.03 12.85
CA GLU A 8 2.90 17.98 13.91
C GLU A 8 2.81 17.33 15.28
N GLN A 9 1.79 16.48 15.49
CA GLN A 9 1.59 15.84 16.77
C GLN A 9 2.69 14.84 17.05
N VAL A 10 3.10 14.09 16.02
CA VAL A 10 4.14 13.08 16.19
C VAL A 10 5.48 13.72 16.51
N LEU A 11 5.84 14.78 15.77
CA LEU A 11 7.08 15.50 16.03
C LEU A 11 7.13 16.08 17.44
N GLU A 12 6.04 16.69 17.89
CA GLU A 12 5.97 17.13 19.28
C GLU A 12 6.31 16.00 20.22
N ARG A 13 5.83 14.80 19.93
CA ARG A 13 5.97 13.71 20.89
C ARG A 13 7.34 13.04 20.80
N TYR A 14 7.90 12.94 19.61
CA TYR A 14 9.02 12.05 19.37
C TYR A 14 10.25 12.70 18.78
N LEU A 15 10.14 13.88 18.15
CA LEU A 15 11.29 14.45 17.45
C LEU A 15 12.46 14.65 18.40
N ASN A 16 12.17 15.02 19.63
CA ASN A 16 13.15 15.03 20.72
C ASN A 16 14.41 15.80 20.34
N GLY A 17 14.23 16.92 19.65
CA GLY A 17 15.36 17.79 19.39
C GLY A 17 16.28 17.32 18.30
N ARG A 18 15.87 16.36 17.49
CA ARG A 18 16.61 15.96 16.31
C ARG A 18 16.30 16.90 15.16
N GLU A 19 17.06 16.78 14.08
CA GLU A 19 16.75 17.49 12.84
C GLU A 19 15.91 16.61 11.94
N VAL A 20 15.10 17.23 11.10
CA VAL A 20 14.24 16.48 10.20
C VAL A 20 14.96 16.25 8.88
N ALA A 21 15.05 15.00 8.48
CA ALA A 21 15.59 14.61 7.18
C ALA A 21 14.42 14.37 6.24
N VAL A 22 14.19 15.29 5.30
CA VAL A 22 13.07 15.18 4.37
C VAL A 22 13.45 14.19 3.28
N TRP A 23 12.68 13.10 3.17
CA TRP A 23 12.89 12.05 2.17
C TRP A 23 11.87 12.24 1.06
N GLY A 24 12.30 12.82 -0.05
CA GLY A 24 11.42 13.13 -1.15
C GLY A 24 11.31 14.61 -1.41
N VAL A 25 10.56 14.93 -2.45
CA VAL A 25 10.41 16.31 -2.92
C VAL A 25 9.49 17.04 -1.96
N PRO A 26 9.96 18.13 -1.33
CA PRO A 26 9.12 18.79 -0.35
C PRO A 26 8.02 19.59 -1.02
N THR A 27 6.99 19.87 -0.24
CA THR A 27 5.87 20.67 -0.66
C THR A 27 5.80 21.94 0.18
N ARG A 28 5.10 22.94 -0.34
CA ARG A 28 4.88 24.16 0.43
C ARG A 28 4.26 23.84 1.79
N ARG A 29 3.21 23.01 1.81
CA ARG A 29 2.59 22.66 3.09
C ARG A 29 3.59 22.02 4.03
N LEU A 30 4.41 21.09 3.53
CA LEU A 30 5.41 20.45 4.36
C LEU A 30 6.43 21.47 4.88
N LEU A 31 6.91 22.36 4.02
CA LEU A 31 7.94 23.30 4.46
C LEU A 31 7.42 24.23 5.54
N ARG A 32 6.15 24.64 5.43
CA ARG A 32 5.57 25.50 6.46
C ARG A 32 5.50 24.77 7.79
N ALA A 33 5.15 23.49 7.76
CA ALA A 33 5.05 22.73 8.99
C ALA A 33 6.43 22.56 9.64
N LEU A 34 7.49 22.61 8.84
CA LEU A 34 8.85 22.34 9.31
C LEU A 34 9.64 23.60 9.66
N LYS A 35 9.12 24.80 9.37
CA LYS A 35 9.86 26.02 9.67
C LYS A 35 10.40 26.11 11.09
N PRO A 36 9.66 25.77 12.16
CA PRO A 36 10.25 25.91 13.50
C PRO A 36 11.44 25.00 13.71
N PHE A 37 11.50 23.85 13.05
CA PHE A 37 12.61 22.94 13.30
C PHE A 37 13.72 23.16 12.30
N LYS A 38 14.85 22.50 12.56
CA LYS A 38 15.93 22.39 11.60
C LYS A 38 15.68 21.18 10.71
N PHE A 39 15.90 21.35 9.41
CA PHE A 39 15.58 20.26 8.52
C PHE A 39 16.42 20.41 7.27
N HIS A 40 16.57 19.31 6.54
CA HIS A 40 17.42 19.27 5.35
C HIS A 40 16.95 18.14 4.45
N THR A 41 17.41 18.18 3.20
CA THR A 41 17.20 17.06 2.28
C THR A 41 17.91 15.82 2.80
N ALA A 42 17.18 14.72 2.91
CA ALA A 42 17.74 13.49 3.45
C ALA A 42 18.87 12.99 2.58
N ASP A 43 19.98 12.61 3.21
CA ASP A 43 21.10 12.02 2.51
C ASP A 43 21.57 10.80 3.30
N ARG A 44 22.56 10.98 4.16
CA ARG A 44 22.88 9.95 5.14
C ARG A 44 22.09 10.26 6.40
N VAL A 45 21.41 9.24 6.92
CA VAL A 45 20.47 9.45 8.01
C VAL A 45 20.81 8.48 9.14
N ASP A 46 20.67 8.97 10.36
CA ASP A 46 21.06 8.30 11.58
C ASP A 46 19.99 8.63 12.59
N PRO A 47 19.30 7.63 13.15
CA PRO A 47 18.14 7.92 14.02
C PRO A 47 18.51 8.63 15.31
N GLN A 48 19.79 8.60 15.72
CA GLN A 48 20.23 9.39 16.86
C GLN A 48 20.19 10.88 16.58
N TYR A 49 20.27 11.26 15.30
CA TYR A 49 20.38 12.65 14.91
C TYR A 49 19.22 13.14 14.07
N HIS A 50 18.51 12.23 13.41
CA HIS A 50 17.57 12.62 12.37
C HIS A 50 16.24 11.96 12.62
N TYR A 51 15.18 12.67 12.23
CA TYR A 51 13.84 12.14 12.09
C TYR A 51 13.50 12.19 10.62
N VAL A 52 13.06 11.09 10.05
CA VAL A 52 12.81 11.02 8.62
C VAL A 52 11.33 11.31 8.37
N VAL A 53 11.05 12.33 7.57
CA VAL A 53 9.71 12.59 7.10
C VAL A 53 9.69 12.21 5.62
N ALA A 54 8.98 11.13 5.29
CA ALA A 54 8.69 10.82 3.90
C ALA A 54 7.50 11.66 3.45
N VAL A 55 7.63 12.30 2.29
CA VAL A 55 6.61 13.25 1.86
C VAL A 55 5.36 12.50 1.39
N THR A 56 5.53 11.62 0.41
CA THR A 56 4.45 10.81 -0.16
C THR A 56 4.62 9.35 0.24
N ASP A 57 3.57 8.57 -0.02
CA ASP A 57 3.68 7.13 0.26
C ASP A 57 4.79 6.50 -0.56
N ASP A 58 4.93 6.92 -1.81
CA ASP A 58 6.04 6.46 -2.62
C ASP A 58 7.38 6.82 -1.99
N ASP A 59 7.47 8.01 -1.38
CA ASP A 59 8.67 8.35 -0.63
C ASP A 59 8.90 7.35 0.49
N LEU A 60 7.85 7.04 1.27
CA LEU A 60 8.00 6.07 2.35
C LEU A 60 8.44 4.71 1.81
N THR A 61 7.84 4.29 0.72
CA THR A 61 8.18 3.02 0.08
C THR A 61 9.66 2.99 -0.30
N ASP A 62 10.15 4.07 -0.90
CA ASP A 62 11.56 4.15 -1.26
C ASP A 62 12.44 4.14 -0.02
N PHE A 63 12.04 4.87 1.02
CA PHE A 63 12.81 4.94 2.25
C PHE A 63 12.87 3.58 2.95
N LEU A 64 11.72 2.91 3.07
CA LEU A 64 11.71 1.62 3.75
C LEU A 64 12.50 0.57 2.97
N SER A 65 12.79 0.83 1.69
CA SER A 65 13.61 -0.05 0.88
C SER A 65 15.11 0.23 1.04
N ASP A 66 15.47 1.43 1.48
CA ASP A 66 16.87 1.76 1.69
C ASP A 66 17.40 1.01 2.91
N GLU A 67 18.67 0.60 2.86
CA GLU A 67 19.25 -0.07 4.02
C GLU A 67 19.35 0.88 5.22
N GLN A 68 19.46 2.19 4.97
CA GLN A 68 19.57 3.17 6.05
C GLN A 68 18.31 3.24 6.92
N SER A 69 17.19 2.68 6.50
CA SER A 69 15.96 2.77 7.28
C SER A 69 15.84 1.68 8.33
N LYS A 70 16.71 0.68 8.30
CA LYS A 70 16.58 -0.46 9.21
C LYS A 70 16.57 0.00 10.67
N SER A 71 17.30 1.06 11.00
CA SER A 71 17.45 1.56 12.36
C SER A 71 16.37 2.58 12.77
N PHE A 72 15.36 2.79 11.93
CA PHE A 72 14.31 3.77 12.18
C PHE A 72 13.01 3.04 12.49
N GLN A 73 12.40 3.34 13.63
CA GLN A 73 11.15 2.66 13.97
C GLN A 73 9.96 3.58 13.76
N TYR A 74 8.85 3.00 13.33
CA TYR A 74 7.69 3.77 12.87
C TYR A 74 7.21 4.75 13.92
N ALA A 75 6.87 5.97 13.45
CA ALA A 75 6.37 7.07 14.27
C ALA A 75 7.44 7.61 15.21
N ASN A 76 8.11 6.74 15.99
CA ASN A 76 9.18 7.21 16.85
C ASN A 76 10.27 7.93 16.07
N ASP A 77 10.63 7.40 14.88
CA ASP A 77 11.75 7.95 14.12
C ASP A 77 11.40 8.33 12.68
N TYR A 78 10.24 7.94 12.16
CA TYR A 78 9.88 8.35 10.81
C TYR A 78 8.37 8.38 10.66
N LEU A 79 7.91 9.15 9.68
CA LEU A 79 6.49 9.27 9.38
C LEU A 79 6.32 9.72 7.94
N THR A 80 5.13 9.44 7.41
CA THR A 80 4.72 10.03 6.14
C THR A 80 3.95 11.32 6.40
N PHE A 81 4.26 12.33 5.62
CA PHE A 81 3.55 13.60 5.73
C PHE A 81 2.14 13.49 5.16
N ASP A 82 1.98 12.83 4.01
CA ASP A 82 0.70 12.67 3.31
CA ASP A 82 0.65 12.73 3.39
C ASP A 82 -0.06 11.43 3.81
N ASP A 83 -0.51 11.45 5.05
CA ASP A 83 -1.35 10.34 5.52
C ASP A 83 -2.08 10.69 6.80
N GLU A 84 -2.90 11.72 6.71
CA GLU A 84 -3.59 12.21 7.89
C GLU A 84 -4.45 11.13 8.54
N GLY A 85 -4.98 10.21 7.75
CA GLY A 85 -5.74 9.12 8.31
C GLY A 85 -4.94 7.91 8.74
N GLY A 86 -3.62 7.88 8.54
CA GLY A 86 -2.87 6.72 8.95
C GLY A 86 -2.87 6.57 10.47
N GLU A 87 -2.79 5.32 10.92
CA GLU A 87 -2.88 5.07 12.35
C GLU A 87 -1.58 5.42 13.04
N LEU A 88 -1.65 5.50 14.36
CA LEU A 88 -0.50 5.85 15.18
C LEU A 88 -0.57 5.01 16.43
N PRO A 89 0.56 4.77 17.08
CA PRO A 89 0.53 3.98 18.32
C PRO A 89 -0.07 4.75 19.50
N PHE A 90 -0.46 6.00 19.32
CA PHE A 90 -1.02 6.76 20.42
C PHE A 90 -2.24 7.54 19.94
N GLU A 91 -3.13 7.87 20.87
CA GLU A 91 -4.34 8.63 20.57
C GLU A 91 -3.99 9.98 19.97
N ARG A 92 -4.62 10.33 18.86
CA ARG A 92 -4.27 11.53 18.12
C ARG A 92 -5.51 12.38 17.85
N MET A 93 -5.29 13.53 17.25
CA MET A 93 -6.35 14.42 16.80
C MET A 93 -6.33 14.43 15.27
N CYS A 94 -7.51 14.38 14.66
CA CYS A 94 -7.64 14.64 13.23
C CYS A 94 -8.57 15.83 13.10
N PHE A 95 -8.02 17.01 12.79
CA PHE A 95 -8.83 18.21 12.64
C PHE A 95 -9.76 18.44 13.82
N ASN A 96 -9.25 18.30 15.05
CA ASN A 96 -10.07 18.44 16.26
C ASN A 96 -11.00 17.26 16.54
N VAL A 97 -10.84 16.15 15.85
CA VAL A 97 -11.59 14.93 16.13
C VAL A 97 -10.64 13.95 16.82
N PRO A 98 -10.94 13.51 18.06
CA PRO A 98 -10.10 12.49 18.70
C PRO A 98 -10.17 11.16 17.97
N VAL A 99 -9.00 10.55 17.75
CA VAL A 99 -8.86 9.28 17.04
C VAL A 99 -8.02 8.36 17.93
N GLY A 100 -8.53 7.16 18.19
CA GLY A 100 -7.84 6.27 19.09
C GLY A 100 -6.60 5.63 18.45
N ARG A 101 -5.87 4.90 19.29
CA ARG A 101 -4.72 4.12 18.85
C ARG A 101 -5.08 3.13 17.76
N GLN A 102 -4.14 2.92 16.84
CA GLN A 102 -4.20 1.88 15.80
C GLN A 102 -5.48 1.96 14.96
N THR A 103 -5.94 3.18 14.71
CA THR A 103 -7.13 3.44 13.92
C THR A 103 -6.74 4.14 12.62
N TYR A 104 -7.23 3.64 11.50
CA TYR A 104 -6.89 4.26 10.22
C TYR A 104 -8.13 4.46 9.36
N PHE A 105 -8.02 5.41 8.44
CA PHE A 105 -9.06 5.73 7.47
C PHE A 105 -8.45 6.49 6.31
N GLY A 106 -9.26 6.78 5.30
CA GLY A 106 -8.79 7.48 4.12
C GLY A 106 -9.23 8.94 4.07
N ASP A 107 -8.88 9.59 2.96
CA ASP A 107 -9.09 11.03 2.84
C ASP A 107 -10.55 11.42 2.91
N GLY A 108 -11.46 10.54 2.49
CA GLY A 108 -12.88 10.83 2.68
C GLY A 108 -13.21 11.15 4.13
N VAL A 109 -12.74 10.31 5.04
CA VAL A 109 -13.04 10.47 6.46
C VAL A 109 -12.23 11.61 7.07
N VAL A 110 -11.01 11.85 6.58
CA VAL A 110 -10.27 13.04 6.97
C VAL A 110 -11.10 14.28 6.68
N GLY A 111 -11.68 14.34 5.47
CA GLY A 111 -12.57 15.45 5.14
C GLY A 111 -13.77 15.54 6.08
N ALA A 112 -14.39 14.39 6.37
CA ALA A 112 -15.53 14.40 7.29
C ALA A 112 -15.14 14.96 8.65
N CYS A 113 -13.93 14.64 9.13
CA CYS A 113 -13.45 15.24 10.36
C CYS A 113 -13.30 16.74 10.20
N GLU A 114 -12.78 17.18 9.06
CA GLU A 114 -12.58 18.61 8.84
C GLU A 114 -13.92 19.34 8.76
N ASN A 115 -14.91 18.71 8.14
CA ASN A 115 -16.24 19.27 7.94
C ASN A 115 -17.06 19.33 9.23
N GLY A 116 -16.54 18.83 10.34
CA GLY A 116 -17.26 18.86 11.59
C GLY A 116 -18.25 17.74 11.77
N TYR A 117 -18.19 16.71 10.94
CA TYR A 117 -19.22 15.66 10.92
C TYR A 117 -18.99 14.58 11.96
N ILE A 118 -17.79 14.47 12.53
CA ILE A 118 -17.47 13.35 13.40
C ILE A 118 -17.09 13.90 14.77
N LYS A 119 -17.65 13.30 15.82
CA LYS A 119 -17.30 13.71 17.17
C LYS A 119 -16.01 13.06 17.61
N SER A 120 -15.84 11.78 17.32
CA SER A 120 -14.64 11.04 17.71
C SER A 120 -14.63 9.73 16.95
N ILE A 121 -13.46 9.09 16.92
CA ILE A 121 -13.27 7.78 16.30
C ILE A 121 -12.50 6.97 17.32
N GLY A 122 -12.99 5.77 17.64
CA GLY A 122 -12.45 5.01 18.73
C GLY A 122 -11.11 4.38 18.38
N GLN A 123 -10.70 3.43 19.23
CA GLN A 123 -9.43 2.74 19.12
C GLN A 123 -9.56 1.43 18.36
N PHE A 124 -8.51 1.05 17.63
CA PHE A 124 -8.45 -0.23 16.91
C PHE A 124 -9.61 -0.32 15.92
N THR A 125 -9.89 0.79 15.27
CA THR A 125 -10.96 0.89 14.30
C THR A 125 -10.35 0.95 12.91
N SER A 126 -10.98 0.27 11.96
CA SER A 126 -10.38 -0.01 10.66
C SER A 126 -11.35 0.41 9.56
N ILE A 127 -11.04 1.48 8.85
CA ILE A 127 -11.97 2.08 7.90
C ILE A 127 -11.34 2.10 6.52
N ASN A 128 -11.94 1.36 5.59
CA ASN A 128 -11.46 1.31 4.21
C ASN A 128 -11.34 2.72 3.65
N GLY A 129 -10.28 2.94 2.88
CA GLY A 129 -9.93 4.28 2.44
C GLY A 129 -10.98 4.94 1.57
N THR A 130 -11.81 4.14 0.92
CA THR A 130 -12.87 4.66 0.05
C THR A 130 -14.15 5.02 0.80
N ALA A 131 -14.22 4.85 2.11
CA ALA A 131 -15.46 5.19 2.80
C ALA A 131 -15.78 6.67 2.62
N GLU A 132 -17.07 6.99 2.58
CA GLU A 132 -17.54 8.35 2.42
C GLU A 132 -18.55 8.71 3.49
N ILE A 133 -18.45 9.92 4.03
CA ILE A 133 -19.32 10.41 5.09
C ILE A 133 -19.65 11.86 4.77
N HIS A 134 -20.90 12.12 4.38
CA HIS A 134 -21.35 13.44 3.97
C HIS A 134 -22.76 13.64 4.49
N ALA A 135 -23.13 14.90 4.66
CA ALA A 135 -24.48 15.23 5.07
C ALA A 135 -25.39 15.33 3.86
N ASN A 136 -26.70 15.41 4.12
CA ASN A 136 -27.65 15.80 3.09
C ASN A 136 -27.70 17.32 2.97
N HIS A 137 -28.02 17.80 1.77
CA HIS A 137 -28.36 19.21 1.61
C HIS A 137 -29.79 19.44 2.08
N GLN A 138 -30.19 20.71 2.15
CA GLN A 138 -31.57 21.00 2.51
C GLN A 138 -32.50 20.33 1.52
N LEU A 139 -33.56 19.71 2.04
CA LEU A 139 -34.54 19.00 1.24
C LEU A 139 -35.91 19.67 1.30
N ASN A 140 -35.98 20.85 1.89
CA ASN A 140 -37.24 21.53 2.14
C ASN A 140 -37.30 22.91 1.48
N MET A 141 -36.44 23.15 0.50
CA MET A 141 -36.47 24.40 -0.24
C MET A 141 -36.68 24.09 -1.73
N THR A 142 -36.73 25.16 -2.53
CA THR A 142 -36.92 24.98 -3.96
C THR A 142 -35.65 24.44 -4.63
N PHE A 143 -34.48 24.83 -4.12
CA PHE A 143 -33.20 24.37 -4.61
C PHE A 143 -32.58 23.40 -3.62
N VAL A 144 -31.70 22.57 -4.14
CA VAL A 144 -30.91 21.61 -3.35
C VAL A 144 -29.44 21.95 -3.33
N SER A 145 -28.99 22.85 -4.22
CA SER A 145 -27.58 23.23 -4.31
C SER A 145 -27.09 23.84 -3.00
N ASP A 146 -25.79 23.68 -2.74
CA ASP A 146 -25.16 24.45 -1.67
C ASP A 146 -24.34 25.63 -2.18
N ASP A 147 -23.64 25.50 -3.30
CA ASP A 147 -22.79 26.60 -3.71
C ASP A 147 -23.56 27.77 -4.29
N ILE A 148 -24.87 27.59 -4.55
CA ILE A 148 -25.72 28.74 -4.85
C ILE A 148 -25.50 29.84 -3.82
N GLN A 149 -25.25 29.48 -2.56
CA GLN A 149 -25.05 30.49 -1.52
C GLN A 149 -23.85 31.38 -1.79
N ASN A 150 -22.91 30.96 -2.63
CA ASN A 150 -21.84 31.85 -3.02
C ASN A 150 -22.39 33.10 -3.71
N PHE A 151 -23.62 33.04 -4.22
CA PHE A 151 -24.24 34.18 -4.86
C PHE A 151 -25.14 34.98 -3.91
N PHE A 152 -25.33 34.51 -2.68
CA PHE A 152 -26.24 35.14 -1.74
C PHE A 152 -25.62 36.39 -1.11
N ASN A 153 -26.36 37.50 -1.10
CA ASN A 153 -25.90 38.66 -0.33
C ASN A 153 -26.16 38.44 1.16
N GLU A 154 -25.79 39.42 1.97
CA GLU A 154 -25.93 39.27 3.42
C GLU A 154 -27.35 38.89 3.79
N GLU A 155 -28.33 39.53 3.17
CA GLU A 155 -29.73 39.30 3.55
C GLU A 155 -30.21 37.94 3.05
N SER A 156 -29.95 37.60 1.79
CA SER A 156 -30.32 36.27 1.31
C SER A 156 -29.67 35.20 2.17
N MET A 157 -28.41 35.40 2.55
CA MET A 157 -27.77 34.32 3.27
C MET A 157 -28.35 34.17 4.67
N ALA A 158 -28.78 35.29 5.28
CA ALA A 158 -29.35 35.25 6.62
C ALA A 158 -30.64 34.42 6.64
N VAL A 159 -31.56 34.67 5.71
CA VAL A 159 -32.78 33.87 5.67
C VAL A 159 -32.45 32.41 5.37
N PHE A 160 -31.50 32.17 4.45
CA PHE A 160 -31.08 30.81 4.13
C PHE A 160 -30.61 30.08 5.38
N GLN A 161 -29.74 30.71 6.16
CA GLN A 161 -29.21 30.09 7.38
C GLN A 161 -30.30 29.89 8.41
N GLU A 162 -31.20 30.87 8.57
CA GLU A 162 -32.24 30.73 9.57
C GLU A 162 -33.09 29.50 9.32
N LYS A 163 -33.43 29.23 8.05
CA LYS A 163 -34.26 28.06 7.77
C LYS A 163 -33.45 26.77 7.85
N LEU A 164 -32.18 26.80 7.48
CA LEU A 164 -31.33 25.64 7.75
C LEU A 164 -31.27 25.34 9.24
N ARG A 165 -31.20 26.39 10.08
CA ARG A 165 -30.97 26.21 11.51
C ARG A 165 -32.16 25.55 12.21
N LYS A 166 -33.38 25.71 11.69
CA LYS A 166 -34.54 25.11 12.31
C LYS A 166 -35.01 23.83 11.61
N ASP A 167 -34.24 23.33 10.63
CA ASP A 167 -34.62 22.15 9.89
C ASP A 167 -34.33 20.89 10.71
N PRO A 168 -35.37 20.15 11.11
CA PRO A 168 -35.15 18.96 11.97
C PRO A 168 -34.53 17.78 11.22
N LYS A 169 -34.31 17.89 9.91
CA LYS A 169 -33.62 16.87 9.14
C LYS A 169 -32.11 17.11 9.08
N HIS A 170 -31.63 18.15 9.75
CA HIS A 170 -30.19 18.37 9.91
C HIS A 170 -29.44 18.51 8.59
N PRO A 171 -29.86 19.41 7.69
CA PRO A 171 -29.03 19.66 6.51
C PRO A 171 -27.65 20.12 6.93
N TYR A 172 -26.63 19.60 6.24
CA TYR A 172 -25.24 19.95 6.55
C TYR A 172 -24.91 19.59 8.01
N ALA A 173 -25.65 18.62 8.54
CA ALA A 173 -25.55 18.19 9.94
C ALA A 173 -25.80 19.35 10.91
N TYR A 174 -26.56 20.35 10.47
CA TYR A 174 -26.95 21.42 11.37
C TYR A 174 -27.79 20.88 12.53
N SER A 175 -27.59 21.47 13.71
CA SER A 175 -28.38 21.23 14.90
C SER A 175 -28.46 19.75 15.26
N LYS A 176 -27.39 19.00 15.02
CA LYS A 176 -27.31 17.64 15.54
C LYS A 176 -25.93 17.41 16.13
N GLU A 177 -25.78 16.28 16.82
CA GLU A 177 -24.46 15.91 17.32
C GLU A 177 -23.62 15.34 16.19
N PRO A 178 -22.36 15.73 16.10
CA PRO A 178 -21.46 15.00 15.21
C PRO A 178 -21.40 13.56 15.69
N MET A 179 -21.24 12.66 14.74
CA MET A 179 -21.36 11.25 15.03
C MET A 179 -20.14 10.72 15.75
N THR A 180 -20.37 9.82 16.69
CA THR A 180 -19.30 9.04 17.28
C THR A 180 -19.14 7.76 16.49
N ILE A 181 -17.91 7.40 16.18
CA ILE A 181 -17.59 6.10 15.61
C ILE A 181 -16.82 5.34 16.68
N GLY A 182 -17.36 4.20 17.10
CA GLY A 182 -16.82 3.49 18.23
C GLY A 182 -15.46 2.85 17.97
N SER A 183 -14.99 2.14 18.99
CA SER A 183 -13.77 1.34 18.92
C SER A 183 -14.08 -0.04 18.38
N ASP A 184 -13.03 -0.69 17.87
CA ASP A 184 -13.13 -2.04 17.30
C ASP A 184 -14.22 -2.09 16.23
N VAL A 185 -14.34 -1.02 15.47
CA VAL A 185 -15.25 -0.92 14.33
C VAL A 185 -14.51 -1.30 13.05
N TYR A 186 -15.16 -2.04 12.14
CA TYR A 186 -14.67 -2.37 10.80
C TYR A 186 -15.62 -1.80 9.75
N ILE A 187 -15.12 -1.03 8.79
CA ILE A 187 -15.88 -0.47 7.69
C ILE A 187 -15.24 -0.89 6.37
N GLY A 188 -15.99 -1.62 5.54
CA GLY A 188 -15.47 -2.08 4.27
C GLY A 188 -15.59 -1.07 3.14
N ALA A 189 -15.14 -1.50 1.97
CA ALA A 189 -15.04 -0.65 0.80
C ALA A 189 -16.40 -0.10 0.36
N HIS A 190 -16.37 1.05 -0.33
CA HIS A 190 -17.55 1.65 -0.95
C HIS A 190 -18.70 1.81 0.03
N ALA A 191 -18.41 2.07 1.29
CA ALA A 191 -19.44 2.32 2.28
C ALA A 191 -19.72 3.82 2.39
N PHE A 192 -20.99 4.15 2.69
CA PHE A 192 -21.40 5.52 2.94
C PHE A 192 -22.13 5.60 4.27
N ILE A 193 -21.89 6.68 5.01
CA ILE A 193 -22.60 7.00 6.24
C ILE A 193 -23.15 8.41 6.08
N ASN A 194 -24.46 8.55 6.32
CA ASN A 194 -25.12 9.83 6.11
C ASN A 194 -25.00 10.68 7.38
N ALA A 195 -24.27 11.79 7.28
CA ALA A 195 -24.01 12.59 8.46
C ALA A 195 -25.23 13.36 8.94
N SER A 196 -26.29 13.46 8.13
CA SER A 196 -27.51 14.13 8.59
C SER A 196 -28.35 13.23 9.49
N THR A 197 -28.33 11.92 9.28
CA THR A 197 -29.22 11.05 10.01
C THR A 197 -28.50 10.07 10.92
N VAL A 198 -27.17 10.15 11.01
CA VAL A 198 -26.40 9.22 11.83
C VAL A 198 -25.64 10.01 12.89
N THR A 199 -25.89 9.67 14.16
CA THR A 199 -25.07 10.17 15.24
C THR A 199 -24.21 9.09 15.90
N SER A 200 -24.41 7.82 15.55
CA SER A 200 -23.80 6.74 16.34
C SER A 200 -23.47 5.55 15.45
N ILE A 201 -22.19 5.24 15.30
CA ILE A 201 -21.73 3.93 14.87
C ILE A 201 -21.14 3.26 16.10
N GLY A 202 -21.85 2.30 16.67
CA GLY A 202 -21.49 1.76 17.97
C GLY A 202 -20.16 1.02 17.98
N ASP A 203 -19.63 0.88 19.20
CA ASP A 203 -18.45 0.04 19.43
C ASP A 203 -18.66 -1.35 18.81
N GLY A 204 -17.59 -1.86 18.19
CA GLY A 204 -17.59 -3.19 17.60
C GLY A 204 -18.40 -3.34 16.34
N ALA A 205 -19.04 -2.27 15.83
CA ALA A 205 -19.91 -2.40 14.68
C ALA A 205 -19.13 -2.77 13.41
N ILE A 206 -19.76 -3.59 12.56
CA ILE A 206 -19.18 -3.94 11.26
C ILE A 206 -20.07 -3.39 10.18
N ILE A 207 -19.51 -2.55 9.32
CA ILE A 207 -20.22 -2.02 8.17
C ILE A 207 -19.66 -2.73 6.93
N GLY A 208 -20.48 -3.54 6.29
CA GLY A 208 -20.03 -4.31 5.17
C GLY A 208 -19.77 -3.46 3.94
N SER A 209 -18.95 -4.02 3.05
CA SER A 209 -18.67 -3.39 1.76
C SER A 209 -19.95 -3.08 1.01
N GLY A 210 -20.07 -1.83 0.56
CA GLY A 210 -21.19 -1.35 -0.21
C GLY A 210 -22.32 -0.79 0.62
N ALA A 211 -22.26 -0.93 1.93
CA ALA A 211 -23.38 -0.54 2.77
C ALA A 211 -23.59 0.96 2.72
N VAL A 212 -24.84 1.37 2.56
CA VAL A 212 -25.25 2.77 2.65
C VAL A 212 -26.02 2.92 3.96
N VAL A 213 -25.37 3.55 4.94
CA VAL A 213 -25.79 3.56 6.35
C VAL A 213 -26.57 4.83 6.61
N LEU A 214 -27.89 4.69 6.76
CA LEU A 214 -28.77 5.84 6.90
C LEU A 214 -29.24 6.09 8.34
N GLU A 215 -28.97 5.16 9.25
CA GLU A 215 -29.36 5.33 10.64
C GLU A 215 -28.31 4.69 11.55
N ASN A 216 -28.43 4.96 12.86
CA ASN A 216 -27.42 4.53 13.82
C ASN A 216 -27.20 3.02 13.77
N VAL A 217 -25.96 2.60 13.98
CA VAL A 217 -25.62 1.18 14.02
C VAL A 217 -25.38 0.83 15.49
N PRO A 218 -26.17 -0.08 16.06
CA PRO A 218 -25.98 -0.44 17.46
C PRO A 218 -24.64 -1.10 17.67
N PRO A 219 -24.13 -1.06 18.89
CA PRO A 219 -22.85 -1.72 19.18
C PRO A 219 -22.84 -3.18 18.76
N PHE A 220 -21.77 -3.57 18.07
CA PHE A 220 -21.48 -4.93 17.63
C PHE A 220 -22.49 -5.48 16.63
N ALA A 221 -23.32 -4.63 16.04
CA ALA A 221 -24.19 -5.05 14.96
C ALA A 221 -23.40 -5.12 13.66
N VAL A 222 -23.81 -6.05 12.81
CA VAL A 222 -23.24 -6.23 11.47
C VAL A 222 -24.29 -5.80 10.46
N VAL A 223 -24.01 -4.73 9.70
CA VAL A 223 -24.97 -4.18 8.76
C VAL A 223 -24.45 -4.30 7.34
N VAL A 224 -25.35 -4.63 6.41
CA VAL A 224 -25.04 -4.80 5.00
C VAL A 224 -26.15 -4.21 4.16
N GLY A 225 -25.82 -3.91 2.90
CA GLY A 225 -26.80 -3.68 1.86
C GLY A 225 -27.11 -2.21 1.64
N VAL A 226 -27.93 -1.99 0.61
CA VAL A 226 -28.40 -0.68 0.22
C VAL A 226 -29.92 -0.66 0.38
N PRO A 227 -30.45 -0.01 1.43
CA PRO A 227 -29.74 0.64 2.54
C PRO A 227 -29.28 -0.39 3.56
N ALA A 228 -28.40 0.00 4.47
CA ALA A 228 -27.86 -0.95 5.43
C ALA A 228 -28.96 -1.48 6.35
N ARG A 229 -29.00 -2.81 6.46
CA ARG A 229 -29.84 -3.55 7.39
C ARG A 229 -28.93 -4.33 8.31
N ILE A 230 -29.43 -4.63 9.51
CA ILE A 230 -28.68 -5.45 10.45
C ILE A 230 -28.74 -6.90 9.98
N LYS A 231 -27.58 -7.49 9.71
CA LYS A 231 -27.53 -8.89 9.33
C LYS A 231 -27.44 -9.79 10.56
N ARG A 232 -26.58 -9.45 11.51
CA ARG A 232 -26.45 -10.21 12.74
C ARG A 232 -25.75 -9.32 13.76
N TYR A 233 -25.60 -9.86 14.97
CA TYR A 233 -24.76 -9.24 15.97
C TYR A 233 -23.53 -10.11 16.16
N ARG A 234 -22.40 -9.48 16.47
CA ARG A 234 -21.17 -10.24 16.67
C ARG A 234 -21.24 -11.10 17.93
N PHE A 235 -21.99 -10.65 18.93
CA PHE A 235 -22.04 -11.35 20.20
C PHE A 235 -23.46 -11.29 20.76
N SER A 236 -23.73 -12.19 21.71
CA SER A 236 -24.94 -12.10 22.50
C SER A 236 -25.00 -10.77 23.24
N LYS A 237 -26.19 -10.46 23.76
CA LYS A 237 -26.36 -9.18 24.44
C LYS A 237 -25.57 -9.11 25.74
N GLU A 238 -25.55 -10.22 26.48
CA GLU A 238 -24.73 -10.28 27.69
C GLU A 238 -23.26 -10.03 27.38
N MET A 239 -22.75 -10.63 26.30
CA MET A 239 -21.38 -10.37 25.88
C MET A 239 -21.19 -8.95 25.40
N ILE A 240 -22.19 -8.37 24.75
CA ILE A 240 -22.08 -6.97 24.35
C ILE A 240 -22.01 -6.06 25.57
N GLU A 241 -22.91 -6.26 26.54
CA GLU A 241 -22.90 -5.37 27.71
C GLU A 241 -21.64 -5.58 28.55
N THR A 242 -21.10 -6.79 28.56
CA THR A 242 -19.81 -6.98 29.20
C THR A 242 -18.72 -6.21 28.46
N LEU A 243 -18.73 -6.28 27.13
CA LEU A 243 -17.75 -5.53 26.34
C LEU A 243 -17.87 -4.03 26.57
N LEU A 244 -19.11 -3.52 26.70
CA LEU A 244 -19.29 -2.08 26.90
C LEU A 244 -18.87 -1.64 28.29
N ARG A 245 -18.81 -2.58 29.24
CA ARG A 245 -18.37 -2.24 30.58
C ARG A 245 -16.85 -2.41 30.73
N VAL A 246 -16.27 -3.41 30.08
CA VAL A 246 -14.84 -3.67 30.23
C VAL A 246 -14.01 -2.67 29.45
N LYS A 247 -14.41 -2.39 28.20
CA LYS A 247 -13.71 -1.45 27.34
C LYS A 247 -12.24 -1.84 27.20
N TRP A 248 -12.02 -3.05 26.64
CA TRP A 248 -10.65 -3.53 26.49
C TRP A 248 -9.84 -2.62 25.57
N TRP A 249 -10.50 -1.86 24.71
CA TRP A 249 -9.81 -1.00 23.75
C TRP A 249 -9.17 0.22 24.41
N ASP A 250 -9.36 0.44 25.70
CA ASP A 250 -8.61 1.42 26.46
C ASP A 250 -7.56 0.77 27.32
N TRP A 251 -7.33 -0.52 27.14
CA TRP A 251 -6.31 -1.19 27.92
C TRP A 251 -4.92 -0.72 27.49
N SER A 252 -4.01 -0.70 28.46
CA SER A 252 -2.62 -0.45 28.16
C SER A 252 -2.06 -1.54 27.23
N ILE A 253 -0.90 -1.26 26.66
CA ILE A 253 -0.20 -2.27 25.87
C ILE A 253 0.11 -3.49 26.73
N GLU A 254 0.71 -3.27 27.91
CA GLU A 254 0.93 -4.40 28.82
C GLU A 254 -0.36 -5.15 29.07
N GLU A 255 -1.43 -4.42 29.41
CA GLU A 255 -2.72 -5.07 29.68
C GLU A 255 -3.20 -5.87 28.48
N ILE A 256 -3.02 -5.31 27.28
CA ILE A 256 -3.43 -6.04 26.08
C ILE A 256 -2.70 -7.36 25.99
N ASN A 257 -1.40 -7.37 26.30
CA ASN A 257 -0.67 -8.63 26.21
C ASN A 257 -0.96 -9.56 27.38
N GLU A 258 -1.09 -9.04 28.61
CA GLU A 258 -1.46 -9.93 29.73
C GLU A 258 -2.73 -10.70 29.44
N ASN A 259 -3.72 -10.06 28.82
CA ASN A 259 -5.01 -10.68 28.58
C ASN A 259 -5.20 -11.02 27.11
N VAL A 260 -4.11 -11.25 26.39
CA VAL A 260 -4.26 -11.60 24.99
C VAL A 260 -5.16 -12.80 24.85
N ASP A 261 -5.09 -13.74 25.81
CA ASP A 261 -5.87 -14.96 25.71
CA ASP A 261 -5.87 -14.96 25.73
C ASP A 261 -7.36 -14.65 25.66
N ALA A 262 -7.83 -13.70 26.47
CA ALA A 262 -9.23 -13.35 26.49
C ALA A 262 -9.64 -12.51 25.30
N LEU A 263 -8.68 -11.84 24.66
CA LEU A 263 -8.98 -11.08 23.45
C LEU A 263 -9.16 -12.01 22.26
N ILE A 264 -8.44 -13.12 22.21
CA ILE A 264 -8.60 -14.00 21.07
C ILE A 264 -9.71 -15.03 21.28
N SER A 265 -10.17 -15.21 22.51
CA SER A 265 -11.24 -16.17 22.81
C SER A 265 -12.41 -15.46 23.49
N PRO A 266 -13.44 -15.08 22.75
CA PRO A 266 -14.61 -14.43 23.36
C PRO A 266 -15.22 -15.24 24.48
N GLU A 267 -15.14 -16.57 24.38
CA GLU A 267 -15.67 -17.43 25.43
C GLU A 267 -14.93 -17.18 26.74
N LEU A 268 -13.60 -17.13 26.69
CA LEU A 268 -12.86 -16.86 27.92
C LEU A 268 -13.07 -15.42 28.38
N PHE A 269 -13.25 -14.49 27.43
CA PHE A 269 -13.59 -13.13 27.81
C PHE A 269 -14.85 -13.08 28.66
N MET A 270 -15.94 -13.65 28.14
CA MET A 270 -17.17 -13.77 28.94
C MET A 270 -16.88 -14.44 30.27
N LYS A 271 -16.10 -15.52 30.26
CA LYS A 271 -15.80 -16.25 31.48
C LYS A 271 -15.11 -15.36 32.50
N LYS A 272 -14.14 -14.57 32.06
CA LYS A 272 -13.34 -13.78 32.99
C LYS A 272 -14.08 -12.51 33.43
N TYR A 273 -14.77 -11.83 32.52
CA TYR A 273 -15.31 -10.52 32.83
C TYR A 273 -16.83 -10.46 32.94
N GLY A 274 -17.56 -11.52 32.58
CA GLY A 274 -19.01 -11.44 32.46
C GLY A 274 -19.75 -11.19 33.76
N SER A 275 -19.18 -11.55 34.90
CA SER A 275 -19.83 -11.28 36.18
C SER A 275 -19.07 -10.23 36.99
N GLN B 1 11.82 -3.14 -4.32
CA GLN B 1 11.65 -4.39 -3.57
C GLN B 1 12.56 -5.46 -4.12
N GLY B 2 12.39 -6.70 -3.64
CA GLY B 2 12.91 -7.81 -4.42
C GLY B 2 12.31 -7.89 -5.81
N MET B 3 11.17 -7.22 -6.03
CA MET B 3 10.29 -7.46 -7.17
C MET B 3 10.27 -6.28 -8.12
N LYS B 4 10.17 -6.57 -9.41
CA LYS B 4 10.28 -5.55 -10.43
C LYS B 4 8.95 -4.83 -10.64
N THR B 5 9.01 -3.50 -10.69
CA THR B 5 7.81 -2.75 -11.06
C THR B 5 7.50 -2.97 -12.53
N ARG B 6 6.30 -2.54 -12.92
CA ARG B 6 5.90 -2.58 -14.33
C ARG B 6 6.90 -1.80 -15.19
N LEU B 7 7.28 -0.61 -14.75
CA LEU B 7 8.27 0.19 -15.49
C LEU B 7 9.60 -0.55 -15.61
N GLU B 8 10.08 -1.13 -14.51
CA GLU B 8 11.34 -1.88 -14.56
C GLU B 8 11.28 -2.99 -15.61
N GLN B 9 10.17 -3.75 -15.64
CA GLN B 9 10.06 -4.80 -16.64
C GLN B 9 9.99 -4.25 -18.06
N VAL B 10 9.39 -3.07 -18.24
CA VAL B 10 9.30 -2.51 -19.58
C VAL B 10 10.67 -2.02 -20.04
N LEU B 11 11.40 -1.30 -19.18
CA LEU B 11 12.74 -0.84 -19.55
C LEU B 11 13.65 -2.02 -19.86
N GLU B 12 13.62 -3.04 -18.99
CA GLU B 12 14.40 -4.25 -19.24
C GLU B 12 14.14 -4.81 -20.63
N ARG B 13 12.90 -4.72 -21.09
CA ARG B 13 12.54 -5.34 -22.35
C ARG B 13 12.85 -4.46 -23.55
N TYR B 14 12.70 -3.14 -23.41
CA TYR B 14 12.71 -2.25 -24.57
C TYR B 14 13.72 -1.11 -24.52
N LEU B 15 14.30 -0.79 -23.35
CA LEU B 15 15.19 0.36 -23.28
C LEU B 15 16.33 0.23 -24.27
N ASN B 16 16.89 -0.97 -24.41
CA ASN B 16 17.79 -1.30 -25.52
C ASN B 16 19.01 -0.37 -25.56
N GLY B 17 19.47 0.07 -24.39
CA GLY B 17 20.70 0.82 -24.32
C GLY B 17 20.56 2.31 -24.50
N ARG B 18 19.34 2.82 -24.53
CA ARG B 18 19.10 4.23 -24.75
C ARG B 18 19.14 4.99 -23.43
N GLU B 19 19.13 6.29 -23.53
CA GLU B 19 19.01 7.13 -22.35
C GLU B 19 17.54 7.37 -22.06
N VAL B 20 17.23 7.54 -20.80
CA VAL B 20 15.88 7.82 -20.36
C VAL B 20 15.70 9.33 -20.27
N ALA B 21 14.69 9.84 -20.97
CA ALA B 21 14.30 11.24 -20.87
C ALA B 21 13.05 11.35 -20.01
N VAL B 22 13.19 12.03 -18.85
CA VAL B 22 12.13 12.10 -17.85
C VAL B 22 11.21 13.27 -18.19
N TRP B 23 9.93 12.97 -18.40
CA TRP B 23 8.94 13.98 -18.78
C TRP B 23 8.11 14.28 -17.53
N GLY B 24 8.47 15.35 -16.83
CA GLY B 24 7.84 15.70 -15.58
C GLY B 24 8.82 15.73 -14.44
N VAL B 25 8.30 16.12 -13.28
CA VAL B 25 9.02 16.21 -12.01
C VAL B 25 9.40 14.81 -11.54
N PRO B 26 10.69 14.49 -11.48
CA PRO B 26 11.07 13.15 -11.01
C PRO B 26 10.76 13.01 -9.53
N THR B 27 10.59 11.76 -9.12
CA THR B 27 10.39 11.46 -7.72
C THR B 27 11.56 10.62 -7.22
N ARG B 28 11.70 10.58 -5.90
CA ARG B 28 12.78 9.82 -5.31
C ARG B 28 12.69 8.36 -5.73
N ARG B 29 11.47 7.83 -5.83
CA ARG B 29 11.33 6.43 -6.22
C ARG B 29 11.69 6.22 -7.69
N LEU B 30 11.26 7.14 -8.56
CA LEU B 30 11.64 7.04 -9.96
C LEU B 30 13.15 7.10 -10.12
N LEU B 31 13.80 8.07 -9.46
CA LEU B 31 15.24 8.22 -9.60
C LEU B 31 15.98 6.96 -9.16
N ARG B 32 15.42 6.21 -8.20
CA ARG B 32 16.09 4.96 -7.84
C ARG B 32 15.94 3.92 -8.94
N ALA B 33 14.78 3.86 -9.58
CA ALA B 33 14.60 2.90 -10.66
C ALA B 33 15.49 3.21 -11.83
N LEU B 34 15.76 4.50 -12.05
CA LEU B 34 16.57 4.97 -13.17
C LEU B 34 18.06 4.93 -12.89
N LYS B 35 18.47 4.77 -11.63
CA LYS B 35 19.88 4.86 -11.22
C LYS B 35 20.87 4.16 -12.14
N PRO B 36 20.67 2.90 -12.56
CA PRO B 36 21.71 2.25 -13.38
C PRO B 36 21.82 2.84 -14.78
N PHE B 37 20.81 3.55 -15.24
CA PHE B 37 20.78 4.08 -16.59
C PHE B 37 21.34 5.50 -16.64
N LYS B 38 21.72 5.92 -17.85
CA LYS B 38 21.87 7.33 -18.13
C LYS B 38 20.48 7.93 -18.34
N PHE B 39 20.19 9.00 -17.64
CA PHE B 39 18.90 9.64 -17.78
C PHE B 39 19.09 11.13 -17.70
N HIS B 40 18.03 11.87 -17.99
CA HIS B 40 18.11 13.32 -18.05
C HIS B 40 16.69 13.85 -18.15
N THR B 41 16.57 15.16 -17.94
CA THR B 41 15.28 15.83 -18.03
C THR B 41 14.94 16.05 -19.50
N ALA B 42 13.78 15.54 -19.92
CA ALA B 42 13.41 15.56 -21.32
C ALA B 42 13.37 16.98 -21.84
N ASP B 43 14.17 17.25 -22.85
CA ASP B 43 14.07 18.51 -23.58
C ASP B 43 13.66 18.18 -25.00
N ARG B 44 14.67 18.02 -25.86
CA ARG B 44 14.48 17.46 -27.20
CA ARG B 44 14.47 17.45 -27.20
C ARG B 44 14.67 15.95 -27.11
N VAL B 45 13.68 15.19 -27.56
CA VAL B 45 13.72 13.73 -27.42
C VAL B 45 13.61 13.09 -28.79
N ASP B 46 14.38 12.02 -28.97
CA ASP B 46 14.51 11.31 -30.23
C ASP B 46 14.43 9.84 -29.89
N PRO B 47 13.48 9.09 -30.45
CA PRO B 47 13.31 7.68 -30.03
C PRO B 47 14.47 6.78 -30.38
N GLN B 48 15.32 7.20 -31.33
CA GLN B 48 16.56 6.48 -31.65
C GLN B 48 17.53 6.52 -30.48
N TYR B 49 17.47 7.56 -29.66
CA TYR B 49 18.43 7.74 -28.58
C TYR B 49 17.81 7.79 -27.20
N HIS B 50 16.50 8.00 -27.10
CA HIS B 50 15.85 8.23 -25.82
C HIS B 50 14.61 7.37 -25.67
N TYR B 51 14.38 6.99 -24.43
CA TYR B 51 13.14 6.41 -23.96
C TYR B 51 12.50 7.42 -23.03
N VAL B 52 11.29 7.87 -23.37
CA VAL B 52 10.60 8.86 -22.57
C VAL B 52 9.83 8.16 -21.45
N VAL B 53 10.10 8.55 -20.21
CA VAL B 53 9.32 8.13 -19.05
C VAL B 53 8.57 9.36 -18.53
N ALA B 54 7.25 9.39 -18.74
CA ALA B 54 6.39 10.37 -18.08
C ALA B 54 6.17 9.95 -16.63
N VAL B 55 6.26 10.91 -15.71
CA VAL B 55 6.17 10.54 -14.30
C VAL B 55 4.73 10.17 -13.94
N THR B 56 3.80 11.04 -14.30
CA THR B 56 2.40 10.86 -13.96
C THR B 56 1.57 10.76 -15.24
N ASP B 57 0.30 10.38 -15.07
CA ASP B 57 -0.63 10.41 -16.19
C ASP B 57 -0.68 11.80 -16.80
N ASP B 58 -0.74 12.84 -15.96
CA ASP B 58 -0.77 14.21 -16.46
C ASP B 58 0.40 14.46 -17.38
N ASP B 59 1.57 13.95 -16.99
CA ASP B 59 2.76 14.08 -17.82
C ASP B 59 2.60 13.31 -19.12
N LEU B 60 2.00 12.12 -19.05
CA LEU B 60 1.78 11.36 -20.26
C LEU B 60 0.88 12.12 -21.21
N THR B 61 -0.25 12.62 -20.69
CA THR B 61 -1.13 13.43 -21.52
C THR B 61 -0.35 14.56 -22.18
N ASP B 62 0.49 15.25 -21.39
CA ASP B 62 1.27 16.36 -21.93
C ASP B 62 2.19 15.89 -23.03
N PHE B 63 2.99 14.85 -22.76
CA PHE B 63 3.90 14.33 -23.76
C PHE B 63 3.16 14.00 -25.06
N LEU B 64 2.05 13.26 -24.95
CA LEU B 64 1.34 12.83 -26.15
C LEU B 64 0.66 13.97 -26.89
N SER B 65 0.50 15.13 -26.24
CA SER B 65 0.00 16.30 -26.97
C SER B 65 1.13 17.11 -27.59
N ASP B 66 2.37 16.87 -27.16
CA ASP B 66 3.54 17.49 -27.77
C ASP B 66 3.83 16.81 -29.10
N GLU B 67 4.20 17.62 -30.09
CA GLU B 67 4.56 17.07 -31.39
C GLU B 67 5.73 16.11 -31.30
N GLN B 68 6.61 16.29 -30.32
CA GLN B 68 7.75 15.40 -30.21
C GLN B 68 7.35 13.95 -29.98
N SER B 69 6.13 13.70 -29.51
CA SER B 69 5.70 12.33 -29.22
C SER B 69 5.33 11.52 -30.46
N LYS B 70 5.11 12.18 -31.60
CA LYS B 70 4.63 11.49 -32.80
C LYS B 70 5.48 10.27 -33.17
N SER B 71 6.77 10.31 -32.86
CA SER B 71 7.70 9.26 -33.23
C SER B 71 7.76 8.14 -32.21
N PHE B 72 7.20 8.33 -31.03
CA PHE B 72 7.32 7.37 -29.94
C PHE B 72 6.15 6.40 -29.92
N GLN B 73 6.43 5.12 -29.72
CA GLN B 73 5.42 4.08 -29.70
C GLN B 73 5.25 3.57 -28.27
N TYR B 74 4.00 3.26 -27.92
CA TYR B 74 3.65 2.91 -26.56
C TYR B 74 4.43 1.68 -26.11
N ALA B 75 5.01 1.77 -24.91
CA ALA B 75 5.81 0.74 -24.25
C ALA B 75 7.19 0.58 -24.91
N ASN B 76 7.22 0.36 -26.23
CA ASN B 76 8.48 0.27 -26.95
C ASN B 76 9.38 1.47 -26.68
N ASP B 77 8.81 2.66 -26.59
CA ASP B 77 9.60 3.87 -26.49
C ASP B 77 9.17 4.81 -25.38
N TYR B 78 7.99 4.62 -24.78
CA TYR B 78 7.60 5.45 -23.66
C TYR B 78 6.68 4.65 -22.76
N LEU B 79 6.70 5.01 -21.48
CA LEU B 79 5.79 4.47 -20.48
C LEU B 79 5.56 5.54 -19.42
N THR B 80 4.51 5.32 -18.63
CA THR B 80 4.25 6.13 -17.43
C THR B 80 4.86 5.42 -16.23
N PHE B 81 5.54 6.18 -15.37
CA PHE B 81 6.16 5.62 -14.17
C PHE B 81 5.10 5.15 -13.18
N ASP B 82 4.13 6.01 -12.89
CA ASP B 82 3.14 5.76 -11.84
C ASP B 82 1.81 5.29 -12.43
N ASP B 83 1.84 4.11 -13.05
CA ASP B 83 0.65 3.46 -13.58
C ASP B 83 0.88 1.95 -13.53
N GLU B 84 1.11 1.46 -12.32
CA GLU B 84 1.48 0.06 -12.13
C GLU B 84 0.41 -0.90 -12.65
N GLY B 85 -0.85 -0.46 -12.69
CA GLY B 85 -1.97 -1.23 -13.20
C GLY B 85 -2.26 -1.07 -14.68
N GLY B 86 -1.60 -0.17 -15.39
CA GLY B 86 -1.90 0.03 -16.80
C GLY B 86 -1.57 -1.20 -17.64
N GLU B 87 -2.19 -1.28 -18.80
CA GLU B 87 -2.05 -2.41 -19.71
C GLU B 87 -0.70 -2.37 -20.44
N LEU B 88 -0.24 -3.54 -20.87
CA LEU B 88 0.96 -3.66 -21.68
C LEU B 88 0.70 -4.59 -22.86
N PRO B 89 1.48 -4.48 -23.92
CA PRO B 89 1.34 -5.43 -25.03
C PRO B 89 1.92 -6.79 -24.74
N PHE B 90 2.62 -6.98 -23.64
CA PHE B 90 3.10 -8.31 -23.27
C PHE B 90 2.62 -8.66 -21.88
N GLU B 91 2.69 -9.95 -21.57
CA GLU B 91 2.34 -10.41 -20.24
C GLU B 91 3.40 -9.95 -19.25
N ARG B 92 2.96 -9.59 -18.04
CA ARG B 92 3.84 -8.94 -17.07
C ARG B 92 3.55 -9.45 -15.67
N MET B 93 4.36 -9.02 -14.71
CA MET B 93 4.17 -9.29 -13.29
C MET B 93 3.74 -8.02 -12.59
N CYS B 94 2.69 -8.10 -11.78
CA CYS B 94 2.34 -7.08 -10.79
C CYS B 94 2.60 -7.71 -9.43
N PHE B 95 3.71 -7.33 -8.80
CA PHE B 95 4.22 -8.01 -7.60
C PHE B 95 4.42 -9.47 -8.00
N ASN B 96 3.98 -10.46 -7.20
CA ASN B 96 4.06 -11.88 -7.61
C ASN B 96 2.95 -12.28 -8.59
N VAL B 97 2.23 -11.35 -9.20
CA VAL B 97 0.98 -11.72 -9.86
C VAL B 97 1.14 -11.61 -11.37
N PRO B 98 1.03 -12.73 -12.09
CA PRO B 98 0.96 -12.67 -13.56
C PRO B 98 -0.26 -11.92 -14.05
N VAL B 99 -0.05 -11.08 -15.07
CA VAL B 99 -1.09 -10.27 -15.68
C VAL B 99 -0.94 -10.36 -17.20
N GLY B 100 -2.05 -10.67 -17.89
CA GLY B 100 -2.01 -10.90 -19.32
C GLY B 100 -2.00 -9.60 -20.11
N ARG B 101 -1.85 -9.75 -21.42
CA ARG B 101 -1.78 -8.61 -22.32
C ARG B 101 -3.07 -7.80 -22.34
N GLN B 102 -2.92 -6.49 -22.53
CA GLN B 102 -4.07 -5.60 -22.70
C GLN B 102 -5.05 -5.70 -21.53
N THR B 103 -4.50 -5.85 -20.33
CA THR B 103 -5.29 -5.97 -19.12
C THR B 103 -4.91 -4.82 -18.23
N TYR B 104 -5.90 -4.13 -17.69
CA TYR B 104 -5.63 -2.97 -16.86
C TYR B 104 -6.51 -2.99 -15.63
N PHE B 105 -6.06 -2.28 -14.61
CA PHE B 105 -6.80 -2.14 -13.36
C PHE B 105 -6.20 -0.96 -12.61
N GLY B 106 -6.78 -0.62 -11.47
CA GLY B 106 -6.36 0.54 -10.71
C GLY B 106 -5.59 0.17 -9.44
N ASP B 107 -5.31 1.19 -8.64
CA ASP B 107 -4.41 1.00 -7.51
C ASP B 107 -5.00 0.09 -6.44
N GLY B 108 -6.33 0.01 -6.37
CA GLY B 108 -6.93 -0.93 -5.44
C GLY B 108 -6.54 -2.36 -5.75
N VAL B 109 -6.57 -2.71 -7.03
CA VAL B 109 -6.22 -4.05 -7.43
C VAL B 109 -4.70 -4.26 -7.38
N VAL B 110 -3.92 -3.22 -7.71
CA VAL B 110 -2.47 -3.28 -7.48
C VAL B 110 -2.20 -3.66 -6.03
N GLY B 111 -2.78 -2.89 -5.09
CA GLY B 111 -2.67 -3.22 -3.68
C GLY B 111 -3.09 -4.64 -3.36
N ALA B 112 -4.16 -5.12 -4.00
CA ALA B 112 -4.58 -6.51 -3.81
C ALA B 112 -3.55 -7.50 -4.34
N CYS B 113 -2.85 -7.17 -5.43
CA CYS B 113 -1.76 -8.04 -5.85
C CYS B 113 -0.64 -8.06 -4.83
N GLU B 114 -0.31 -6.88 -4.29
CA GLU B 114 0.75 -6.81 -3.29
C GLU B 114 0.35 -7.53 -2.02
N ASN B 115 -0.94 -7.51 -1.66
CA ASN B 115 -1.36 -8.15 -0.43
C ASN B 115 -1.36 -9.68 -0.52
N GLY B 116 -1.22 -10.26 -1.71
CA GLY B 116 -1.27 -11.70 -1.86
C GLY B 116 -2.65 -12.26 -2.13
N TYR B 117 -3.63 -11.42 -2.46
CA TYR B 117 -5.01 -11.86 -2.62
C TYR B 117 -5.30 -12.43 -3.99
N ILE B 118 -4.44 -12.18 -4.97
CA ILE B 118 -4.71 -12.53 -6.36
C ILE B 118 -3.64 -13.47 -6.87
N LYS B 119 -4.07 -14.59 -7.48
CA LYS B 119 -3.11 -15.54 -8.03
C LYS B 119 -2.63 -15.11 -9.42
N SER B 120 -3.53 -14.54 -10.21
CA SER B 120 -3.23 -14.19 -11.61
C SER B 120 -4.42 -13.45 -12.17
N ILE B 121 -4.14 -12.55 -13.11
CA ILE B 121 -5.16 -11.84 -13.86
C ILE B 121 -4.93 -12.11 -15.33
N GLY B 122 -5.99 -12.51 -16.02
CA GLY B 122 -5.87 -13.00 -17.37
C GLY B 122 -5.62 -11.90 -18.39
N GLN B 123 -5.78 -12.27 -19.66
CA GLN B 123 -5.54 -11.39 -20.79
C GLN B 123 -6.82 -10.69 -21.24
N PHE B 124 -6.66 -9.47 -21.75
CA PHE B 124 -7.76 -8.68 -22.30
C PHE B 124 -8.85 -8.45 -21.25
N THR B 125 -8.43 -8.09 -20.05
CA THR B 125 -9.35 -7.89 -18.95
C THR B 125 -9.33 -6.41 -18.56
N SER B 126 -10.52 -5.88 -18.25
CA SER B 126 -10.77 -4.46 -18.05
C SER B 126 -11.41 -4.27 -16.67
N ILE B 127 -10.67 -3.65 -15.76
CA ILE B 127 -11.11 -3.50 -14.37
C ILE B 127 -11.13 -2.01 -14.04
N ASN B 128 -12.33 -1.46 -13.83
CA ASN B 128 -12.44 -0.05 -13.46
C ASN B 128 -11.55 0.24 -12.25
N GLY B 129 -10.98 1.45 -12.23
CA GLY B 129 -9.98 1.82 -11.23
C GLY B 129 -10.50 1.89 -9.80
N THR B 130 -11.81 2.10 -9.62
CA THR B 130 -12.37 2.10 -8.29
C THR B 130 -12.58 0.70 -7.73
N ALA B 131 -12.32 -0.35 -8.50
CA ALA B 131 -12.63 -1.69 -7.99
C ALA B 131 -11.82 -1.95 -6.72
N GLU B 132 -12.44 -2.63 -5.76
CA GLU B 132 -11.76 -2.92 -4.51
C GLU B 132 -11.76 -4.42 -4.28
N ILE B 133 -10.63 -4.95 -3.85
CA ILE B 133 -10.49 -6.37 -3.52
C ILE B 133 -9.76 -6.48 -2.19
N HIS B 134 -10.49 -6.83 -1.13
CA HIS B 134 -9.94 -6.91 0.21
C HIS B 134 -10.51 -8.18 0.84
N ALA B 135 -9.91 -8.61 1.93
CA ALA B 135 -10.35 -9.81 2.64
C ALA B 135 -11.14 -9.40 3.88
N ASN B 136 -11.71 -10.40 4.55
CA ASN B 136 -12.29 -10.16 5.87
C ASN B 136 -11.22 -10.26 6.96
N HIS B 137 -11.38 -9.47 8.01
CA HIS B 137 -10.63 -9.68 9.23
C HIS B 137 -11.20 -10.88 9.98
N GLN B 138 -10.51 -11.29 11.03
CA GLN B 138 -11.02 -12.40 11.84
C GLN B 138 -12.38 -12.05 12.42
N LEU B 139 -13.26 -13.05 12.44
CA LEU B 139 -14.63 -12.87 12.88
C LEU B 139 -14.96 -13.71 14.09
N ASN B 140 -13.99 -14.46 14.60
CA ASN B 140 -14.21 -15.39 15.71
C ASN B 140 -13.32 -15.05 16.90
N MET B 141 -12.99 -13.78 17.06
CA MET B 141 -12.24 -13.32 18.24
C MET B 141 -13.03 -12.22 18.94
N THR B 142 -12.48 -11.71 20.04
CA THR B 142 -13.18 -10.64 20.75
C THR B 142 -13.10 -9.34 19.98
N PHE B 143 -11.98 -9.09 19.32
CA PHE B 143 -11.77 -7.90 18.52
C PHE B 143 -11.86 -8.24 17.03
N VAL B 144 -12.01 -7.21 16.21
CA VAL B 144 -11.99 -7.35 14.77
C VAL B 144 -10.86 -6.56 14.15
N SER B 145 -10.21 -5.67 14.90
CA SER B 145 -9.08 -4.89 14.44
C SER B 145 -7.94 -5.77 13.93
N ASP B 146 -7.21 -5.26 12.94
CA ASP B 146 -5.93 -5.87 12.56
C ASP B 146 -4.74 -5.16 13.17
N ASP B 147 -4.73 -3.82 13.19
CA ASP B 147 -3.58 -3.06 13.67
C ASP B 147 -3.36 -3.18 15.17
N ILE B 148 -4.31 -3.75 15.92
CA ILE B 148 -4.03 -4.10 17.31
C ILE B 148 -2.78 -4.96 17.39
N GLN B 149 -2.49 -5.73 16.34
CA GLN B 149 -1.32 -6.60 16.39
C GLN B 149 -0.03 -5.81 16.44
N ASN B 150 -0.07 -4.51 16.12
CA ASN B 150 1.12 -3.67 16.28
C ASN B 150 1.54 -3.59 17.74
N PHE B 151 0.66 -3.93 18.67
CA PHE B 151 0.98 -3.96 20.08
C PHE B 151 1.35 -5.34 20.59
N PHE B 152 1.23 -6.38 19.76
CA PHE B 152 1.46 -7.72 20.25
C PHE B 152 2.96 -7.97 20.44
N ASN B 153 3.34 -8.43 21.62
CA ASN B 153 4.69 -8.96 21.75
C ASN B 153 4.77 -10.28 20.98
N GLU B 154 5.94 -10.92 21.06
CA GLU B 154 6.15 -12.14 20.28
C GLU B 154 5.19 -13.23 20.70
N GLU B 155 4.94 -13.37 22.01
CA GLU B 155 4.05 -14.43 22.47
C GLU B 155 2.61 -14.13 22.06
N SER B 156 2.17 -12.88 22.21
CA SER B 156 0.85 -12.50 21.77
C SER B 156 0.66 -12.74 20.28
N MET B 157 1.66 -12.37 19.47
CA MET B 157 1.55 -12.58 18.03
C MET B 157 1.31 -14.05 17.72
N ALA B 158 1.96 -14.94 18.47
CA ALA B 158 1.96 -16.37 18.13
C ALA B 158 0.57 -16.98 18.31
N VAL B 159 -0.06 -16.75 19.46
CA VAL B 159 -1.42 -17.26 19.66
C VAL B 159 -2.38 -16.62 18.67
N PHE B 160 -2.16 -15.35 18.31
CA PHE B 160 -2.98 -14.70 17.29
C PHE B 160 -2.83 -15.39 15.93
N GLN B 161 -1.60 -15.55 15.45
CA GLN B 161 -1.43 -16.21 14.15
C GLN B 161 -1.90 -17.66 14.20
N GLU B 162 -1.66 -18.34 15.33
CA GLU B 162 -2.09 -19.73 15.44
C GLU B 162 -3.59 -19.86 15.15
N LYS B 163 -4.41 -19.10 15.87
CA LYS B 163 -5.85 -19.17 15.66
C LYS B 163 -6.23 -18.74 14.26
N LEU B 164 -5.56 -17.71 13.73
CA LEU B 164 -5.87 -17.25 12.37
C LEU B 164 -5.65 -18.35 11.35
N ARG B 165 -4.53 -19.07 11.47
CA ARG B 165 -4.24 -20.09 10.45
C ARG B 165 -5.15 -21.28 10.57
N LYS B 166 -5.91 -21.41 11.66
CA LYS B 166 -6.87 -22.49 11.79
C LYS B 166 -8.28 -22.10 11.35
N ASP B 167 -8.52 -20.83 11.06
CA ASP B 167 -9.87 -20.35 10.75
C ASP B 167 -10.30 -20.83 9.37
N PRO B 168 -11.38 -21.61 9.27
CA PRO B 168 -11.86 -22.05 7.94
C PRO B 168 -12.55 -20.96 7.13
N LYS B 169 -12.79 -19.78 7.71
CA LYS B 169 -13.38 -18.66 6.97
C LYS B 169 -12.34 -17.75 6.34
N HIS B 170 -11.05 -18.12 6.37
CA HIS B 170 -10.00 -17.42 5.62
C HIS B 170 -9.87 -15.93 5.92
N PRO B 171 -9.70 -15.53 7.18
CA PRO B 171 -9.40 -14.11 7.45
C PRO B 171 -8.06 -13.75 6.83
N TYR B 172 -7.97 -12.54 6.28
CA TYR B 172 -6.77 -12.09 5.55
C TYR B 172 -6.41 -13.02 4.39
N ALA B 173 -7.39 -13.78 3.89
CA ALA B 173 -7.19 -14.80 2.86
C ALA B 173 -6.23 -15.89 3.32
N TYR B 174 -6.16 -16.15 4.62
CA TYR B 174 -5.32 -17.22 5.11
C TYR B 174 -5.89 -18.57 4.70
N SER B 175 -5.00 -19.55 4.51
CA SER B 175 -5.37 -20.96 4.30
C SER B 175 -6.21 -21.19 3.03
N LYS B 176 -6.23 -20.26 2.07
CA LYS B 176 -6.96 -20.44 0.83
C LYS B 176 -6.07 -20.08 -0.35
N GLU B 177 -6.49 -20.50 -1.54
CA GLU B 177 -5.81 -20.06 -2.74
C GLU B 177 -6.09 -18.58 -3.00
N PRO B 178 -5.09 -17.82 -3.44
CA PRO B 178 -5.37 -16.47 -3.96
C PRO B 178 -6.26 -16.61 -5.18
N MET B 179 -7.09 -15.58 -5.41
CA MET B 179 -8.11 -15.76 -6.42
C MET B 179 -7.50 -15.57 -7.80
N THR B 180 -8.01 -16.32 -8.76
CA THR B 180 -7.70 -16.08 -10.15
C THR B 180 -8.80 -15.22 -10.77
N ILE B 181 -8.38 -14.23 -11.54
CA ILE B 181 -9.28 -13.41 -12.34
C ILE B 181 -8.99 -13.75 -13.78
N GLY B 182 -10.02 -14.21 -14.49
CA GLY B 182 -9.82 -14.80 -15.79
C GLY B 182 -9.52 -13.77 -16.87
N SER B 183 -9.54 -14.25 -18.11
CA SER B 183 -9.33 -13.44 -19.30
C SER B 183 -10.67 -12.95 -19.84
N ASP B 184 -10.61 -11.84 -20.59
CA ASP B 184 -11.81 -11.22 -21.17
C ASP B 184 -12.87 -10.96 -20.12
N VAL B 185 -12.43 -10.50 -18.95
CA VAL B 185 -13.29 -10.18 -17.82
C VAL B 185 -13.52 -8.67 -17.81
N TYR B 186 -14.74 -8.24 -17.44
CA TYR B 186 -15.08 -6.85 -17.31
C TYR B 186 -15.64 -6.59 -15.91
N ILE B 187 -15.09 -5.60 -15.22
CA ILE B 187 -15.49 -5.24 -13.87
C ILE B 187 -15.78 -3.74 -13.86
N GLY B 188 -17.03 -3.36 -13.50
CA GLY B 188 -17.43 -1.97 -13.53
C GLY B 188 -17.05 -1.18 -12.27
N ALA B 189 -17.46 0.09 -12.26
CA ALA B 189 -17.10 1.00 -11.19
C ALA B 189 -17.67 0.56 -9.84
N HIS B 190 -16.97 0.95 -8.76
CA HIS B 190 -17.45 0.71 -7.39
C HIS B 190 -17.77 -0.77 -7.13
N ALA B 191 -17.04 -1.68 -7.75
CA ALA B 191 -17.28 -3.09 -7.48
C ALA B 191 -16.38 -3.55 -6.34
N PHE B 192 -16.84 -4.57 -5.62
CA PHE B 192 -16.05 -5.16 -4.54
C PHE B 192 -16.04 -6.67 -4.68
N ILE B 193 -14.89 -7.28 -4.44
CA ILE B 193 -14.74 -8.73 -4.45
C ILE B 193 -14.08 -9.15 -3.15
N ASN B 194 -14.73 -10.04 -2.41
CA ASN B 194 -14.22 -10.41 -1.09
C ASN B 194 -13.13 -11.47 -1.23
N ALA B 195 -11.89 -11.07 -0.91
CA ALA B 195 -10.79 -12.02 -1.00
C ALA B 195 -10.88 -13.14 0.03
N SER B 196 -11.74 -13.04 1.05
CA SER B 196 -11.80 -14.16 1.98
C SER B 196 -12.64 -15.28 1.41
N THR B 197 -13.63 -14.96 0.59
CA THR B 197 -14.64 -15.93 0.21
C THR B 197 -14.62 -16.28 -1.27
N VAL B 198 -13.83 -15.57 -2.08
CA VAL B 198 -13.79 -15.75 -3.53
C VAL B 198 -12.42 -16.29 -3.90
N THR B 199 -12.38 -17.35 -4.71
CA THR B 199 -11.14 -17.84 -5.28
C THR B 199 -11.10 -17.78 -6.80
N SER B 200 -12.18 -17.37 -7.45
CA SER B 200 -12.24 -17.49 -8.91
C SER B 200 -13.24 -16.51 -9.49
N ILE B 201 -12.78 -15.57 -10.30
CA ILE B 201 -13.63 -14.86 -11.26
C ILE B 201 -13.36 -15.50 -12.62
N GLY B 202 -14.32 -16.29 -13.11
CA GLY B 202 -14.09 -17.11 -14.30
C GLY B 202 -13.79 -16.28 -15.54
N ASP B 203 -13.25 -16.97 -16.56
CA ASP B 203 -13.02 -16.31 -17.85
C ASP B 203 -14.32 -15.76 -18.40
N GLY B 204 -14.27 -14.59 -19.04
CA GLY B 204 -15.44 -13.99 -19.65
C GLY B 204 -16.43 -13.35 -18.70
N ALA B 205 -16.19 -13.43 -17.38
CA ALA B 205 -17.14 -12.91 -16.41
C ALA B 205 -17.31 -11.40 -16.54
N ILE B 206 -18.55 -10.94 -16.34
CA ILE B 206 -18.84 -9.51 -16.24
C ILE B 206 -19.37 -9.25 -14.85
N ILE B 207 -18.70 -8.36 -14.13
CA ILE B 207 -19.13 -7.90 -12.82
C ILE B 207 -19.62 -6.48 -13.00
N GLY B 208 -20.91 -6.26 -12.74
CA GLY B 208 -21.51 -4.98 -13.00
C GLY B 208 -21.12 -3.91 -12.00
N SER B 209 -21.36 -2.66 -12.37
CA SER B 209 -21.07 -1.55 -11.49
C SER B 209 -21.87 -1.68 -10.19
N GLY B 210 -21.19 -1.43 -9.06
CA GLY B 210 -21.82 -1.48 -7.76
C GLY B 210 -21.92 -2.87 -7.16
N ALA B 211 -21.54 -3.91 -7.90
CA ALA B 211 -21.68 -5.28 -7.42
C ALA B 211 -20.83 -5.53 -6.17
N VAL B 212 -21.38 -6.33 -5.26
CA VAL B 212 -20.61 -6.84 -4.13
C VAL B 212 -20.52 -8.35 -4.31
N VAL B 213 -19.33 -8.83 -4.68
CA VAL B 213 -19.12 -10.21 -5.11
C VAL B 213 -18.60 -10.98 -3.90
N LEU B 214 -19.42 -11.87 -3.35
CA LEU B 214 -19.08 -12.61 -2.14
C LEU B 214 -18.79 -14.08 -2.42
N GLU B 215 -18.83 -14.49 -3.68
CA GLU B 215 -18.60 -15.88 -4.04
C GLU B 215 -18.21 -15.95 -5.50
N ASN B 216 -17.59 -17.07 -5.86
CA ASN B 216 -17.01 -17.24 -7.19
C ASN B 216 -18.01 -16.91 -8.29
N VAL B 217 -17.51 -16.25 -9.33
CA VAL B 217 -18.31 -15.93 -10.51
C VAL B 217 -17.97 -16.95 -11.58
N PRO B 218 -18.93 -17.73 -12.06
CA PRO B 218 -18.64 -18.74 -13.06
C PRO B 218 -18.19 -18.12 -14.36
N PRO B 219 -17.49 -18.87 -15.21
CA PRO B 219 -17.02 -18.31 -16.49
C PRO B 219 -18.17 -17.78 -17.34
N PHE B 220 -18.01 -16.57 -17.86
CA PHE B 220 -18.97 -15.89 -18.73
C PHE B 220 -20.29 -15.59 -18.03
N ALA B 221 -20.29 -15.57 -16.71
CA ALA B 221 -21.46 -15.10 -15.98
C ALA B 221 -21.45 -13.57 -15.89
N VAL B 222 -22.64 -13.02 -15.89
CA VAL B 222 -22.88 -11.59 -15.74
C VAL B 222 -23.57 -11.41 -14.40
N VAL B 223 -22.88 -10.82 -13.42
CA VAL B 223 -23.40 -10.70 -12.07
C VAL B 223 -23.53 -9.23 -11.68
N VAL B 224 -24.61 -8.93 -10.96
CA VAL B 224 -24.93 -7.57 -10.54
C VAL B 224 -25.54 -7.67 -9.14
N GLY B 225 -25.52 -6.54 -8.42
CA GLY B 225 -26.30 -6.44 -7.21
C GLY B 225 -25.46 -6.55 -5.94
N VAL B 226 -26.12 -6.25 -4.84
CA VAL B 226 -25.56 -6.34 -3.51
C VAL B 226 -26.46 -7.29 -2.71
N PRO B 227 -26.04 -8.56 -2.53
CA PRO B 227 -24.80 -9.18 -3.02
C PRO B 227 -24.94 -9.62 -4.48
N ALA B 228 -23.85 -9.90 -5.19
CA ALA B 228 -23.96 -10.15 -6.62
C ALA B 228 -24.70 -11.45 -6.91
N ARG B 229 -25.55 -11.41 -7.94
CA ARG B 229 -26.26 -12.57 -8.43
C ARG B 229 -26.12 -12.64 -9.94
N ILE B 230 -26.27 -13.84 -10.49
CA ILE B 230 -26.10 -14.08 -11.91
C ILE B 230 -27.37 -13.63 -12.66
N LYS B 231 -27.22 -12.63 -13.55
CA LYS B 231 -28.30 -12.15 -14.41
C LYS B 231 -28.45 -12.92 -15.70
N ARG B 232 -27.34 -13.38 -16.25
CA ARG B 232 -27.32 -14.12 -17.50
C ARG B 232 -25.92 -14.69 -17.65
N TYR B 233 -25.78 -15.59 -18.60
CA TYR B 233 -24.49 -15.97 -19.12
C TYR B 233 -24.32 -15.33 -20.48
N ARG B 234 -23.08 -14.96 -20.82
CA ARG B 234 -22.85 -14.30 -22.10
C ARG B 234 -23.18 -15.20 -23.29
N PHE B 235 -23.02 -16.51 -23.13
CA PHE B 235 -23.16 -17.42 -24.25
C PHE B 235 -23.83 -18.71 -23.76
N SER B 236 -24.19 -19.56 -24.71
CA SER B 236 -24.73 -20.86 -24.37
C SER B 236 -23.66 -21.74 -23.72
N LYS B 237 -24.13 -22.78 -23.02
CA LYS B 237 -23.22 -23.73 -22.37
C LYS B 237 -22.26 -24.37 -23.38
N GLU B 238 -22.70 -24.56 -24.61
CA GLU B 238 -21.83 -25.17 -25.61
C GLU B 238 -20.78 -24.19 -26.12
N MET B 239 -21.13 -22.92 -26.25
CA MET B 239 -20.09 -21.97 -26.62
C MET B 239 -19.14 -21.67 -25.47
N ILE B 240 -19.63 -21.65 -24.23
CA ILE B 240 -18.74 -21.51 -23.09
C ILE B 240 -17.73 -22.66 -23.08
N GLU B 241 -18.23 -23.88 -23.25
CA GLU B 241 -17.34 -25.04 -23.35
C GLU B 241 -16.37 -24.87 -24.51
N THR B 242 -16.84 -24.37 -25.64
CA THR B 242 -15.94 -24.15 -26.79
C THR B 242 -14.95 -23.03 -26.50
N LEU B 243 -15.39 -21.95 -25.87
CA LEU B 243 -14.47 -20.86 -25.55
C LEU B 243 -13.38 -21.33 -24.59
N LEU B 244 -13.74 -22.13 -23.59
CA LEU B 244 -12.76 -22.53 -22.59
C LEU B 244 -11.73 -23.50 -23.14
N ARG B 245 -11.99 -24.11 -24.30
CA ARG B 245 -11.00 -24.97 -24.94
C ARG B 245 -10.14 -24.18 -25.92
N VAL B 246 -10.74 -23.23 -26.61
CA VAL B 246 -10.04 -22.51 -27.68
C VAL B 246 -9.09 -21.48 -27.10
N LYS B 247 -9.51 -20.81 -26.02
CA LYS B 247 -8.70 -19.81 -25.33
C LYS B 247 -8.13 -18.80 -26.32
N TRP B 248 -9.03 -18.11 -27.03
CA TRP B 248 -8.57 -17.15 -28.02
C TRP B 248 -7.72 -16.06 -27.38
N TRP B 249 -7.97 -15.77 -26.11
CA TRP B 249 -7.23 -14.75 -25.39
C TRP B 249 -5.77 -15.11 -25.17
N ASP B 250 -5.37 -16.35 -25.48
CA ASP B 250 -3.96 -16.73 -25.53
C ASP B 250 -3.39 -16.66 -26.95
N TRP B 251 -4.20 -16.28 -27.92
CA TRP B 251 -3.75 -16.23 -29.30
C TRP B 251 -2.69 -15.14 -29.50
N SER B 252 -1.86 -15.34 -30.52
CA SER B 252 -0.92 -14.32 -30.93
C SER B 252 -1.66 -13.18 -31.64
N ILE B 253 -0.90 -12.13 -31.98
CA ILE B 253 -1.52 -10.96 -32.58
C ILE B 253 -2.00 -11.27 -34.00
N GLU B 254 -1.18 -11.97 -34.79
CA GLU B 254 -1.60 -12.33 -36.13
C GLU B 254 -2.81 -13.27 -36.09
N GLU B 255 -2.81 -14.22 -35.15
CA GLU B 255 -3.98 -15.08 -34.97
C GLU B 255 -5.23 -14.24 -34.69
N ILE B 256 -5.11 -13.27 -33.79
CA ILE B 256 -6.24 -12.39 -33.48
C ILE B 256 -6.75 -11.72 -34.76
N ASN B 257 -5.84 -11.28 -35.62
CA ASN B 257 -6.28 -10.57 -36.81
C ASN B 257 -6.82 -11.52 -37.88
N GLU B 258 -6.22 -12.71 -38.02
CA GLU B 258 -6.74 -13.69 -38.98
C GLU B 258 -8.16 -14.14 -38.60
N ASN B 259 -8.47 -14.17 -37.31
CA ASN B 259 -9.74 -14.72 -36.86
C ASN B 259 -10.69 -13.64 -36.36
N VAL B 260 -10.46 -12.39 -36.78
CA VAL B 260 -11.23 -11.28 -36.23
C VAL B 260 -12.71 -11.44 -36.54
N ASP B 261 -13.03 -12.10 -37.66
CA ASP B 261 -14.42 -12.34 -37.99
C ASP B 261 -15.08 -13.23 -36.94
N ALA B 262 -14.33 -14.21 -36.42
CA ALA B 262 -14.87 -15.04 -35.35
C ALA B 262 -14.88 -14.31 -34.02
N LEU B 263 -13.96 -13.38 -33.80
CA LEU B 263 -13.99 -12.65 -32.55
C LEU B 263 -15.15 -11.65 -32.54
N ILE B 264 -15.46 -11.09 -33.70
CA ILE B 264 -16.53 -10.11 -33.78
C ILE B 264 -17.90 -10.80 -33.69
N SER B 265 -18.04 -11.98 -34.28
CA SER B 265 -19.32 -12.67 -34.41
C SER B 265 -19.33 -14.00 -33.68
N PRO B 266 -19.95 -14.09 -32.50
CA PRO B 266 -19.95 -15.38 -31.77
C PRO B 266 -20.53 -16.50 -32.59
N GLU B 267 -21.45 -16.17 -33.50
CA GLU B 267 -22.06 -17.14 -34.39
C GLU B 267 -21.04 -17.76 -35.34
N LEU B 268 -20.14 -16.94 -35.90
CA LEU B 268 -19.11 -17.51 -36.76
C LEU B 268 -18.06 -18.22 -35.93
N PHE B 269 -17.70 -17.67 -34.78
CA PHE B 269 -16.85 -18.40 -33.85
C PHE B 269 -17.34 -19.83 -33.69
N MET B 270 -18.66 -19.98 -33.47
CA MET B 270 -19.24 -21.29 -33.22
C MET B 270 -19.14 -22.21 -34.42
N LYS B 271 -19.51 -21.71 -35.60
CA LYS B 271 -19.42 -22.53 -36.81
C LYS B 271 -18.00 -23.01 -37.04
N LYS B 272 -17.01 -22.23 -36.62
CA LYS B 272 -15.61 -22.56 -36.86
C LYS B 272 -15.08 -23.53 -35.80
N TYR B 273 -15.18 -23.15 -34.53
CA TYR B 273 -14.48 -23.90 -33.48
C TYR B 273 -15.38 -24.82 -32.67
N GLY B 274 -16.69 -24.81 -32.89
CA GLY B 274 -17.60 -25.54 -32.02
C GLY B 274 -17.76 -27.03 -32.25
N SER B 275 -17.06 -27.62 -33.21
CA SER B 275 -17.20 -29.04 -33.51
C SER B 275 -18.61 -29.39 -33.98
N MET C 3 25.66 -45.76 -26.39
CA MET C 3 24.59 -45.55 -25.41
C MET C 3 23.96 -44.16 -25.56
N LYS C 4 22.63 -44.11 -25.49
CA LYS C 4 21.91 -42.87 -25.76
C LYS C 4 21.74 -42.02 -24.51
N THR C 5 21.91 -40.72 -24.67
CA THR C 5 21.61 -39.78 -23.60
C THR C 5 20.11 -39.69 -23.34
N ARG C 6 19.78 -39.12 -22.18
CA ARG C 6 18.38 -38.79 -21.87
C ARG C 6 17.72 -38.07 -23.05
N LEU C 7 18.36 -37.03 -23.56
CA LEU C 7 17.79 -36.24 -24.65
C LEU C 7 17.48 -37.10 -25.87
N GLU C 8 18.46 -37.88 -26.33
CA GLU C 8 18.21 -38.70 -27.53
C GLU C 8 16.98 -39.59 -27.35
N GLN C 9 16.78 -40.13 -26.13
CA GLN C 9 15.63 -40.99 -25.92
C GLN C 9 14.33 -40.20 -25.99
N VAL C 10 14.35 -38.97 -25.51
CA VAL C 10 13.16 -38.15 -25.56
C VAL C 10 12.85 -37.74 -26.99
N LEU C 11 13.88 -37.33 -27.73
CA LEU C 11 13.70 -37.01 -29.15
C LEU C 11 13.11 -38.20 -29.91
N GLU C 12 13.62 -39.40 -29.66
CA GLU C 12 13.08 -40.61 -30.31
C GLU C 12 11.59 -40.77 -30.07
N ARG C 13 11.12 -40.42 -28.89
CA ARG C 13 9.73 -40.65 -28.56
C ARG C 13 8.84 -39.48 -28.97
N TYR C 14 9.33 -38.24 -28.92
CA TYR C 14 8.48 -37.07 -29.01
C TYR C 14 8.81 -36.09 -30.13
N LEU C 15 9.97 -36.20 -30.77
CA LEU C 15 10.36 -35.21 -31.78
C LEU C 15 9.33 -35.14 -32.91
N ASN C 16 8.81 -36.30 -33.34
CA ASN C 16 7.75 -36.40 -34.34
C ASN C 16 8.03 -35.58 -35.59
N GLY C 17 9.21 -35.76 -36.16
CA GLY C 17 9.49 -35.13 -37.43
C GLY C 17 9.76 -33.64 -37.38
N ARG C 18 9.79 -33.03 -36.20
CA ARG C 18 10.16 -31.62 -36.11
C ARG C 18 11.67 -31.45 -36.20
N GLU C 19 12.13 -30.22 -36.15
CA GLU C 19 13.54 -29.94 -36.04
C GLU C 19 13.88 -29.55 -34.61
N VAL C 20 15.12 -29.82 -34.22
CA VAL C 20 15.61 -29.40 -32.91
C VAL C 20 16.09 -27.96 -32.98
N ALA C 21 15.65 -27.13 -32.04
CA ALA C 21 16.13 -25.76 -31.91
C ALA C 21 16.91 -25.70 -30.60
N VAL C 22 18.22 -25.45 -30.70
CA VAL C 22 19.08 -25.45 -29.53
C VAL C 22 19.06 -24.07 -28.91
N TRP C 23 18.57 -23.98 -27.67
CA TRP C 23 18.52 -22.75 -26.88
C TRP C 23 19.74 -22.76 -25.97
N GLY C 24 20.83 -22.17 -26.43
CA GLY C 24 22.05 -22.21 -25.65
C GLY C 24 23.22 -22.56 -26.54
N VAL C 25 24.38 -22.76 -25.93
CA VAL C 25 25.61 -22.99 -26.65
C VAL C 25 25.79 -24.50 -26.81
N PRO C 26 25.81 -25.03 -28.02
CA PRO C 26 25.97 -26.48 -28.20
C PRO C 26 27.38 -26.95 -27.85
N THR C 27 27.44 -28.04 -27.08
CA THR C 27 28.66 -28.69 -26.66
C THR C 27 28.94 -29.88 -27.56
N ARG C 28 30.19 -30.37 -27.49
CA ARG C 28 30.52 -31.58 -28.23
C ARG C 28 29.59 -32.73 -27.85
N ARG C 29 29.34 -32.90 -26.55
CA ARG C 29 28.43 -33.94 -26.09
C ARG C 29 27.05 -33.79 -26.72
N LEU C 30 26.58 -32.56 -26.87
CA LEU C 30 25.27 -32.35 -27.46
C LEU C 30 25.27 -32.72 -28.93
N LEU C 31 26.28 -32.27 -29.68
CA LEU C 31 26.31 -32.54 -31.10
C LEU C 31 26.41 -34.04 -31.38
N ARG C 32 27.15 -34.75 -30.55
CA ARG C 32 27.18 -36.21 -30.72
C ARG C 32 25.79 -36.79 -30.47
N ALA C 33 25.06 -36.25 -29.49
CA ALA C 33 23.72 -36.76 -29.22
C ALA C 33 22.73 -36.38 -30.31
N LEU C 34 22.96 -35.27 -31.01
CA LEU C 34 22.02 -34.79 -32.04
C LEU C 34 22.32 -35.35 -33.44
N LYS C 35 23.41 -36.10 -33.62
CA LYS C 35 23.79 -36.64 -34.92
C LYS C 35 22.60 -37.24 -35.69
N PRO C 36 21.71 -38.02 -35.07
CA PRO C 36 20.61 -38.61 -35.84
C PRO C 36 19.54 -37.63 -36.30
N PHE C 37 19.53 -36.38 -35.82
CA PHE C 37 18.43 -35.46 -36.05
C PHE C 37 18.90 -34.19 -36.75
N LYS C 38 17.94 -33.48 -37.35
CA LYS C 38 18.19 -32.14 -37.89
C LYS C 38 17.99 -31.10 -36.81
N PHE C 39 19.00 -30.26 -36.60
CA PHE C 39 18.97 -29.29 -35.52
C PHE C 39 19.55 -27.97 -35.99
N HIS C 40 19.14 -26.91 -35.31
CA HIS C 40 19.57 -25.56 -35.63
C HIS C 40 19.66 -24.75 -34.34
N THR C 41 20.40 -23.64 -34.42
CA THR C 41 20.37 -22.65 -33.37
C THR C 41 18.94 -22.11 -33.23
N ALA C 42 18.44 -22.08 -31.99
CA ALA C 42 17.11 -21.51 -31.75
C ALA C 42 17.10 -20.02 -32.05
N ASP C 43 16.07 -19.56 -32.76
CA ASP C 43 15.88 -18.15 -33.02
C ASP C 43 14.43 -17.83 -32.73
N ARG C 44 13.58 -17.99 -33.74
CA ARG C 44 12.13 -17.96 -33.57
C ARG C 44 11.63 -19.39 -33.59
N VAL C 45 10.97 -19.81 -32.53
CA VAL C 45 10.58 -21.19 -32.39
C VAL C 45 9.07 -21.26 -32.23
N ASP C 46 8.52 -22.42 -32.62
CA ASP C 46 7.13 -22.69 -32.58
C ASP C 46 6.98 -24.20 -32.44
N PRO C 47 6.22 -24.69 -31.47
CA PRO C 47 6.21 -26.14 -31.18
C PRO C 47 5.60 -26.99 -32.30
N GLN C 48 4.88 -26.39 -33.23
CA GLN C 48 4.48 -27.17 -34.39
C GLN C 48 5.69 -27.60 -35.20
N TYR C 49 6.75 -26.79 -35.21
CA TYR C 49 7.90 -27.05 -36.06
C TYR C 49 9.18 -27.37 -35.31
N HIS C 50 9.29 -27.01 -34.03
CA HIS C 50 10.56 -27.05 -33.33
C HIS C 50 10.40 -27.78 -32.01
N TYR C 51 11.39 -28.60 -31.70
CA TYR C 51 11.58 -29.10 -30.36
C TYR C 51 12.75 -28.33 -29.76
N VAL C 52 12.53 -27.69 -28.62
CA VAL C 52 13.54 -26.80 -28.06
C VAL C 52 14.39 -27.58 -27.05
N VAL C 53 15.70 -27.58 -27.27
CA VAL C 53 16.64 -28.21 -26.36
C VAL C 53 17.39 -27.08 -25.66
N ALA C 54 17.08 -26.86 -24.38
CA ALA C 54 17.90 -25.96 -23.58
C ALA C 54 19.11 -26.73 -23.09
N VAL C 55 20.31 -26.18 -23.30
CA VAL C 55 21.53 -26.93 -22.96
C VAL C 55 21.70 -27.02 -21.45
N THR C 56 21.80 -25.89 -20.76
CA THR C 56 22.03 -25.85 -19.33
C THR C 56 20.73 -25.52 -18.59
N ASP C 57 20.73 -25.70 -17.26
CA ASP C 57 19.58 -25.27 -16.47
C ASP C 57 19.32 -23.79 -16.65
N ASP C 58 20.40 -23.01 -16.73
CA ASP C 58 20.36 -21.59 -17.03
C ASP C 58 19.59 -21.32 -18.32
N ASP C 59 19.92 -22.07 -19.38
CA ASP C 59 19.23 -21.91 -20.65
C ASP C 59 17.74 -22.17 -20.51
N LEU C 60 17.36 -23.18 -19.74
CA LEU C 60 15.94 -23.49 -19.57
C LEU C 60 15.21 -22.35 -18.87
N THR C 61 15.77 -21.89 -17.76
CA THR C 61 15.19 -20.75 -17.05
C THR C 61 15.01 -19.57 -18.00
N ASP C 62 16.05 -19.28 -18.79
CA ASP C 62 15.91 -18.26 -19.80
C ASP C 62 14.75 -18.57 -20.75
N PHE C 63 14.74 -19.78 -21.33
CA PHE C 63 13.72 -20.10 -22.32
C PHE C 63 12.33 -20.03 -21.71
N LEU C 64 12.17 -20.54 -20.49
CA LEU C 64 10.84 -20.55 -19.90
C LEU C 64 10.39 -19.17 -19.48
N SER C 65 11.31 -18.23 -19.31
CA SER C 65 10.96 -16.83 -19.08
C SER C 65 10.63 -16.08 -20.37
N ASP C 66 10.82 -16.70 -21.54
CA ASP C 66 10.57 -16.05 -22.81
C ASP C 66 9.15 -16.37 -23.28
N GLU C 67 8.49 -15.38 -23.88
CA GLU C 67 7.13 -15.67 -24.29
C GLU C 67 7.09 -16.71 -25.41
N GLN C 68 8.22 -16.97 -26.07
CA GLN C 68 8.23 -18.00 -27.10
C GLN C 68 7.93 -19.38 -26.50
N SER C 69 8.20 -19.57 -25.21
CA SER C 69 8.01 -20.87 -24.57
C SER C 69 6.56 -21.15 -24.21
N LYS C 70 5.69 -20.14 -24.26
CA LYS C 70 4.38 -20.26 -23.62
C LYS C 70 3.60 -21.48 -24.10
N SER C 71 3.80 -21.89 -25.34
CA SER C 71 3.06 -23.03 -25.88
C SER C 71 3.82 -24.35 -25.81
N PHE C 72 5.06 -24.35 -25.30
CA PHE C 72 5.87 -25.57 -25.23
C PHE C 72 5.58 -26.36 -23.96
N GLN C 73 5.36 -27.67 -24.13
CA GLN C 73 5.07 -28.58 -23.03
C GLN C 73 6.32 -29.38 -22.68
N TYR C 74 6.58 -29.52 -21.38
CA TYR C 74 7.75 -30.24 -20.90
C TYR C 74 7.82 -31.66 -21.46
N ALA C 75 9.05 -32.05 -21.87
CA ALA C 75 9.38 -33.34 -22.47
C ALA C 75 8.75 -33.53 -23.85
N ASN C 76 7.47 -33.21 -23.99
CA ASN C 76 6.80 -33.34 -25.29
C ASN C 76 7.41 -32.39 -26.31
N ASP C 77 7.76 -31.17 -25.90
CA ASP C 77 8.34 -30.21 -26.83
C ASP C 77 9.66 -29.60 -26.40
N TYR C 78 10.11 -29.78 -25.14
CA TYR C 78 11.38 -29.20 -24.73
C TYR C 78 11.99 -30.04 -23.62
N LEU C 79 13.31 -29.95 -23.50
CA LEU C 79 14.07 -30.68 -22.51
C LEU C 79 15.36 -29.93 -22.27
N THR C 80 15.94 -30.13 -21.10
CA THR C 80 17.26 -29.63 -20.80
C THR C 80 18.27 -30.72 -21.12
N PHE C 81 19.34 -30.36 -21.84
CA PHE C 81 20.30 -31.38 -22.25
C PHE C 81 21.18 -31.84 -21.10
N ASP C 82 21.71 -30.90 -20.29
CA ASP C 82 22.60 -31.22 -19.18
C ASP C 82 21.88 -31.68 -17.93
N ASP C 83 20.86 -32.54 -18.02
CA ASP C 83 20.20 -33.05 -16.82
C ASP C 83 19.95 -34.55 -17.00
N GLU C 84 21.03 -35.30 -17.10
CA GLU C 84 20.96 -36.73 -17.34
C GLU C 84 20.15 -37.45 -16.27
N GLY C 85 20.18 -36.97 -15.02
CA GLY C 85 19.39 -37.53 -13.94
C GLY C 85 17.96 -37.03 -13.81
N GLY C 86 17.53 -36.14 -14.71
CA GLY C 86 16.21 -35.56 -14.59
C GLY C 86 15.11 -36.60 -14.78
N GLU C 87 14.02 -36.43 -14.04
CA GLU C 87 12.91 -37.35 -14.17
C GLU C 87 12.22 -37.18 -15.52
N LEU C 88 11.54 -38.23 -15.95
CA LEU C 88 10.76 -38.23 -17.18
C LEU C 88 9.42 -38.88 -16.88
N PRO C 89 8.40 -38.61 -17.70
CA PRO C 89 7.11 -39.31 -17.54
C PRO C 89 7.13 -40.76 -18.01
N PHE C 90 8.18 -41.19 -18.68
CA PHE C 90 8.27 -42.57 -19.14
C PHE C 90 9.57 -43.17 -18.64
N GLU C 91 9.64 -44.50 -18.67
CA GLU C 91 10.85 -45.20 -18.28
C GLU C 91 11.93 -44.97 -19.32
N ARG C 92 13.17 -44.79 -18.85
CA ARG C 92 14.30 -44.46 -19.71
C ARG C 92 15.53 -45.28 -19.28
N MET C 93 16.61 -45.08 -20.03
CA MET C 93 17.91 -45.69 -19.73
C MET C 93 18.88 -44.57 -19.36
N CYS C 94 19.62 -44.76 -18.29
CA CYS C 94 20.73 -43.87 -17.95
C CYS C 94 21.98 -44.72 -18.07
N PHE C 95 22.73 -44.53 -19.15
CA PHE C 95 23.87 -45.40 -19.48
C PHE C 95 23.45 -46.86 -19.47
N ASN C 96 22.34 -47.16 -20.12
CA ASN C 96 21.78 -48.51 -20.22
C ASN C 96 21.35 -49.08 -18.87
N VAL C 97 21.09 -48.23 -17.88
CA VAL C 97 20.48 -48.63 -16.61
C VAL C 97 19.01 -48.20 -16.65
N PRO C 98 18.05 -49.12 -16.51
CA PRO C 98 16.65 -48.70 -16.59
C PRO C 98 16.29 -47.79 -15.42
N VAL C 99 15.51 -46.76 -15.70
CA VAL C 99 15.10 -45.80 -14.68
C VAL C 99 13.61 -45.56 -14.82
N GLY C 100 12.87 -45.73 -13.71
CA GLY C 100 11.42 -45.67 -13.76
C GLY C 100 10.89 -44.25 -13.97
N ARG C 101 9.58 -44.15 -14.16
CA ARG C 101 8.97 -42.84 -14.32
C ARG C 101 9.12 -42.00 -13.06
N GLN C 102 9.20 -40.68 -13.24
CA GLN C 102 9.20 -39.69 -12.16
C GLN C 102 10.28 -39.98 -11.13
N THR C 103 11.36 -40.60 -11.58
CA THR C 103 12.52 -40.85 -10.74
C THR C 103 13.62 -39.89 -11.13
N TYR C 104 14.26 -39.26 -10.14
CA TYR C 104 15.32 -38.31 -10.44
C TYR C 104 16.50 -38.51 -9.52
N PHE C 105 17.65 -37.97 -9.94
CA PHE C 105 18.89 -38.10 -9.19
C PHE C 105 19.92 -37.17 -9.83
N GLY C 106 21.10 -37.08 -9.20
CA GLY C 106 22.13 -36.15 -9.60
C GLY C 106 23.33 -36.84 -10.24
N ASP C 107 24.36 -36.03 -10.49
CA ASP C 107 25.40 -36.46 -11.40
C ASP C 107 26.26 -37.56 -10.80
N GLY C 108 26.39 -37.62 -9.48
CA GLY C 108 27.16 -38.71 -8.88
C GLY C 108 26.53 -40.06 -9.16
N VAL C 109 25.19 -40.10 -9.18
CA VAL C 109 24.48 -41.34 -9.44
C VAL C 109 24.43 -41.61 -10.94
N VAL C 110 24.31 -40.57 -11.77
CA VAL C 110 24.56 -40.74 -13.20
C VAL C 110 25.91 -41.41 -13.38
N GLY C 111 26.92 -40.93 -12.64
CA GLY C 111 28.25 -41.51 -12.75
C GLY C 111 28.29 -42.98 -12.31
N ALA C 112 27.56 -43.31 -11.24
CA ALA C 112 27.51 -44.69 -10.81
C ALA C 112 26.92 -45.58 -11.90
N CYS C 113 25.89 -45.08 -12.61
CA CYS C 113 25.34 -45.87 -13.72
C CYS C 113 26.39 -46.08 -14.80
N GLU C 114 27.08 -45.02 -15.17
CA GLU C 114 28.17 -45.12 -16.14
C GLU C 114 29.24 -46.10 -15.68
N ASN C 115 29.57 -46.10 -14.39
CA ASN C 115 30.57 -47.03 -13.87
C ASN C 115 30.07 -48.46 -13.85
N GLY C 116 28.80 -48.70 -14.13
CA GLY C 116 28.29 -50.06 -14.05
C GLY C 116 28.00 -50.52 -12.65
N TYR C 117 27.86 -49.60 -11.69
CA TYR C 117 27.56 -49.97 -10.32
C TYR C 117 26.09 -50.29 -10.10
N ILE C 118 25.22 -49.94 -11.03
CA ILE C 118 23.79 -49.94 -10.77
C ILE C 118 23.08 -50.78 -11.81
N LYS C 119 22.24 -51.70 -11.34
CA LYS C 119 21.49 -52.58 -12.24
C LYS C 119 20.24 -51.91 -12.76
N SER C 120 19.57 -51.11 -11.92
CA SER C 120 18.30 -50.44 -12.25
C SER C 120 17.89 -49.54 -11.08
N ILE C 121 17.07 -48.54 -11.42
CA ILE C 121 16.46 -47.62 -10.46
C ILE C 121 14.96 -47.64 -10.71
N GLY C 122 14.17 -47.75 -9.64
CA GLY C 122 12.74 -47.98 -9.75
C GLY C 122 11.94 -46.72 -10.10
N GLN C 123 10.62 -46.86 -9.98
CA GLN C 123 9.69 -45.79 -10.30
C GLN C 123 9.40 -44.93 -9.09
N PHE C 124 9.17 -43.63 -9.33
CA PHE C 124 8.82 -42.69 -8.28
C PHE C 124 9.84 -42.66 -7.15
N THR C 125 11.12 -42.64 -7.54
CA THR C 125 12.22 -42.65 -6.61
C THR C 125 12.93 -41.31 -6.65
N SER C 126 13.29 -40.79 -5.49
CA SER C 126 13.80 -39.43 -5.33
C SER C 126 15.15 -39.49 -4.64
N ILE C 127 16.19 -38.96 -5.28
CA ILE C 127 17.54 -39.08 -4.76
C ILE C 127 18.20 -37.71 -4.80
N ASN C 128 18.64 -37.24 -3.65
CA ASN C 128 19.29 -35.94 -3.59
C ASN C 128 20.53 -35.94 -4.48
N GLY C 129 20.78 -34.80 -5.14
CA GLY C 129 21.89 -34.72 -6.09
C GLY C 129 23.25 -34.88 -5.48
N THR C 130 23.38 -34.76 -4.16
CA THR C 130 24.68 -34.92 -3.52
C THR C 130 24.95 -36.38 -3.14
N ALA C 131 24.02 -37.29 -3.41
CA ALA C 131 24.28 -38.68 -3.06
C ALA C 131 25.46 -39.18 -3.87
N GLU C 132 26.26 -40.07 -3.25
CA GLU C 132 27.40 -40.68 -3.90
C GLU C 132 27.32 -42.19 -3.78
N ILE C 133 27.68 -42.88 -4.85
CA ILE C 133 27.74 -44.33 -4.91
C ILE C 133 29.04 -44.71 -5.61
N HIS C 134 29.99 -45.24 -4.85
CA HIS C 134 31.28 -45.66 -5.38
CA HIS C 134 31.24 -45.70 -5.43
C HIS C 134 31.67 -46.97 -4.72
N ALA C 135 32.60 -47.68 -5.34
CA ALA C 135 33.01 -48.95 -4.77
C ALA C 135 34.24 -48.77 -3.90
N ASN C 136 34.68 -49.88 -3.31
CA ASN C 136 35.98 -49.93 -2.66
C ASN C 136 37.03 -50.36 -3.67
N HIS C 137 38.23 -49.84 -3.47
CA HIS C 137 39.40 -50.40 -4.10
C HIS C 137 39.79 -51.70 -3.41
N GLN C 138 40.79 -52.38 -3.97
CA GLN C 138 41.30 -53.59 -3.35
C GLN C 138 41.86 -53.27 -1.97
N LEU C 139 41.53 -54.13 -1.01
CA LEU C 139 42.00 -53.98 0.35
C LEU C 139 42.92 -55.12 0.75
N ASN C 140 43.32 -55.95 -0.21
CA ASN C 140 44.11 -57.13 0.10
C ASN C 140 45.44 -57.14 -0.62
N MET C 141 45.89 -56.01 -1.16
CA MET C 141 47.25 -56.01 -1.68
C MET C 141 48.07 -54.94 -0.97
N THR C 142 49.32 -54.80 -1.42
CA THR C 142 50.18 -53.86 -0.73
C THR C 142 49.72 -52.43 -0.96
N PHE C 143 49.06 -52.18 -2.08
CA PHE C 143 48.66 -50.84 -2.45
C PHE C 143 47.14 -50.78 -2.53
N VAL C 144 46.61 -49.58 -2.30
CA VAL C 144 45.19 -49.33 -2.43
C VAL C 144 44.88 -48.50 -3.66
N SER C 145 45.90 -47.97 -4.35
CA SER C 145 45.69 -47.13 -5.51
C SER C 145 45.03 -47.89 -6.65
N ASP C 146 44.19 -47.20 -7.42
CA ASP C 146 43.77 -47.77 -8.69
C ASP C 146 44.59 -47.24 -9.86
N ASP C 147 44.82 -45.94 -9.92
CA ASP C 147 45.50 -45.38 -11.08
C ASP C 147 46.97 -45.81 -11.19
N ILE C 148 47.54 -46.46 -10.17
CA ILE C 148 48.83 -47.10 -10.35
C ILE C 148 48.81 -48.01 -11.59
N GLN C 149 47.65 -48.60 -11.89
CA GLN C 149 47.56 -49.53 -12.99
C GLN C 149 47.86 -48.88 -14.34
N ASN C 150 47.77 -47.55 -14.45
CA ASN C 150 48.21 -46.90 -15.68
C ASN C 150 49.69 -47.14 -15.96
N PHE C 151 50.46 -47.59 -14.96
CA PHE C 151 51.86 -47.94 -15.17
C PHE C 151 52.08 -49.43 -15.42
N PHE C 152 51.06 -50.25 -15.23
CA PHE C 152 51.22 -51.69 -15.39
C PHE C 152 51.35 -52.05 -16.87
N ASN C 153 52.35 -52.85 -17.21
CA ASN C 153 52.40 -53.49 -18.54
C ASN C 153 51.35 -54.61 -18.59
N GLU C 154 51.34 -55.37 -19.68
CA GLU C 154 50.30 -56.37 -19.89
C GLU C 154 50.35 -57.46 -18.83
N GLU C 155 51.54 -57.97 -18.56
CA GLU C 155 51.65 -59.05 -17.58
C GLU C 155 51.36 -58.56 -16.18
N SER C 156 51.82 -57.35 -15.83
CA SER C 156 51.48 -56.79 -14.53
C SER C 156 49.98 -56.54 -14.43
N MET C 157 49.39 -55.99 -15.48
CA MET C 157 47.96 -55.75 -15.45
C MET C 157 47.20 -57.06 -15.35
N ALA C 158 47.70 -58.11 -16.01
CA ALA C 158 47.03 -59.40 -16.00
C ALA C 158 47.05 -60.05 -14.62
N VAL C 159 48.15 -59.92 -13.87
CA VAL C 159 48.17 -60.46 -12.52
C VAL C 159 47.33 -59.59 -11.59
N PHE C 160 47.30 -58.27 -11.83
CA PHE C 160 46.41 -57.39 -11.08
C PHE C 160 44.96 -57.79 -11.26
N GLN C 161 44.53 -57.94 -12.52
CA GLN C 161 43.13 -58.23 -12.81
C GLN C 161 42.71 -59.60 -12.28
N GLU C 162 43.62 -60.58 -12.37
CA GLU C 162 43.30 -61.93 -11.92
C GLU C 162 43.02 -61.97 -10.41
N LYS C 163 43.81 -61.24 -9.62
CA LYS C 163 43.54 -61.24 -8.19
C LYS C 163 42.26 -60.45 -7.88
N LEU C 164 42.07 -59.30 -8.53
CA LEU C 164 40.83 -58.55 -8.33
C LEU C 164 39.60 -59.43 -8.58
N ARG C 165 39.63 -60.24 -9.63
CA ARG C 165 38.46 -61.01 -10.03
C ARG C 165 38.13 -62.12 -9.03
N LYS C 166 39.10 -62.58 -8.25
CA LYS C 166 38.88 -63.61 -7.25
C LYS C 166 38.47 -63.06 -5.90
N ASP C 167 38.49 -61.74 -5.75
CA ASP C 167 38.36 -61.12 -4.45
C ASP C 167 36.91 -61.19 -3.99
N PRO C 168 36.62 -61.88 -2.89
CA PRO C 168 35.22 -62.02 -2.43
C PRO C 168 34.61 -60.72 -1.96
N LYS C 169 35.40 -59.68 -1.71
CA LYS C 169 34.83 -58.45 -1.24
C LYS C 169 34.54 -57.46 -2.36
N HIS C 170 34.61 -57.89 -3.59
CA HIS C 170 34.15 -57.11 -4.73
C HIS C 170 34.83 -55.75 -4.83
N PRO C 171 36.14 -55.68 -5.00
CA PRO C 171 36.76 -54.39 -5.35
C PRO C 171 36.24 -53.92 -6.69
N TYR C 172 36.02 -52.60 -6.80
CA TYR C 172 35.49 -52.00 -8.01
C TYR C 172 34.21 -52.71 -8.46
N ALA C 173 33.47 -53.30 -7.51
CA ALA C 173 32.17 -53.95 -7.76
C ALA C 173 32.30 -55.18 -8.64
N TYR C 174 33.52 -55.72 -8.74
CA TYR C 174 33.79 -56.96 -9.45
C TYR C 174 33.07 -58.12 -8.77
N SER C 175 32.73 -59.15 -9.55
CA SER C 175 32.21 -60.44 -9.08
C SER C 175 30.90 -60.34 -8.33
N LYS C 176 30.21 -59.21 -8.36
CA LYS C 176 28.90 -59.10 -7.71
C LYS C 176 27.89 -58.52 -8.70
N GLU C 177 26.61 -58.63 -8.31
CA GLU C 177 25.57 -57.98 -9.09
C GLU C 177 25.62 -56.48 -8.86
N PRO C 178 25.48 -55.68 -9.91
CA PRO C 178 25.22 -54.24 -9.71
C PRO C 178 23.95 -54.06 -8.89
N MET C 179 23.90 -52.97 -8.15
CA MET C 179 22.84 -52.86 -7.16
C MET C 179 21.54 -52.41 -7.82
N THR C 180 20.41 -52.96 -7.35
CA THR C 180 19.10 -52.43 -7.68
C THR C 180 18.67 -51.40 -6.64
N ILE C 181 18.07 -50.32 -7.11
CA ILE C 181 17.43 -49.34 -6.26
C ILE C 181 15.94 -49.41 -6.58
N GLY C 182 15.12 -49.62 -5.55
CA GLY C 182 13.72 -49.93 -5.76
C GLY C 182 12.92 -48.70 -6.14
N SER C 183 11.60 -48.91 -6.21
CA SER C 183 10.64 -47.86 -6.46
C SER C 183 10.20 -47.22 -5.14
N ASP C 184 9.68 -45.99 -5.25
CA ASP C 184 9.22 -45.22 -4.08
C ASP C 184 10.31 -45.13 -3.02
N VAL C 185 11.54 -44.98 -3.46
CA VAL C 185 12.69 -44.86 -2.57
C VAL C 185 13.00 -43.38 -2.38
N TYR C 186 13.49 -43.03 -1.20
CA TYR C 186 13.83 -41.65 -0.88
C TYR C 186 15.23 -41.60 -0.29
N ILE C 187 16.13 -40.84 -0.90
CA ILE C 187 17.51 -40.73 -0.47
C ILE C 187 17.87 -39.28 -0.22
N GLY C 188 18.35 -38.98 0.99
CA GLY C 188 18.61 -37.60 1.39
C GLY C 188 20.00 -37.10 1.02
N ALA C 189 20.28 -35.87 1.43
CA ALA C 189 21.51 -35.20 1.10
C ALA C 189 22.73 -35.88 1.77
N HIS C 190 23.87 -35.82 1.08
CA HIS C 190 25.16 -36.30 1.57
C HIS C 190 25.13 -37.77 1.98
N ALA C 191 24.19 -38.53 1.46
CA ALA C 191 24.15 -39.96 1.70
C ALA C 191 25.12 -40.67 0.77
N PHE C 192 25.60 -41.82 1.23
CA PHE C 192 26.59 -42.60 0.50
C PHE C 192 26.19 -44.07 0.52
N ILE C 193 26.30 -44.74 -0.62
CA ILE C 193 26.03 -46.17 -0.71
C ILE C 193 27.27 -46.83 -1.26
N ASN C 194 27.69 -47.92 -0.63
CA ASN C 194 28.93 -48.59 -1.00
C ASN C 194 28.62 -49.66 -2.03
N ALA C 195 29.09 -49.43 -3.26
CA ALA C 195 28.83 -50.36 -4.36
C ALA C 195 29.58 -51.66 -4.22
N SER C 196 30.63 -51.73 -3.39
CA SER C 196 31.29 -53.02 -3.24
C SER C 196 30.48 -53.96 -2.35
N THR C 197 29.65 -53.41 -1.45
CA THR C 197 29.01 -54.22 -0.43
C THR C 197 27.49 -54.16 -0.46
N VAL C 198 26.88 -53.35 -1.33
CA VAL C 198 25.43 -53.23 -1.42
C VAL C 198 24.98 -53.80 -2.76
N THR C 199 24.00 -54.71 -2.74
CA THR C 199 23.35 -55.14 -3.97
C THR C 199 21.89 -54.71 -4.09
N SER C 200 21.26 -54.21 -3.03
CA SER C 200 19.87 -53.78 -3.17
C SER C 200 19.49 -52.73 -2.13
N ILE C 201 18.84 -51.68 -2.61
CA ILE C 201 18.05 -50.78 -1.80
C ILE C 201 16.60 -51.16 -2.07
N GLY C 202 15.92 -51.73 -1.07
CA GLY C 202 14.57 -52.23 -1.28
C GLY C 202 13.60 -51.14 -1.69
N ASP C 203 12.54 -51.57 -2.37
CA ASP C 203 11.40 -50.69 -2.64
C ASP C 203 10.95 -49.97 -1.37
N GLY C 204 10.67 -48.68 -1.49
CA GLY C 204 10.14 -47.95 -0.37
C GLY C 204 11.14 -47.55 0.70
N ALA C 205 12.42 -47.91 0.54
CA ALA C 205 13.41 -47.57 1.55
C ALA C 205 13.62 -46.06 1.64
N ILE C 206 13.92 -45.59 2.84
CA ILE C 206 14.29 -44.20 3.07
C ILE C 206 15.70 -44.16 3.64
N ILE C 207 16.62 -43.53 2.93
CA ILE C 207 17.98 -43.35 3.40
C ILE C 207 18.11 -41.91 3.87
N GLY C 208 18.38 -41.72 5.14
CA GLY C 208 18.36 -40.39 5.69
C GLY C 208 19.60 -39.59 5.32
N SER C 209 19.43 -38.28 5.39
CA SER C 209 20.50 -37.32 5.17
C SER C 209 21.75 -37.74 5.94
N GLY C 210 22.89 -37.72 5.24
CA GLY C 210 24.17 -38.01 5.88
C GLY C 210 24.46 -39.48 6.10
N ALA C 211 23.60 -40.38 5.63
CA ALA C 211 23.75 -41.79 5.95
C ALA C 211 24.87 -42.42 5.13
N VAL C 212 25.60 -43.33 5.77
CA VAL C 212 26.64 -44.10 5.11
C VAL C 212 26.16 -45.54 5.07
N VAL C 213 25.75 -45.99 3.88
CA VAL C 213 25.07 -47.26 3.68
C VAL C 213 26.09 -48.30 3.22
N LEU C 214 26.34 -49.28 4.08
CA LEU C 214 27.34 -50.30 3.85
C LEU C 214 26.76 -51.70 3.67
N GLU C 215 25.44 -51.85 3.80
CA GLU C 215 24.83 -53.13 3.49
C GLU C 215 23.44 -52.90 2.93
N ASN C 216 22.84 -54.00 2.49
CA ASN C 216 21.54 -53.92 1.83
C ASN C 216 20.51 -53.27 2.74
N VAL C 217 19.63 -52.48 2.15
CA VAL C 217 18.56 -51.83 2.88
C VAL C 217 17.26 -52.56 2.55
N PRO C 218 16.63 -53.22 3.52
CA PRO C 218 15.39 -53.97 3.23
C PRO C 218 14.27 -53.07 2.76
N PRO C 219 13.28 -53.61 2.07
CA PRO C 219 12.16 -52.81 1.60
C PRO C 219 11.51 -52.04 2.75
N PHE C 220 11.29 -50.75 2.52
CA PHE C 220 10.55 -49.86 3.43
C PHE C 220 11.28 -49.64 4.76
N ALA C 221 12.55 -50.01 4.85
CA ALA C 221 13.37 -49.68 6.00
C ALA C 221 13.73 -48.20 5.99
N VAL C 222 13.83 -47.62 7.19
CA VAL C 222 14.26 -46.24 7.35
C VAL C 222 15.61 -46.27 8.07
N VAL C 223 16.70 -46.07 7.32
CA VAL C 223 18.04 -46.12 7.88
C VAL C 223 18.62 -44.72 7.97
N VAL C 224 19.33 -44.48 9.07
CA VAL C 224 20.06 -43.23 9.28
C VAL C 224 21.37 -43.60 9.94
N GLY C 225 22.31 -42.69 9.88
CA GLY C 225 23.49 -42.78 10.71
C GLY C 225 24.74 -43.14 9.92
N VAL C 226 25.87 -42.89 10.56
CA VAL C 226 27.18 -43.31 10.06
C VAL C 226 27.70 -44.38 11.01
N PRO C 227 27.74 -45.66 10.60
CA PRO C 227 27.09 -46.21 9.40
C PRO C 227 25.58 -46.35 9.61
N ALA C 228 24.84 -46.57 8.53
CA ALA C 228 23.38 -46.58 8.57
C ALA C 228 22.83 -47.73 9.41
N ARG C 229 21.73 -47.46 10.13
CA ARG C 229 21.04 -48.48 10.89
C ARG C 229 19.54 -48.34 10.70
N ILE C 230 18.83 -49.46 10.80
CA ILE C 230 17.38 -49.45 10.64
C ILE C 230 16.75 -48.85 11.88
N LYS C 231 16.12 -47.69 11.71
CA LYS C 231 15.47 -46.99 12.79
C LYS C 231 14.01 -47.41 12.94
N ARG C 232 13.35 -47.71 11.83
CA ARG C 232 11.97 -48.17 11.82
C ARG C 232 11.67 -48.59 10.40
N TYR C 233 10.50 -49.19 10.21
CA TYR C 233 9.98 -49.48 8.88
C TYR C 233 8.78 -48.57 8.61
N ARG C 234 8.58 -48.23 7.33
CA ARG C 234 7.48 -47.34 6.98
C ARG C 234 6.12 -47.98 7.25
N PHE C 235 6.03 -49.30 7.15
CA PHE C 235 4.73 -49.97 7.19
C PHE C 235 4.85 -51.24 8.00
N SER C 236 3.70 -51.81 8.38
CA SER C 236 3.71 -53.09 9.08
C SER C 236 4.28 -54.19 8.19
N LYS C 237 4.65 -55.29 8.83
CA LYS C 237 5.04 -56.48 8.08
C LYS C 237 3.97 -56.85 7.04
N GLU C 238 2.71 -56.83 7.45
CA GLU C 238 1.63 -57.29 6.58
C GLU C 238 1.40 -56.34 5.42
N MET C 239 1.49 -55.03 5.69
CA MET C 239 1.32 -54.03 4.65
C MET C 239 2.44 -54.11 3.62
N ILE C 240 3.67 -54.32 4.09
CA ILE C 240 4.82 -54.43 3.20
C ILE C 240 4.62 -55.56 2.22
N GLU C 241 4.26 -56.73 2.76
CA GLU C 241 3.91 -57.89 1.93
C GLU C 241 2.89 -57.52 0.86
N THR C 242 1.91 -56.68 1.22
CA THR C 242 0.90 -56.28 0.25
C THR C 242 1.48 -55.33 -0.80
N LEU C 243 2.27 -54.34 -0.36
CA LEU C 243 2.87 -53.41 -1.30
C LEU C 243 3.75 -54.12 -2.32
N LEU C 244 4.51 -55.12 -1.87
CA LEU C 244 5.39 -55.85 -2.79
C LEU C 244 4.61 -56.72 -3.77
N ARG C 245 3.35 -57.05 -3.45
CA ARG C 245 2.52 -57.80 -4.39
C ARG C 245 1.80 -56.86 -5.37
N VAL C 246 1.19 -55.80 -4.82
CA VAL C 246 0.39 -54.88 -5.62
C VAL C 246 1.26 -54.12 -6.61
N LYS C 247 2.44 -53.66 -6.17
CA LYS C 247 3.34 -52.83 -6.96
C LYS C 247 2.60 -51.65 -7.59
N TRP C 248 2.07 -50.79 -6.72
CA TRP C 248 1.35 -49.63 -7.22
C TRP C 248 2.25 -48.77 -8.11
N TRP C 249 3.55 -48.82 -7.89
CA TRP C 249 4.47 -47.99 -8.66
C TRP C 249 4.56 -48.42 -10.13
N ASP C 250 3.99 -49.56 -10.49
CA ASP C 250 3.89 -49.98 -11.88
C ASP C 250 2.53 -49.68 -12.48
N TRP C 251 1.65 -49.05 -11.71
CA TRP C 251 0.32 -48.71 -12.21
C TRP C 251 0.40 -47.74 -13.39
N SER C 252 -0.65 -47.76 -14.20
CA SER C 252 -0.82 -46.75 -15.23
C SER C 252 -1.17 -45.42 -14.60
N ILE C 253 -1.02 -44.35 -15.38
CA ILE C 253 -1.44 -43.03 -14.92
C ILE C 253 -2.91 -43.05 -14.54
N GLU C 254 -3.74 -43.71 -15.35
CA GLU C 254 -5.16 -43.78 -15.03
C GLU C 254 -5.38 -44.54 -13.73
N GLU C 255 -4.68 -45.67 -13.57
CA GLU C 255 -4.83 -46.47 -12.35
C GLU C 255 -4.46 -45.66 -11.11
N ILE C 256 -3.46 -44.78 -11.24
CA ILE C 256 -3.01 -43.98 -10.10
C ILE C 256 -4.09 -42.97 -9.71
N ASN C 257 -4.72 -42.32 -10.68
CA ASN C 257 -5.78 -41.42 -10.30
C ASN C 257 -7.01 -42.17 -9.84
N GLU C 258 -7.28 -43.36 -10.40
CA GLU C 258 -8.38 -44.21 -9.94
C GLU C 258 -8.23 -44.54 -8.47
N ASN C 259 -7.06 -45.06 -8.08
CA ASN C 259 -6.83 -45.52 -6.73
C ASN C 259 -6.10 -44.49 -5.88
N VAL C 260 -6.26 -43.21 -6.21
CA VAL C 260 -5.50 -42.19 -5.49
C VAL C 260 -5.81 -42.26 -4.00
N ASP C 261 -7.06 -42.59 -3.64
CA ASP C 261 -7.44 -42.64 -2.24
C ASP C 261 -6.62 -43.69 -1.48
N ALA C 262 -6.43 -44.87 -2.07
CA ALA C 262 -5.56 -45.85 -1.45
C ALA C 262 -4.10 -45.41 -1.46
N LEU C 263 -3.73 -44.47 -2.34
CA LEU C 263 -2.35 -44.02 -2.38
C LEU C 263 -2.05 -43.02 -1.27
N ILE C 264 -3.03 -42.18 -0.91
CA ILE C 264 -2.81 -41.21 0.15
C ILE C 264 -3.07 -41.79 1.54
N SER C 265 -3.83 -42.87 1.65
CA SER C 265 -4.23 -43.43 2.94
C SER C 265 -3.78 -44.88 3.08
N PRO C 266 -2.67 -45.15 3.77
CA PRO C 266 -2.22 -46.55 3.94
C PRO C 266 -3.32 -47.47 4.48
N GLU C 267 -4.10 -46.99 5.45
CA GLU C 267 -5.22 -47.76 6.00
C GLU C 267 -6.16 -48.24 4.89
N LEU C 268 -6.47 -47.37 3.92
CA LEU C 268 -7.41 -47.74 2.88
C LEU C 268 -6.75 -48.62 1.84
N PHE C 269 -5.47 -48.37 1.54
CA PHE C 269 -4.68 -49.29 0.73
C PHE C 269 -4.79 -50.69 1.29
N MET C 270 -4.57 -50.81 2.60
CA MET C 270 -4.60 -52.13 3.21
C MET C 270 -5.99 -52.73 3.14
N LYS C 271 -7.04 -51.90 3.24
CA LYS C 271 -8.39 -52.43 3.14
C LYS C 271 -8.70 -52.87 1.71
N LYS C 272 -8.26 -52.10 0.72
CA LYS C 272 -8.59 -52.42 -0.67
C LYS C 272 -7.79 -53.61 -1.20
N TYR C 273 -6.57 -53.83 -0.70
CA TYR C 273 -5.64 -54.79 -1.29
C TYR C 273 -5.10 -55.82 -0.32
N GLY C 274 -5.42 -55.71 0.97
CA GLY C 274 -4.88 -56.58 2.00
C GLY C 274 -4.74 -58.05 1.66
N SER C 275 -5.81 -58.64 1.13
CA SER C 275 -5.74 -60.03 0.69
C SER C 275 -6.90 -60.39 -0.22
N GLY D 2 -7.03 22.55 -29.50
CA GLY D 2 -6.94 23.54 -28.43
C GLY D 2 -8.09 23.50 -27.45
N MET D 3 -7.98 22.61 -26.46
CA MET D 3 -9.00 22.45 -25.42
C MET D 3 -8.47 23.03 -24.11
N LYS D 4 -9.16 24.04 -23.58
CA LYS D 4 -8.61 24.90 -22.53
C LYS D 4 -8.91 24.38 -21.13
N THR D 5 -7.90 24.45 -20.27
CA THR D 5 -8.09 24.04 -18.90
C THR D 5 -9.06 24.99 -18.20
N ARG D 6 -9.52 24.56 -17.03
CA ARG D 6 -10.25 25.47 -16.15
C ARG D 6 -9.42 26.71 -15.86
N LEU D 7 -8.13 26.52 -15.52
CA LEU D 7 -7.31 27.66 -15.13
C LEU D 7 -7.18 28.67 -16.27
N GLU D 8 -6.98 28.18 -17.49
CA GLU D 8 -6.83 29.12 -18.61
C GLU D 8 -8.11 29.93 -18.82
N GLN D 9 -9.28 29.30 -18.66
CA GLN D 9 -10.52 30.05 -18.82
C GLN D 9 -10.67 31.12 -17.74
N VAL D 10 -10.27 30.83 -16.51
CA VAL D 10 -10.34 31.85 -15.47
C VAL D 10 -9.36 32.98 -15.75
N LEU D 11 -8.13 32.65 -16.14
CA LEU D 11 -7.14 33.69 -16.42
C LEU D 11 -7.60 34.57 -17.57
N GLU D 12 -8.16 33.97 -18.61
CA GLU D 12 -8.70 34.76 -19.71
C GLU D 12 -9.73 35.77 -19.20
N ARG D 13 -10.56 35.36 -18.23
CA ARG D 13 -11.62 36.24 -17.76
C ARG D 13 -11.11 37.23 -16.74
N TYR D 14 -10.25 36.79 -15.82
CA TYR D 14 -9.97 37.56 -14.62
C TYR D 14 -8.54 38.04 -14.46
N LEU D 15 -7.56 37.47 -15.18
CA LEU D 15 -6.16 37.83 -14.92
C LEU D 15 -5.96 39.33 -15.07
N ASN D 16 -6.51 39.91 -16.13
CA ASN D 16 -6.64 41.35 -16.26
C ASN D 16 -5.28 42.04 -16.22
N GLY D 17 -4.34 41.52 -17.01
CA GLY D 17 -3.04 42.16 -17.12
C GLY D 17 -2.10 41.94 -15.97
N ARG D 18 -2.47 41.09 -15.03
CA ARG D 18 -1.58 40.77 -13.92
C ARG D 18 -0.60 39.66 -14.32
N GLU D 19 0.31 39.37 -13.41
CA GLU D 19 1.25 38.26 -13.56
C GLU D 19 0.80 37.07 -12.71
N VAL D 20 0.99 35.88 -13.23
CA VAL D 20 0.66 34.70 -12.46
C VAL D 20 1.76 34.42 -11.45
N ALA D 21 1.39 34.25 -10.19
CA ALA D 21 2.29 33.86 -9.12
C ALA D 21 2.00 32.41 -8.77
N VAL D 22 2.91 31.52 -9.11
CA VAL D 22 2.65 30.09 -8.93
C VAL D 22 2.99 29.68 -7.52
N TRP D 23 1.97 29.27 -6.77
CA TRP D 23 2.13 28.82 -5.40
C TRP D 23 2.23 27.29 -5.46
N GLY D 24 3.44 26.77 -5.44
CA GLY D 24 3.69 25.35 -5.49
C GLY D 24 4.62 24.96 -6.62
N VAL D 25 4.86 23.66 -6.73
CA VAL D 25 5.74 23.08 -7.73
C VAL D 25 5.08 23.07 -9.10
N PRO D 26 5.60 23.78 -10.10
CA PRO D 26 4.96 23.78 -11.41
C PRO D 26 5.16 22.43 -12.10
N THR D 27 4.07 21.89 -12.63
CA THR D 27 4.08 20.65 -13.40
C THR D 27 4.07 20.97 -14.89
N ARG D 28 4.28 19.94 -15.71
CA ARG D 28 4.27 20.18 -17.15
C ARG D 28 2.88 20.56 -17.63
N ARG D 29 1.83 19.90 -17.13
CA ARG D 29 0.48 20.32 -17.49
C ARG D 29 0.26 21.79 -17.19
N LEU D 30 0.87 22.30 -16.11
CA LEU D 30 0.68 23.69 -15.75
C LEU D 30 1.43 24.60 -16.72
N LEU D 31 2.69 24.27 -17.00
CA LEU D 31 3.47 25.13 -17.88
C LEU D 31 2.88 25.18 -19.29
N ARG D 32 2.33 24.05 -19.75
CA ARG D 32 1.61 24.06 -21.03
C ARG D 32 0.43 25.02 -20.99
N ALA D 33 -0.30 25.03 -19.86
CA ALA D 33 -1.43 25.92 -19.67
C ALA D 33 -1.01 27.37 -19.43
N LEU D 34 0.17 27.61 -18.87
CA LEU D 34 0.61 28.96 -18.60
C LEU D 34 1.33 29.60 -19.78
N LYS D 35 1.39 28.92 -20.93
CA LYS D 35 2.14 29.42 -22.08
C LYS D 35 1.79 30.85 -22.47
N PRO D 36 0.52 31.24 -22.63
CA PRO D 36 0.23 32.62 -23.08
C PRO D 36 0.33 33.69 -22.00
N PHE D 37 0.93 33.42 -20.84
CA PHE D 37 0.94 34.39 -19.75
C PHE D 37 2.32 34.53 -19.12
N LYS D 38 2.56 35.72 -18.55
CA LYS D 38 3.72 35.91 -17.69
C LYS D 38 3.45 35.26 -16.33
N PHE D 39 4.47 34.59 -15.80
CA PHE D 39 4.33 33.97 -14.49
C PHE D 39 5.70 33.85 -13.83
N HIS D 40 5.68 33.73 -12.52
CA HIS D 40 6.89 33.53 -11.74
C HIS D 40 6.53 32.64 -10.55
N THR D 41 7.58 32.27 -9.80
CA THR D 41 7.39 31.57 -8.54
C THR D 41 6.92 32.56 -7.48
N ALA D 42 5.83 32.23 -6.80
CA ALA D 42 5.27 33.09 -5.78
C ALA D 42 6.27 33.30 -4.64
N ASP D 43 6.49 34.56 -4.27
CA ASP D 43 7.21 34.90 -3.05
C ASP D 43 6.40 35.90 -2.23
N ARG D 44 6.57 37.19 -2.48
CA ARG D 44 5.64 38.18 -1.97
C ARG D 44 4.57 38.39 -3.03
N VAL D 45 3.30 38.38 -2.61
CA VAL D 45 2.21 38.53 -3.55
C VAL D 45 1.29 39.65 -3.09
N ASP D 46 0.67 40.27 -4.06
CA ASP D 46 -0.24 41.38 -3.85
C ASP D 46 -1.23 41.34 -4.99
N PRO D 47 -2.54 41.20 -4.70
CA PRO D 47 -3.51 40.96 -5.77
C PRO D 47 -3.66 42.11 -6.75
N GLN D 48 -2.98 43.23 -6.49
CA GLN D 48 -2.95 44.32 -7.46
C GLN D 48 -2.12 43.97 -8.67
N TYR D 49 -1.02 43.24 -8.48
CA TYR D 49 -0.16 42.83 -9.57
C TYR D 49 -0.12 41.34 -9.82
N HIS D 50 -0.74 40.53 -8.97
CA HIS D 50 -0.52 39.10 -9.00
C HIS D 50 -1.84 38.36 -8.96
N TYR D 51 -1.93 37.32 -9.79
CA TYR D 51 -2.92 36.27 -9.69
C TYR D 51 -2.18 35.03 -9.22
N VAL D 52 -2.65 34.44 -8.13
CA VAL D 52 -1.96 33.32 -7.49
C VAL D 52 -2.59 32.02 -7.96
N VAL D 53 -1.75 31.11 -8.44
CA VAL D 53 -2.20 29.79 -8.85
C VAL D 53 -1.54 28.80 -7.90
N ALA D 54 -2.33 28.28 -6.96
CA ALA D 54 -1.87 27.12 -6.22
C ALA D 54 -1.97 25.91 -7.13
N VAL D 55 -0.93 25.08 -7.16
CA VAL D 55 -0.95 23.96 -8.08
C VAL D 55 -1.85 22.84 -7.54
N THR D 56 -1.60 22.38 -6.32
CA THR D 56 -2.41 21.32 -5.73
C THR D 56 -3.37 21.87 -4.68
N ASP D 57 -4.25 20.98 -4.21
CA ASP D 57 -5.13 21.33 -3.10
C ASP D 57 -4.34 21.70 -1.86
N ASP D 58 -3.27 20.95 -1.58
CA ASP D 58 -2.44 21.28 -0.44
C ASP D 58 -1.74 22.63 -0.64
N ASP D 59 -1.38 22.97 -1.88
CA ASP D 59 -0.82 24.29 -2.15
C ASP D 59 -1.80 25.38 -1.79
N LEU D 60 -3.08 25.21 -2.14
CA LEU D 60 -4.10 26.20 -1.81
C LEU D 60 -4.31 26.29 -0.30
N THR D 61 -4.37 25.14 0.37
CA THR D 61 -4.45 25.14 1.82
C THR D 61 -3.31 25.93 2.42
N ASP D 62 -2.10 25.74 1.90
CA ASP D 62 -0.96 26.49 2.40
C ASP D 62 -1.12 27.98 2.13
N PHE D 63 -1.38 28.34 0.87
CA PHE D 63 -1.55 29.73 0.51
C PHE D 63 -2.60 30.41 1.38
N LEU D 64 -3.75 29.76 1.56
CA LEU D 64 -4.83 30.38 2.32
C LEU D 64 -4.54 30.41 3.80
N SER D 65 -3.60 29.61 4.27
CA SER D 65 -3.11 29.74 5.63
C SER D 65 -2.12 30.89 5.77
N ASP D 66 -1.62 31.40 4.65
CA ASP D 66 -0.58 32.44 4.65
C ASP D 66 -1.22 33.81 4.72
N GLU D 67 -0.62 34.70 5.51
CA GLU D 67 -1.24 35.99 5.74
C GLU D 67 -1.33 36.83 4.47
N GLN D 68 -0.47 36.59 3.48
CA GLN D 68 -0.59 37.33 2.24
C GLN D 68 -1.89 37.04 1.49
N SER D 69 -2.61 35.98 1.85
CA SER D 69 -3.79 35.61 1.07
C SER D 69 -5.05 36.37 1.47
N LYS D 70 -5.06 37.03 2.63
CA LYS D 70 -6.32 37.56 3.18
C LYS D 70 -7.01 38.53 2.24
N SER D 71 -6.28 39.08 1.27
CA SER D 71 -6.79 40.06 0.34
C SER D 71 -7.17 39.47 -1.02
N PHE D 72 -7.03 38.16 -1.20
CA PHE D 72 -7.28 37.52 -2.49
C PHE D 72 -8.67 36.91 -2.50
N GLN D 73 -9.43 37.22 -3.56
CA GLN D 73 -10.76 36.65 -3.75
C GLN D 73 -10.67 35.41 -4.65
N TYR D 74 -11.46 34.40 -4.29
CA TYR D 74 -11.56 33.18 -5.07
C TYR D 74 -11.91 33.47 -6.51
N ALA D 75 -11.20 32.80 -7.43
CA ALA D 75 -11.41 32.89 -8.88
C ALA D 75 -11.04 34.26 -9.40
N ASN D 76 -11.52 35.33 -8.76
CA ASN D 76 -11.12 36.66 -9.17
C ASN D 76 -9.60 36.82 -9.12
N ASP D 77 -8.96 36.31 -8.08
CA ASP D 77 -7.51 36.49 -7.89
C ASP D 77 -6.73 35.21 -7.63
N TYR D 78 -7.38 34.07 -7.41
CA TYR D 78 -6.63 32.84 -7.19
C TYR D 78 -7.47 31.64 -7.60
N LEU D 79 -6.76 30.54 -7.83
CA LEU D 79 -7.34 29.31 -8.31
C LEU D 79 -6.36 28.18 -8.06
N THR D 80 -6.92 26.98 -7.87
CA THR D 80 -6.15 25.75 -7.88
C THR D 80 -6.11 25.17 -9.28
N PHE D 81 -4.91 24.90 -9.77
CA PHE D 81 -4.79 24.36 -11.13
C PHE D 81 -5.35 22.94 -11.21
N ASP D 82 -5.05 22.11 -10.21
CA ASP D 82 -5.41 20.69 -10.23
C ASP D 82 -6.79 20.44 -9.66
N ASP D 83 -7.78 21.19 -10.14
CA ASP D 83 -9.16 20.97 -9.73
C ASP D 83 -10.06 21.30 -10.93
N GLU D 84 -9.97 20.48 -11.98
CA GLU D 84 -10.71 20.78 -13.21
C GLU D 84 -12.21 20.80 -12.98
N GLY D 85 -12.69 20.07 -11.97
CA GLY D 85 -14.10 19.98 -11.63
C GLY D 85 -14.63 20.98 -10.63
N GLY D 86 -13.78 21.86 -10.10
CA GLY D 86 -14.24 22.83 -9.12
C GLY D 86 -15.23 23.83 -9.69
N GLU D 87 -16.10 24.36 -8.83
CA GLU D 87 -17.13 25.29 -9.28
C GLU D 87 -16.53 26.65 -9.61
N LEU D 88 -17.25 27.40 -10.43
CA LEU D 88 -16.85 28.74 -10.80
C LEU D 88 -18.08 29.65 -10.76
N PRO D 89 -17.87 30.96 -10.60
CA PRO D 89 -19.02 31.87 -10.60
C PRO D 89 -19.55 32.15 -11.99
N PHE D 90 -18.86 31.72 -13.04
CA PHE D 90 -19.35 31.92 -14.40
C PHE D 90 -19.40 30.57 -15.11
N GLU D 91 -20.13 30.54 -16.22
CA GLU D 91 -20.29 29.31 -16.96
C GLU D 91 -18.99 29.01 -17.71
N ARG D 92 -18.61 27.73 -17.70
CA ARG D 92 -17.29 27.33 -18.20
C ARG D 92 -17.41 26.08 -19.05
N MET D 93 -16.25 25.65 -19.57
CA MET D 93 -16.08 24.40 -20.32
C MET D 93 -15.18 23.44 -19.54
N CYS D 94 -15.55 22.17 -19.54
CA CYS D 94 -14.64 21.10 -19.11
C CYS D 94 -14.48 20.16 -20.29
N PHE D 95 -13.30 20.17 -20.91
CA PHE D 95 -13.06 19.42 -22.15
C PHE D 95 -14.15 19.70 -23.18
N ASN D 96 -14.42 20.99 -23.41
CA ASN D 96 -15.43 21.44 -24.37
C ASN D 96 -16.85 21.00 -23.98
N VAL D 97 -17.08 20.65 -22.73
CA VAL D 97 -18.41 20.35 -22.21
C VAL D 97 -18.83 21.55 -21.36
N PRO D 98 -19.95 22.22 -21.69
CA PRO D 98 -20.38 23.38 -20.90
C PRO D 98 -20.83 22.99 -19.50
N VAL D 99 -20.38 23.78 -18.51
CA VAL D 99 -20.70 23.57 -17.10
C VAL D 99 -21.27 24.87 -16.56
N GLY D 100 -22.42 24.78 -15.90
CA GLY D 100 -23.05 25.96 -15.34
C GLY D 100 -22.29 26.52 -14.15
N ARG D 101 -22.81 27.62 -13.61
CA ARG D 101 -22.19 28.26 -12.47
C ARG D 101 -22.42 27.47 -11.19
N GLN D 102 -21.43 27.53 -10.28
CA GLN D 102 -21.54 26.91 -8.97
C GLN D 102 -21.82 25.41 -9.05
N THR D 103 -21.36 24.77 -10.11
CA THR D 103 -21.45 23.34 -10.29
C THR D 103 -20.07 22.72 -10.09
N TYR D 104 -19.98 21.68 -9.27
CA TYR D 104 -18.70 21.05 -8.98
C TYR D 104 -18.80 19.53 -9.10
N PHE D 105 -17.66 18.89 -9.40
CA PHE D 105 -17.60 17.45 -9.52
C PHE D 105 -16.15 17.00 -9.44
N GLY D 106 -15.96 15.68 -9.43
CA GLY D 106 -14.65 15.08 -9.30
C GLY D 106 -14.06 14.57 -10.63
N ASP D 107 -12.88 13.96 -10.49
CA ASP D 107 -12.05 13.63 -11.66
C ASP D 107 -12.72 12.59 -12.54
N GLY D 108 -13.51 11.68 -11.96
CA GLY D 108 -14.23 10.72 -12.77
C GLY D 108 -15.17 11.39 -13.77
N VAL D 109 -15.89 12.43 -13.32
CA VAL D 109 -16.78 13.14 -14.23
C VAL D 109 -16.00 14.06 -15.16
N VAL D 110 -14.84 14.55 -14.73
CA VAL D 110 -13.91 15.20 -15.64
C VAL D 110 -13.53 14.23 -16.75
N GLY D 111 -13.18 13.01 -16.36
CA GLY D 111 -12.84 12.00 -17.34
C GLY D 111 -13.98 11.68 -18.27
N ALA D 112 -15.21 11.72 -17.75
CA ALA D 112 -16.36 11.49 -18.59
C ALA D 112 -16.51 12.62 -19.61
N CYS D 113 -16.24 13.86 -19.20
CA CYS D 113 -16.27 14.96 -20.15
C CYS D 113 -15.24 14.75 -21.23
N GLU D 114 -14.01 14.37 -20.84
CA GLU D 114 -12.95 14.14 -21.81
C GLU D 114 -13.30 12.96 -22.71
N ASN D 115 -13.96 11.93 -22.19
CA ASN D 115 -14.31 10.79 -23.03
C ASN D 115 -15.48 11.07 -23.97
N GLY D 116 -16.12 12.23 -23.85
CA GLY D 116 -17.23 12.56 -24.73
C GLY D 116 -18.57 12.03 -24.27
N TYR D 117 -18.68 11.60 -23.01
CA TYR D 117 -19.92 11.01 -22.55
C TYR D 117 -20.95 12.07 -22.15
N ILE D 118 -20.56 13.32 -22.05
CA ILE D 118 -21.44 14.32 -21.45
C ILE D 118 -21.63 15.48 -22.41
N LYS D 119 -22.88 15.80 -22.69
CA LYS D 119 -23.20 16.92 -23.56
C LYS D 119 -23.08 18.23 -22.80
N SER D 120 -23.55 18.26 -21.55
CA SER D 120 -23.55 19.50 -20.78
C SER D 120 -23.96 19.18 -19.34
N ILE D 121 -23.54 20.05 -18.43
CA ILE D 121 -23.83 19.93 -17.01
C ILE D 121 -24.40 21.27 -16.54
N GLY D 122 -25.51 21.20 -15.80
CA GLY D 122 -26.28 22.39 -15.49
C GLY D 122 -25.66 23.28 -14.43
N GLN D 123 -26.47 24.25 -14.03
CA GLN D 123 -26.10 25.23 -13.03
C GLN D 123 -26.45 24.72 -11.63
N PHE D 124 -25.62 25.09 -10.65
CA PHE D 124 -25.90 24.82 -9.23
C PHE D 124 -26.05 23.33 -8.98
N THR D 125 -25.24 22.55 -9.67
CA THR D 125 -25.28 21.09 -9.59
C THR D 125 -24.09 20.60 -8.76
N SER D 126 -24.35 19.61 -7.91
CA SER D 126 -23.42 19.19 -6.87
C SER D 126 -23.22 17.68 -6.96
N ILE D 127 -22.01 17.27 -7.35
CA ILE D 127 -21.74 15.89 -7.67
C ILE D 127 -20.56 15.43 -6.84
N ASN D 128 -20.82 14.47 -5.95
CA ASN D 128 -19.78 13.90 -5.11
C ASN D 128 -18.60 13.44 -5.97
N GLY D 129 -17.38 13.63 -5.45
CA GLY D 129 -16.19 13.37 -6.24
C GLY D 129 -15.98 11.91 -6.60
N THR D 130 -16.66 10.99 -5.93
CA THR D 130 -16.48 9.57 -6.25
C THR D 130 -17.39 9.10 -7.37
N ALA D 131 -18.25 9.96 -7.91
CA ALA D 131 -19.19 9.49 -8.93
C ALA D 131 -18.43 9.01 -10.17
N GLU D 132 -18.93 7.93 -10.77
CA GLU D 132 -18.35 7.38 -11.98
C GLU D 132 -19.39 7.39 -13.08
N ILE D 133 -18.95 7.69 -14.30
CA ILE D 133 -19.82 7.70 -15.46
C ILE D 133 -19.01 7.03 -16.57
N HIS D 134 -19.36 5.80 -16.91
CA HIS D 134 -18.68 5.05 -17.97
C HIS D 134 -19.76 4.40 -18.83
N ALA D 135 -19.38 4.06 -20.06
CA ALA D 135 -20.28 3.37 -20.96
C ALA D 135 -20.02 1.88 -20.89
N ASN D 136 -20.88 1.11 -21.55
CA ASN D 136 -20.68 -0.33 -21.68
C ASN D 136 -19.73 -0.62 -22.82
N HIS D 137 -18.98 -1.72 -22.69
CA HIS D 137 -18.28 -2.25 -23.85
C HIS D 137 -19.28 -3.02 -24.72
N GLN D 138 -18.85 -3.43 -25.91
CA GLN D 138 -19.71 -4.24 -26.76
C GLN D 138 -20.13 -5.49 -26.01
N LEU D 139 -21.41 -5.85 -26.14
CA LEU D 139 -21.98 -7.01 -25.46
C LEU D 139 -22.46 -8.06 -26.44
N ASN D 140 -22.24 -7.85 -27.73
CA ASN D 140 -22.75 -8.75 -28.77
C ASN D 140 -21.61 -9.42 -29.54
N MET D 141 -20.42 -9.41 -28.99
CA MET D 141 -19.24 -9.94 -29.67
C MET D 141 -18.69 -11.10 -28.86
N THR D 142 -17.79 -11.87 -29.44
CA THR D 142 -17.22 -12.97 -28.69
C THR D 142 -16.47 -12.46 -27.46
N PHE D 143 -15.95 -11.23 -27.54
CA PHE D 143 -15.10 -10.64 -26.52
C PHE D 143 -15.72 -9.36 -25.98
N VAL D 144 -15.40 -9.04 -24.74
CA VAL D 144 -15.84 -7.80 -24.11
C VAL D 144 -14.70 -6.80 -23.92
N SER D 145 -13.45 -7.22 -24.12
CA SER D 145 -12.31 -6.31 -23.97
C SER D 145 -12.44 -5.13 -24.91
N ASP D 146 -11.92 -3.98 -24.49
CA ASP D 146 -11.63 -2.88 -25.42
C ASP D 146 -10.17 -2.85 -25.86
N ASP D 147 -9.23 -3.03 -24.94
CA ASP D 147 -7.84 -2.81 -25.34
C ASP D 147 -7.32 -3.89 -26.28
N ILE D 148 -8.06 -4.98 -26.48
CA ILE D 148 -7.72 -5.93 -27.54
C ILE D 148 -7.56 -5.20 -28.86
N GLN D 149 -8.28 -4.08 -29.05
CA GLN D 149 -8.22 -3.40 -30.32
C GLN D 149 -6.84 -2.83 -30.57
N ASN D 150 -6.02 -2.63 -29.53
CA ASN D 150 -4.64 -2.22 -29.75
C ASN D 150 -3.88 -3.22 -30.60
N PHE D 151 -4.36 -4.45 -30.67
CA PHE D 151 -3.77 -5.51 -31.48
C PHE D 151 -4.42 -5.62 -32.86
N PHE D 152 -5.50 -4.89 -33.10
CA PHE D 152 -6.17 -4.96 -34.39
C PHE D 152 -5.36 -4.18 -35.42
N ASN D 153 -5.17 -4.76 -36.60
CA ASN D 153 -4.63 -3.94 -37.67
C ASN D 153 -5.76 -3.14 -38.31
N GLU D 154 -5.39 -2.27 -39.25
CA GLU D 154 -6.32 -1.27 -39.76
C GLU D 154 -7.58 -1.92 -40.33
N GLU D 155 -7.43 -3.10 -40.95
CA GLU D 155 -8.60 -3.78 -41.49
C GLU D 155 -9.42 -4.41 -40.37
N SER D 156 -8.76 -5.14 -39.47
CA SER D 156 -9.45 -5.66 -38.30
C SER D 156 -10.17 -4.55 -37.56
N MET D 157 -9.49 -3.41 -37.37
CA MET D 157 -10.09 -2.29 -36.64
C MET D 157 -11.32 -1.77 -37.36
N ALA D 158 -11.29 -1.76 -38.69
CA ALA D 158 -12.40 -1.23 -39.48
C ALA D 158 -13.67 -2.07 -39.35
N VAL D 159 -13.54 -3.40 -39.36
CA VAL D 159 -14.74 -4.20 -39.14
C VAL D 159 -15.20 -4.09 -37.69
N PHE D 160 -14.25 -3.97 -36.75
CA PHE D 160 -14.65 -3.79 -35.35
C PHE D 160 -15.45 -2.51 -35.19
N GLN D 161 -14.93 -1.40 -35.75
CA GLN D 161 -15.62 -0.12 -35.64
C GLN D 161 -16.98 -0.17 -36.34
N GLU D 162 -17.07 -0.87 -37.47
CA GLU D 162 -18.33 -0.84 -38.21
C GLU D 162 -19.43 -1.54 -37.43
N LYS D 163 -19.11 -2.66 -36.76
CA LYS D 163 -20.13 -3.29 -35.93
C LYS D 163 -20.53 -2.39 -34.78
N LEU D 164 -19.55 -1.73 -34.15
CA LEU D 164 -19.82 -0.83 -33.05
C LEU D 164 -20.76 0.30 -33.46
N ARG D 165 -20.55 0.85 -34.66
CA ARG D 165 -21.38 1.98 -35.08
C ARG D 165 -22.82 1.57 -35.33
N LYS D 166 -23.07 0.30 -35.65
CA LYS D 166 -24.41 -0.19 -35.92
C LYS D 166 -25.14 -0.66 -34.67
N ASP D 167 -24.44 -0.80 -33.54
CA ASP D 167 -25.00 -1.45 -32.36
C ASP D 167 -26.07 -0.58 -31.71
N PRO D 168 -27.33 -1.01 -31.66
CA PRO D 168 -28.37 -0.15 -31.07
C PRO D 168 -28.19 0.08 -29.57
N LYS D 169 -27.34 -0.67 -28.88
CA LYS D 169 -27.18 -0.50 -27.45
C LYS D 169 -25.96 0.35 -27.09
N HIS D 170 -25.38 1.06 -28.06
CA HIS D 170 -24.42 2.13 -27.83
C HIS D 170 -23.21 1.72 -27.00
N PRO D 171 -22.45 0.71 -27.42
CA PRO D 171 -21.17 0.46 -26.76
C PRO D 171 -20.34 1.71 -26.91
N TYR D 172 -19.53 2.01 -25.88
CA TYR D 172 -18.69 3.21 -25.84
C TYR D 172 -19.50 4.48 -26.12
N ALA D 173 -20.81 4.41 -25.88
CA ALA D 173 -21.75 5.49 -26.16
C ALA D 173 -21.71 5.91 -27.64
N TYR D 174 -21.38 4.97 -28.53
CA TYR D 174 -21.50 5.25 -29.96
C TYR D 174 -22.96 5.50 -30.33
N SER D 175 -23.15 6.29 -31.38
CA SER D 175 -24.44 6.45 -32.04
C SER D 175 -25.57 6.83 -31.08
N LYS D 176 -25.23 7.51 -29.99
CA LYS D 176 -26.22 8.08 -29.09
C LYS D 176 -25.84 9.53 -28.77
N GLU D 177 -26.81 10.29 -28.29
CA GLU D 177 -26.49 11.62 -27.78
C GLU D 177 -25.68 11.50 -26.48
N PRO D 178 -24.63 12.29 -26.32
CA PRO D 178 -24.01 12.43 -24.99
C PRO D 178 -25.04 12.95 -24.01
N MET D 179 -24.91 12.53 -22.75
CA MET D 179 -25.96 12.77 -21.77
C MET D 179 -25.92 14.20 -21.24
N THR D 180 -27.11 14.72 -20.96
CA THR D 180 -27.23 15.97 -20.22
C THR D 180 -27.37 15.66 -18.75
N ILE D 181 -26.73 16.48 -17.92
CA ILE D 181 -26.98 16.50 -16.48
C ILE D 181 -27.56 17.88 -16.16
N GLY D 182 -28.75 17.89 -15.57
CA GLY D 182 -29.47 19.12 -15.36
C GLY D 182 -28.91 20.01 -14.25
N SER D 183 -29.62 21.11 -14.03
CA SER D 183 -29.32 22.07 -13.00
C SER D 183 -30.00 21.67 -11.70
N ASP D 184 -29.45 22.18 -10.58
CA ASP D 184 -29.96 21.87 -9.24
C ASP D 184 -30.04 20.36 -9.02
N VAL D 185 -29.06 19.64 -9.63
CA VAL D 185 -28.92 18.21 -9.47
C VAL D 185 -27.98 17.91 -8.31
N TYR D 186 -28.26 16.84 -7.58
CA TYR D 186 -27.44 16.39 -6.48
C TYR D 186 -27.13 14.90 -6.64
N ILE D 187 -25.85 14.55 -6.59
CA ILE D 187 -25.43 13.16 -6.74
C ILE D 187 -24.56 12.79 -5.55
N GLY D 188 -24.92 11.71 -4.87
CA GLY D 188 -24.19 11.26 -3.71
C GLY D 188 -22.98 10.41 -4.02
N ALA D 189 -22.33 9.94 -2.96
CA ALA D 189 -21.11 9.17 -3.06
C ALA D 189 -21.36 7.79 -3.66
N HIS D 190 -20.34 7.27 -4.35
CA HIS D 190 -20.34 5.93 -4.91
C HIS D 190 -21.50 5.70 -5.88
N ALA D 191 -21.82 6.73 -6.64
CA ALA D 191 -22.89 6.62 -7.62
C ALA D 191 -22.29 6.34 -8.99
N PHE D 192 -23.12 5.76 -9.85
CA PHE D 192 -22.70 5.41 -11.19
C PHE D 192 -23.82 5.75 -12.15
N ILE D 193 -23.49 6.36 -13.27
CA ILE D 193 -24.44 6.57 -14.35
C ILE D 193 -23.91 5.87 -15.59
N ASN D 194 -24.74 5.03 -16.21
CA ASN D 194 -24.28 4.25 -17.35
C ASN D 194 -24.40 5.10 -18.60
N ALA D 195 -23.25 5.45 -19.18
CA ALA D 195 -23.22 6.30 -20.36
C ALA D 195 -23.83 5.64 -21.59
N SER D 196 -23.93 4.31 -21.64
CA SER D 196 -24.49 3.68 -22.83
C SER D 196 -26.01 3.78 -22.86
N THR D 197 -26.65 3.86 -21.71
CA THR D 197 -28.09 3.73 -21.64
C THR D 197 -28.78 4.97 -21.07
N VAL D 198 -28.05 5.99 -20.64
CA VAL D 198 -28.62 7.21 -20.06
C VAL D 198 -28.32 8.39 -20.98
N THR D 199 -29.36 9.12 -21.39
CA THR D 199 -29.14 10.36 -22.11
C THR D 199 -29.45 11.60 -21.31
N SER D 200 -30.10 11.49 -20.17
CA SER D 200 -30.41 12.72 -19.43
C SER D 200 -30.59 12.40 -17.95
N ILE D 201 -29.94 13.20 -17.11
CA ILE D 201 -30.25 13.31 -15.69
C ILE D 201 -31.02 14.61 -15.58
N GLY D 202 -32.33 14.50 -15.34
CA GLY D 202 -33.19 15.66 -15.46
C GLY D 202 -32.86 16.72 -14.43
N ASP D 203 -33.20 17.96 -14.78
CA ASP D 203 -33.13 19.08 -13.85
C ASP D 203 -33.72 18.72 -12.50
N GLY D 204 -32.98 19.01 -11.42
CA GLY D 204 -33.49 18.83 -10.07
C GLY D 204 -33.46 17.41 -9.52
N ALA D 205 -32.98 16.43 -10.30
CA ALA D 205 -32.88 15.06 -9.80
C ALA D 205 -31.89 14.96 -8.65
N ILE D 206 -32.18 14.04 -7.73
CA ILE D 206 -31.28 13.67 -6.67
C ILE D 206 -30.90 12.20 -6.88
N ILE D 207 -29.60 11.92 -6.94
CA ILE D 207 -29.13 10.54 -7.03
C ILE D 207 -28.52 10.16 -5.70
N GLY D 208 -29.13 9.20 -5.02
CA GLY D 208 -28.66 8.81 -3.71
C GLY D 208 -27.29 8.17 -3.76
N SER D 209 -26.62 8.24 -2.62
CA SER D 209 -25.36 7.53 -2.44
C SER D 209 -25.54 6.05 -2.78
N GLY D 210 -24.57 5.50 -3.50
CA GLY D 210 -24.60 4.10 -3.86
C GLY D 210 -25.49 3.77 -5.04
N ALA D 211 -26.25 4.72 -5.54
CA ALA D 211 -27.22 4.42 -6.60
C ALA D 211 -26.49 4.06 -7.89
N VAL D 212 -27.01 3.04 -8.58
CA VAL D 212 -26.49 2.63 -9.89
C VAL D 212 -27.53 2.97 -10.94
N VAL D 213 -27.26 4.03 -11.70
CA VAL D 213 -28.28 4.64 -12.57
C VAL D 213 -28.13 4.10 -13.97
N LEU D 214 -29.14 3.35 -14.41
CA LEU D 214 -29.09 2.64 -15.67
C LEU D 214 -30.07 3.20 -16.70
N GLU D 215 -30.95 4.09 -16.31
CA GLU D 215 -31.86 4.72 -17.26
C GLU D 215 -32.08 6.17 -16.83
N ASN D 216 -32.61 6.95 -17.78
CA ASN D 216 -32.85 8.37 -17.54
C ASN D 216 -33.59 8.61 -16.22
N VAL D 217 -33.14 9.63 -15.51
CA VAL D 217 -33.75 10.04 -14.25
C VAL D 217 -34.63 11.25 -14.54
N PRO D 218 -35.94 11.16 -14.34
CA PRO D 218 -36.82 12.26 -14.71
C PRO D 218 -36.50 13.50 -13.88
N PRO D 219 -36.82 14.68 -14.41
CA PRO D 219 -36.65 15.91 -13.62
C PRO D 219 -37.26 15.81 -12.22
N PHE D 220 -36.45 16.15 -11.21
CA PHE D 220 -36.84 16.21 -9.80
C PHE D 220 -37.17 14.85 -9.20
N ALA D 221 -36.84 13.76 -9.88
CA ALA D 221 -36.95 12.43 -9.31
C ALA D 221 -35.85 12.22 -8.26
N VAL D 222 -36.16 11.41 -7.25
CA VAL D 222 -35.19 10.96 -6.24
C VAL D 222 -34.99 9.47 -6.44
N VAL D 223 -33.81 9.08 -6.93
CA VAL D 223 -33.51 7.68 -7.25
C VAL D 223 -32.49 7.12 -6.26
N VAL D 224 -32.71 5.87 -5.84
CA VAL D 224 -31.83 5.18 -4.91
C VAL D 224 -31.77 3.72 -5.33
N GLY D 225 -30.76 3.02 -4.83
CA GLY D 225 -30.66 1.58 -4.96
C GLY D 225 -29.68 1.12 -6.03
N VAL D 226 -29.43 -0.18 -6.00
CA VAL D 226 -28.67 -0.89 -7.03
C VAL D 226 -29.60 -1.92 -7.65
N PRO D 227 -30.19 -1.64 -8.82
CA PRO D 227 -30.05 -0.42 -9.63
C PRO D 227 -30.98 0.67 -9.13
N ALA D 228 -30.79 1.89 -9.59
CA ALA D 228 -31.53 3.02 -9.06
C ALA D 228 -33.00 2.94 -9.47
N ARG D 229 -33.88 3.16 -8.51
CA ARG D 229 -35.31 3.26 -8.76
C ARG D 229 -35.80 4.54 -8.09
N ILE D 230 -36.95 5.01 -8.54
CA ILE D 230 -37.47 6.31 -8.13
C ILE D 230 -38.21 6.16 -6.79
N LYS D 231 -37.69 6.81 -5.77
CA LYS D 231 -38.40 6.74 -4.50
C LYS D 231 -39.45 7.82 -4.34
N ARG D 232 -39.25 8.99 -4.94
CA ARG D 232 -40.20 10.09 -4.83
C ARG D 232 -39.71 11.21 -5.75
N TYR D 233 -40.57 12.19 -5.94
CA TYR D 233 -40.21 13.46 -6.56
C TYR D 233 -40.13 14.53 -5.49
N ARG D 234 -39.20 15.47 -5.68
CA ARG D 234 -39.02 16.58 -4.74
C ARG D 234 -40.26 17.48 -4.65
N PHE D 235 -41.01 17.59 -5.76
CA PHE D 235 -42.11 18.55 -5.82
C PHE D 235 -43.29 17.92 -6.54
N SER D 236 -44.45 18.55 -6.37
CA SER D 236 -45.63 18.09 -7.07
C SER D 236 -45.44 18.17 -8.58
N LYS D 237 -46.32 17.45 -9.28
CA LYS D 237 -46.29 17.46 -10.75
C LYS D 237 -46.45 18.89 -11.28
N GLU D 238 -47.36 19.66 -10.67
CA GLU D 238 -47.58 21.06 -11.04
C GLU D 238 -46.32 21.91 -10.84
N MET D 239 -45.66 21.78 -9.69
CA MET D 239 -44.46 22.56 -9.44
C MET D 239 -43.35 22.24 -10.43
N ILE D 240 -43.23 20.96 -10.83
CA ILE D 240 -42.17 20.57 -11.75
C ILE D 240 -42.33 21.30 -13.09
N GLU D 241 -43.54 21.34 -13.62
CA GLU D 241 -43.75 22.06 -14.88
C GLU D 241 -43.41 23.53 -14.72
N THR D 242 -43.77 24.12 -13.59
CA THR D 242 -43.46 25.53 -13.36
C THR D 242 -41.95 25.74 -13.27
N LEU D 243 -41.25 24.92 -12.49
CA LEU D 243 -39.81 25.05 -12.40
C LEU D 243 -39.16 24.96 -13.76
N LEU D 244 -39.62 24.02 -14.59
CA LEU D 244 -39.04 23.83 -15.91
C LEU D 244 -39.29 25.01 -16.84
N ARG D 245 -40.31 25.83 -16.55
CA ARG D 245 -40.52 27.04 -17.34
C ARG D 245 -39.77 28.24 -16.77
N VAL D 246 -39.80 28.39 -15.45
CA VAL D 246 -39.12 29.49 -14.78
C VAL D 246 -37.61 29.40 -15.00
N LYS D 247 -37.05 28.21 -14.84
CA LYS D 247 -35.61 27.95 -14.91
C LYS D 247 -34.81 28.95 -14.06
N TRP D 248 -35.04 28.90 -12.73
CA TRP D 248 -34.38 29.86 -11.85
C TRP D 248 -32.88 29.73 -11.93
N TRP D 249 -32.37 28.55 -12.28
CA TRP D 249 -30.93 28.34 -12.29
C TRP D 249 -30.22 29.17 -13.35
N ASP D 250 -30.95 29.73 -14.32
CA ASP D 250 -30.39 30.68 -15.27
C ASP D 250 -30.58 32.13 -14.83
N TRP D 251 -31.17 32.37 -13.67
CA TRP D 251 -31.33 33.71 -13.17
C TRP D 251 -29.99 34.41 -12.97
N SER D 252 -30.03 35.73 -13.07
CA SER D 252 -28.88 36.55 -12.72
C SER D 252 -28.65 36.51 -11.21
N ILE D 253 -27.43 36.83 -10.80
CA ILE D 253 -27.16 36.95 -9.37
C ILE D 253 -28.16 37.90 -8.73
N GLU D 254 -28.43 39.02 -9.41
CA GLU D 254 -29.38 39.99 -8.88
C GLU D 254 -30.75 39.36 -8.71
N GLU D 255 -31.19 38.58 -9.70
CA GLU D 255 -32.50 37.93 -9.62
C GLU D 255 -32.53 36.89 -8.51
N ILE D 256 -31.44 36.16 -8.30
CA ILE D 256 -31.42 35.18 -7.22
C ILE D 256 -31.62 35.87 -5.88
N ASN D 257 -31.05 37.05 -5.71
CA ASN D 257 -31.27 37.74 -4.45
C ASN D 257 -32.62 38.42 -4.40
N GLU D 258 -33.10 38.96 -5.52
CA GLU D 258 -34.41 39.61 -5.54
C GLU D 258 -35.51 38.60 -5.19
N ASN D 259 -35.37 37.36 -5.64
CA ASN D 259 -36.43 36.38 -5.48
C ASN D 259 -36.03 35.25 -4.53
N VAL D 260 -35.09 35.51 -3.61
CA VAL D 260 -34.61 34.45 -2.73
C VAL D 260 -35.74 33.88 -1.88
N ASP D 261 -36.75 34.70 -1.57
CA ASP D 261 -37.89 34.20 -0.81
C ASP D 261 -38.54 33.02 -1.52
N ALA D 262 -38.62 33.10 -2.85
CA ALA D 262 -39.20 32.02 -3.64
C ALA D 262 -38.24 30.85 -3.77
N LEU D 263 -36.92 31.10 -3.73
CA LEU D 263 -35.97 30.01 -3.75
C LEU D 263 -36.00 29.25 -2.43
N ILE D 264 -36.25 29.97 -1.33
CA ILE D 264 -36.24 29.34 -0.02
C ILE D 264 -37.54 28.63 0.32
N SER D 265 -38.68 29.09 -0.21
CA SER D 265 -39.97 28.47 0.10
C SER D 265 -40.67 27.99 -1.16
N PRO D 266 -40.76 26.67 -1.40
CA PRO D 266 -41.56 26.18 -2.54
C PRO D 266 -42.97 26.72 -2.58
N GLU D 267 -43.57 26.88 -1.40
CA GLU D 267 -44.93 27.40 -1.28
C GLU D 267 -45.01 28.79 -1.87
N LEU D 268 -44.01 29.63 -1.60
CA LEU D 268 -44.02 30.98 -2.12
C LEU D 268 -43.72 30.99 -3.62
N PHE D 269 -42.82 30.12 -4.07
CA PHE D 269 -42.50 29.97 -5.49
C PHE D 269 -43.77 29.74 -6.32
N MET D 270 -44.62 28.82 -5.88
CA MET D 270 -45.86 28.51 -6.60
C MET D 270 -46.89 29.63 -6.51
N LYS D 271 -46.82 30.47 -5.48
CA LYS D 271 -47.65 31.67 -5.50
C LYS D 271 -47.12 32.67 -6.51
N LYS D 272 -45.82 32.99 -6.40
CA LYS D 272 -45.23 33.99 -7.30
C LYS D 272 -45.34 33.58 -8.76
N TYR D 273 -45.06 32.32 -9.07
CA TYR D 273 -45.07 31.86 -10.45
C TYR D 273 -46.31 31.03 -10.73
N GLY D 274 -47.40 31.32 -10.02
CA GLY D 274 -48.60 30.51 -10.14
C GLY D 274 -49.29 30.64 -11.46
N SER D 275 -49.07 31.73 -12.18
CA SER D 275 -49.78 31.98 -13.45
C SER D 275 -48.75 32.38 -14.52
N LEU D 276 -48.23 31.38 -15.23
CA LEU D 276 -47.20 31.67 -16.23
C LEU D 276 -47.77 31.83 -17.63
N GLN E 1 -3.01 17.57 24.19
CA GLN E 1 -3.87 18.72 24.01
C GLN E 1 -3.96 19.13 22.53
N GLY E 2 -5.14 18.98 21.94
CA GLY E 2 -5.33 19.21 20.52
C GLY E 2 -5.02 20.63 20.05
N MET E 3 -4.85 21.59 20.96
CA MET E 3 -4.94 23.01 20.63
C MET E 3 -3.64 23.73 20.96
N LYS E 4 -3.22 24.63 20.07
CA LYS E 4 -1.94 25.30 20.19
C LYS E 4 -1.96 26.40 21.26
N THR E 5 -1.04 26.31 22.22
CA THR E 5 -0.85 27.42 23.15
C THR E 5 -0.30 28.65 22.44
N ARG E 6 -0.44 29.80 23.11
CA ARG E 6 0.13 31.02 22.56
C ARG E 6 1.63 30.86 22.29
N LEU E 7 2.36 30.29 23.25
CA LEU E 7 3.79 30.07 23.02
C LEU E 7 4.03 29.23 21.77
N GLU E 8 3.25 28.15 21.59
CA GLU E 8 3.44 27.27 20.45
C GLU E 8 3.14 27.98 19.14
N GLN E 9 2.17 28.90 19.14
CA GLN E 9 1.88 29.68 17.94
C GLN E 9 3.05 30.61 17.59
N VAL E 10 3.70 31.16 18.61
CA VAL E 10 4.80 32.09 18.36
C VAL E 10 6.03 31.34 17.85
N LEU E 11 6.40 30.24 18.53
CA LEU E 11 7.57 29.48 18.10
C LEU E 11 7.41 28.99 16.67
N GLU E 12 6.23 28.45 16.36
CA GLU E 12 5.95 27.97 15.00
C GLU E 12 6.17 29.06 13.97
N ARG E 13 5.82 30.29 14.32
CA ARG E 13 5.97 31.38 13.37
C ARG E 13 7.42 31.85 13.29
N TYR E 14 8.12 31.93 14.43
CA TYR E 14 9.39 32.64 14.49
C TYR E 14 10.61 31.83 14.94
N LEU E 15 10.44 30.64 15.54
CA LEU E 15 11.63 29.93 16.04
C LEU E 15 12.66 29.75 14.93
N ASN E 16 12.21 29.34 13.74
CA ASN E 16 13.05 29.29 12.55
C ASN E 16 14.31 28.43 12.75
N GLY E 17 14.14 27.28 13.40
CA GLY E 17 15.26 26.37 13.55
C GLY E 17 16.20 26.67 14.68
N ARG E 18 16.00 27.75 15.44
CA ARG E 18 16.96 28.07 16.49
C ARG E 18 16.77 27.17 17.68
N GLU E 19 17.72 27.23 18.61
CA GLU E 19 17.57 26.57 19.89
C GLU E 19 16.92 27.50 20.91
N VAL E 20 16.13 26.92 21.79
CA VAL E 20 15.43 27.67 22.83
C VAL E 20 16.32 27.81 24.03
N ALA E 21 16.55 29.05 24.47
CA ALA E 21 17.27 29.36 25.69
C ALA E 21 16.22 29.66 26.76
N VAL E 22 16.14 28.79 27.77
CA VAL E 22 15.15 28.97 28.83
C VAL E 22 15.69 29.93 29.86
N TRP E 23 14.89 30.94 30.19
CA TRP E 23 15.24 31.98 31.17
C TRP E 23 14.27 31.82 32.33
N GLY E 24 14.70 31.09 33.35
CA GLY E 24 13.87 30.81 34.51
C GLY E 24 13.84 29.33 34.82
N VAL E 25 13.23 29.04 35.97
CA VAL E 25 13.02 27.64 36.40
C VAL E 25 12.06 26.97 35.44
N PRO E 26 12.38 25.80 34.91
CA PRO E 26 11.43 25.14 34.00
C PRO E 26 10.33 24.44 34.79
N THR E 27 9.16 24.32 34.16
CA THR E 27 8.08 23.50 34.68
C THR E 27 7.87 22.30 33.78
N ARG E 28 7.22 21.27 34.33
CA ARG E 28 7.02 20.06 33.53
C ARG E 28 6.25 20.37 32.25
N ARG E 29 5.28 21.29 32.33
CA ARG E 29 4.51 21.68 31.16
C ARG E 29 5.40 22.34 30.12
N LEU E 30 6.21 23.32 30.54
CA LEU E 30 7.15 23.93 29.62
C LEU E 30 7.98 22.86 28.94
N LEU E 31 8.53 21.94 29.73
CA LEU E 31 9.47 20.95 29.20
C LEU E 31 8.79 20.03 28.20
N ARG E 32 7.51 19.74 28.39
CA ARG E 32 6.77 19.00 27.39
C ARG E 32 6.61 19.79 26.10
N ALA E 33 6.28 21.08 26.22
CA ALA E 33 6.17 21.94 25.05
C ALA E 33 7.50 22.11 24.34
N LEU E 34 8.63 22.06 25.05
CA LEU E 34 9.93 22.24 24.44
C LEU E 34 10.58 20.94 23.97
N LYS E 35 9.98 19.80 24.31
CA LYS E 35 10.57 18.51 23.98
C LYS E 35 10.97 18.36 22.51
N PRO E 36 10.15 18.76 21.53
CA PRO E 36 10.58 18.59 20.14
C PRO E 36 11.83 19.37 19.77
N PHE E 37 12.15 20.43 20.49
CA PHE E 37 13.26 21.34 20.15
C PHE E 37 14.53 21.01 20.92
N LYS E 38 15.63 21.59 20.46
CA LYS E 38 16.84 21.69 21.28
C LYS E 38 16.67 22.88 22.21
N PHE E 39 16.97 22.69 23.48
CA PHE E 39 16.80 23.77 24.42
C PHE E 39 17.76 23.55 25.58
N HIS E 40 18.04 24.64 26.29
CA HIS E 40 19.04 24.62 27.35
C HIS E 40 18.75 25.76 28.31
N THR E 41 19.44 25.70 29.44
CA THR E 41 19.43 26.80 30.40
C THR E 41 20.16 27.99 29.81
N ALA E 42 19.46 29.12 29.66
CA ALA E 42 20.06 30.31 29.10
C ALA E 42 21.28 30.76 29.92
N ASP E 43 22.39 30.95 29.23
CA ASP E 43 23.58 31.55 29.82
C ASP E 43 23.87 32.81 29.02
N ARG E 44 24.71 32.71 27.99
CA ARG E 44 24.87 33.76 27.00
C ARG E 44 23.91 33.45 25.86
N VAL E 45 23.19 34.46 25.38
CA VAL E 45 22.19 34.25 24.33
C VAL E 45 22.46 35.17 23.15
N ASP E 46 22.43 34.60 21.96
CA ASP E 46 22.56 35.31 20.69
C ASP E 46 21.30 35.09 19.89
N PRO E 47 20.62 36.16 19.44
CA PRO E 47 19.35 35.97 18.73
C PRO E 47 19.50 35.27 17.38
N GLN E 48 20.70 35.31 16.78
CA GLN E 48 20.94 34.54 15.56
C GLN E 48 20.84 33.04 15.80
N TYR E 49 21.06 32.61 17.05
CA TYR E 49 21.12 31.20 17.39
C TYR E 49 20.07 30.78 18.41
N HIS E 50 19.57 31.70 19.22
CA HIS E 50 18.76 31.34 20.36
C HIS E 50 17.42 32.05 20.33
N TYR E 51 16.39 31.37 20.80
CA TYR E 51 15.11 31.97 21.10
C TYR E 51 14.91 31.89 22.60
N VAL E 52 14.66 33.03 23.25
CA VAL E 52 14.56 33.07 24.70
C VAL E 52 13.10 32.89 25.12
N VAL E 53 12.83 31.79 25.82
CA VAL E 53 11.56 31.60 26.49
C VAL E 53 11.77 31.95 27.96
N ALA E 54 11.22 33.08 28.38
CA ALA E 54 11.12 33.39 29.80
C ALA E 54 9.95 32.58 30.37
N VAL E 55 10.19 31.88 31.48
CA VAL E 55 9.15 30.99 31.98
C VAL E 55 7.97 31.80 32.53
N THR E 56 8.23 32.66 33.50
CA THR E 56 7.20 33.46 34.14
C THR E 56 7.37 34.94 33.80
N ASP E 57 6.38 35.74 34.22
CA ASP E 57 6.46 37.18 33.98
CA ASP E 57 6.48 37.17 33.95
C ASP E 57 7.65 37.81 34.69
N ASP E 58 7.94 37.35 35.91
CA ASP E 58 9.13 37.82 36.63
C ASP E 58 10.40 37.49 35.85
N ASP E 59 10.48 36.26 35.32
CA ASP E 59 11.58 35.92 34.42
C ASP E 59 11.69 36.90 33.25
N LEU E 60 10.56 37.30 32.68
CA LEU E 60 10.59 38.22 31.55
C LEU E 60 11.08 39.58 31.99
N THR E 61 10.60 40.04 33.14
CA THR E 61 11.06 41.32 33.68
C THR E 61 12.57 41.29 33.90
N ASP E 62 13.08 40.14 34.31
CA ASP E 62 14.49 40.02 34.63
C ASP E 62 15.33 39.97 33.36
N PHE E 63 14.86 39.23 32.36
CA PHE E 63 15.54 39.19 31.07
C PHE E 63 15.62 40.57 30.46
N LEU E 64 14.47 41.26 30.38
CA LEU E 64 14.44 42.59 29.78
C LEU E 64 15.27 43.59 30.55
N SER E 65 15.58 43.30 31.82
CA SER E 65 16.52 44.12 32.57
C SER E 65 17.95 43.65 32.39
N ASP E 66 18.18 42.57 31.64
CA ASP E 66 19.54 42.12 31.36
C ASP E 66 20.03 42.81 30.09
N GLU E 67 21.33 43.10 30.06
CA GLU E 67 21.90 43.72 28.86
C GLU E 67 21.72 42.84 27.64
N GLN E 68 21.71 41.52 27.83
CA GLN E 68 21.65 40.59 26.72
C GLN E 68 20.35 40.67 25.94
N SER E 69 19.31 41.26 26.53
CA SER E 69 18.01 41.30 25.87
C SER E 69 17.93 42.34 24.76
N LYS E 70 18.83 43.33 24.75
CA LYS E 70 18.61 44.50 23.90
C LYS E 70 18.57 44.17 22.42
N SER E 71 19.19 43.06 22.00
CA SER E 71 19.16 42.63 20.61
C SER E 71 18.03 41.66 20.31
N PHE E 72 17.16 41.41 21.28
CA PHE E 72 16.06 40.47 21.10
C PHE E 72 14.77 41.26 20.87
N GLN E 73 14.00 40.84 19.88
CA GLN E 73 12.73 41.48 19.56
C GLN E 73 11.57 40.68 20.12
N TYR E 74 10.58 41.40 20.66
CA TYR E 74 9.40 40.75 21.19
C TYR E 74 8.82 39.79 20.17
N ALA E 75 8.43 38.60 20.64
CA ALA E 75 7.77 37.55 19.86
C ALA E 75 8.70 36.93 18.82
N ASN E 76 9.37 37.78 18.03
CA ASN E 76 10.30 37.26 17.02
C ASN E 76 11.42 36.44 17.65
N ASP E 77 11.91 36.87 18.83
CA ASP E 77 13.07 36.26 19.48
C ASP E 77 12.86 35.88 20.94
N TYR E 78 11.82 36.37 21.59
CA TYR E 78 11.57 35.96 22.96
C TYR E 78 10.07 36.00 23.23
N LEU E 79 9.65 35.25 24.25
CA LEU E 79 8.27 35.28 24.73
C LEU E 79 8.24 34.71 26.14
N THR E 80 7.15 35.00 26.84
CA THR E 80 6.89 34.38 28.14
C THR E 80 6.06 33.12 27.94
N PHE E 81 6.48 32.03 28.57
CA PHE E 81 5.74 30.79 28.49
C PHE E 81 4.39 30.91 29.21
N ASP E 82 4.39 31.44 30.42
CA ASP E 82 3.22 31.43 31.30
C ASP E 82 2.46 32.77 31.23
N ASP E 83 2.04 33.15 30.02
CA ASP E 83 1.26 34.38 29.79
C ASP E 83 0.35 34.18 28.58
N GLU E 84 -0.54 33.18 28.68
CA GLU E 84 -1.46 32.86 27.60
C GLU E 84 -2.29 34.07 27.17
N GLY E 85 -2.66 34.93 28.12
CA GLY E 85 -3.44 36.10 27.82
C GLY E 85 -2.65 37.29 27.31
N GLY E 86 -1.32 37.21 27.23
CA GLY E 86 -0.54 38.35 26.77
C GLY E 86 -0.75 38.65 25.29
N GLU E 87 -0.50 39.91 24.94
CA GLU E 87 -0.75 40.37 23.58
C GLU E 87 0.34 39.90 22.63
N LEU E 88 0.03 39.91 21.33
CA LEU E 88 0.98 39.55 20.29
C LEU E 88 0.81 40.53 19.14
N PRO E 89 1.87 40.77 18.37
CA PRO E 89 1.74 41.68 17.23
C PRO E 89 0.94 41.09 16.07
N PHE E 90 0.54 39.83 16.16
CA PHE E 90 -0.26 39.20 15.13
C PHE E 90 -1.50 38.56 15.75
N GLU E 91 -2.53 38.38 14.92
CA GLU E 91 -3.74 37.73 15.38
C GLU E 91 -3.45 36.29 15.76
N ARG E 92 -4.04 35.84 16.85
CA ARG E 92 -3.69 34.56 17.45
C ARG E 92 -4.96 33.82 17.87
N MET E 93 -4.78 32.60 18.37
CA MET E 93 -5.86 31.86 19.01
C MET E 93 -5.53 31.63 20.47
N CYS E 94 -6.55 31.63 21.31
CA CYS E 94 -6.43 31.26 22.70
C CYS E 94 -7.56 30.25 22.95
N PHE E 95 -7.19 28.97 23.04
CA PHE E 95 -8.17 27.88 23.15
C PHE E 95 -9.23 27.96 22.06
N ASN E 96 -8.81 28.07 20.81
CA ASN E 96 -9.74 28.17 19.68
C ASN E 96 -10.61 29.44 19.70
N VAL E 97 -10.18 30.49 20.39
CA VAL E 97 -10.84 31.78 20.35
C VAL E 97 -9.94 32.75 19.59
N PRO E 98 -10.37 33.31 18.47
CA PRO E 98 -9.56 34.34 17.79
C PRO E 98 -9.41 35.57 18.66
N VAL E 99 -8.18 36.08 18.71
CA VAL E 99 -7.83 37.27 19.48
C VAL E 99 -7.04 38.20 18.58
N GLY E 100 -7.45 39.47 18.52
CA GLY E 100 -6.80 40.41 17.64
C GLY E 100 -5.41 40.81 18.12
N ARG E 101 -4.72 41.53 17.24
CA ARG E 101 -3.39 42.05 17.54
C ARG E 101 -3.44 43.01 18.73
N GLN E 102 -2.33 43.04 19.48
CA GLN E 102 -2.13 43.99 20.59
C GLN E 102 -3.28 43.94 21.60
N THR E 103 -3.89 42.78 21.77
CA THR E 103 -4.95 42.57 22.74
C THR E 103 -4.42 41.72 23.89
N TYR E 104 -4.71 42.12 25.13
CA TYR E 104 -4.24 41.37 26.31
C TYR E 104 -5.35 41.17 27.35
N PHE E 105 -5.20 40.12 28.14
CA PHE E 105 -6.11 39.85 29.24
C PHE E 105 -5.42 38.89 30.20
N GLY E 106 -6.07 38.65 31.35
CA GLY E 106 -5.53 37.80 32.39
C GLY E 106 -6.19 36.43 32.46
N ASP E 107 -5.83 35.69 33.50
CA ASP E 107 -6.13 34.26 33.56
C ASP E 107 -7.62 33.98 33.60
N GLY E 108 -8.39 34.82 34.30
CA GLY E 108 -9.84 34.56 34.38
C GLY E 108 -10.49 34.53 33.00
N VAL E 109 -10.02 35.38 32.09
CA VAL E 109 -10.54 35.42 30.73
C VAL E 109 -9.95 34.30 29.88
N VAL E 110 -8.69 33.91 30.14
CA VAL E 110 -8.16 32.70 29.52
C VAL E 110 -9.10 31.54 29.82
N GLY E 111 -9.47 31.41 31.09
CA GLY E 111 -10.35 30.32 31.49
C GLY E 111 -11.72 30.40 30.84
N ALA E 112 -12.23 31.62 30.63
CA ALA E 112 -13.51 31.76 29.94
C ALA E 112 -13.38 31.36 28.49
N CYS E 113 -12.23 31.63 27.86
CA CYS E 113 -11.97 31.11 26.51
C CYS E 113 -11.96 29.59 26.51
N GLU E 114 -11.27 28.98 27.48
CA GLU E 114 -11.28 27.53 27.56
C GLU E 114 -12.67 27.00 27.85
N ASN E 115 -13.43 27.70 28.69
CA ASN E 115 -14.76 27.26 29.06
C ASN E 115 -15.74 27.34 27.89
N GLY E 116 -15.36 28.00 26.79
CA GLY E 116 -16.24 28.12 25.66
C GLY E 116 -17.19 29.29 25.72
N TYR E 117 -16.94 30.25 26.61
CA TYR E 117 -17.85 31.37 26.85
C TYR E 117 -17.65 32.53 25.91
N ILE E 118 -16.56 32.56 25.16
CA ILE E 118 -16.19 33.73 24.36
C ILE E 118 -16.06 33.29 22.91
N LYS E 119 -16.75 33.99 22.01
CA LYS E 119 -16.63 33.65 20.59
C LYS E 119 -15.36 34.23 19.98
N SER E 120 -14.97 35.42 20.39
CA SER E 120 -13.88 36.14 19.75
C SER E 120 -13.57 37.37 20.58
N ILE E 121 -12.31 37.82 20.48
CA ILE E 121 -11.86 39.04 21.14
C ILE E 121 -11.19 39.92 20.09
N GLY E 122 -11.55 41.20 20.07
CA GLY E 122 -11.17 42.09 18.99
C GLY E 122 -9.72 42.51 19.07
N GLN E 123 -9.38 43.49 18.24
CA GLN E 123 -8.01 43.98 18.20
C GLN E 123 -7.86 45.22 19.08
N PHE E 124 -6.64 45.41 19.61
CA PHE E 124 -6.30 46.58 20.41
C PHE E 124 -7.24 46.73 21.59
N THR E 125 -7.52 45.60 22.22
CA THR E 125 -8.44 45.51 23.34
C THR E 125 -7.66 45.25 24.62
N SER E 126 -8.02 45.96 25.68
CA SER E 126 -7.23 46.01 26.91
C SER E 126 -8.12 45.57 28.06
N ILE E 127 -7.80 44.43 28.68
CA ILE E 127 -8.64 43.84 29.73
C ILE E 127 -7.82 43.62 30.99
N ASN E 128 -8.19 44.32 32.07
CA ASN E 128 -7.49 44.18 33.33
C ASN E 128 -7.43 42.72 33.78
N GLY E 129 -6.32 42.35 34.43
CA GLY E 129 -6.09 40.94 34.77
C GLY E 129 -7.08 40.36 35.74
N THR E 130 -7.74 41.19 36.51
CA THR E 130 -8.68 40.68 37.51
C THR E 130 -10.05 40.42 36.94
N ALA E 131 -10.27 40.66 35.65
CA ALA E 131 -11.62 40.54 35.12
C ALA E 131 -12.08 39.10 35.25
N GLU E 132 -13.38 38.92 35.48
CA GLU E 132 -13.97 37.60 35.62
C GLU E 132 -15.13 37.47 34.66
N ILE E 133 -15.19 36.35 33.94
CA ILE E 133 -16.28 36.07 33.03
C ILE E 133 -16.78 34.67 33.36
N HIS E 134 -17.98 34.58 33.91
CA HIS E 134 -18.50 33.30 34.35
C HIS E 134 -19.98 33.26 34.03
N ALA E 135 -20.50 32.05 33.89
CA ALA E 135 -21.90 31.90 33.59
C ALA E 135 -22.68 31.71 34.88
N ASN E 136 -24.00 31.65 34.75
CA ASN E 136 -24.85 31.32 35.87
C ASN E 136 -25.01 29.81 35.94
N HIS E 137 -25.18 29.31 37.15
CA HIS E 137 -25.59 27.92 37.29
C HIS E 137 -27.08 27.82 36.97
N GLN E 138 -27.62 26.61 37.03
CA GLN E 138 -29.05 26.43 36.86
C GLN E 138 -29.78 27.13 37.99
N LEU E 139 -30.85 27.84 37.65
CA LEU E 139 -31.60 28.58 38.64
C LEU E 139 -33.02 28.04 38.81
N ASN E 140 -33.39 27.00 38.07
CA ASN E 140 -34.74 26.47 38.07
C ASN E 140 -34.82 25.06 38.66
N MET E 141 -33.80 24.64 39.40
CA MET E 141 -33.78 23.35 40.05
C MET E 141 -33.74 23.55 41.57
N THR E 142 -33.81 22.44 42.32
CA THR E 142 -33.78 22.53 43.78
C THR E 142 -32.38 22.85 44.27
N PHE E 143 -31.36 22.48 43.50
CA PHE E 143 -29.97 22.73 43.82
C PHE E 143 -29.39 23.71 42.82
N VAL E 144 -28.44 24.49 43.30
CA VAL E 144 -27.69 25.44 42.47
C VAL E 144 -26.26 24.98 42.21
N SER E 145 -25.81 23.94 42.92
CA SER E 145 -24.44 23.45 42.76
C SER E 145 -24.19 22.94 41.35
N ASP E 146 -22.92 22.95 40.94
CA ASP E 146 -22.55 22.24 39.73
C ASP E 146 -21.84 20.92 40.02
N ASP E 147 -20.98 20.88 41.02
CA ASP E 147 -20.16 19.69 41.24
C ASP E 147 -20.94 18.55 41.87
N ILE E 148 -22.16 18.80 42.33
CA ILE E 148 -23.06 17.70 42.68
C ILE E 148 -23.12 16.69 41.54
N GLN E 149 -22.99 17.17 40.31
CA GLN E 149 -23.07 16.33 39.13
C GLN E 149 -21.91 15.34 39.04
N ASN E 150 -20.84 15.55 39.81
CA ASN E 150 -19.80 14.54 39.94
C ASN E 150 -20.34 13.27 40.60
N PHE E 151 -21.49 13.35 41.25
CA PHE E 151 -22.12 12.20 41.90
C PHE E 151 -23.21 11.56 41.04
N PHE E 152 -23.49 12.10 39.86
CA PHE E 152 -24.56 11.58 39.02
C PHE E 152 -24.06 10.38 38.22
N ASN E 153 -24.86 9.31 38.22
CA ASN E 153 -24.61 8.23 37.27
C ASN E 153 -25.07 8.68 35.88
N GLU E 154 -25.05 7.76 34.91
CA GLU E 154 -25.36 8.16 33.53
C GLU E 154 -26.82 8.56 33.39
N GLU E 155 -27.74 7.82 34.00
CA GLU E 155 -29.15 8.19 33.92
C GLU E 155 -29.40 9.53 34.59
N SER E 156 -28.79 9.75 35.76
CA SER E 156 -28.96 11.01 36.48
C SER E 156 -28.38 12.16 35.69
N MET E 157 -27.15 11.99 35.21
CA MET E 157 -26.53 12.99 34.36
C MET E 157 -27.40 13.28 33.14
N ALA E 158 -27.95 12.23 32.51
CA ALA E 158 -28.63 12.42 31.24
C ALA E 158 -29.85 13.32 31.40
N VAL E 159 -30.59 13.18 32.48
CA VAL E 159 -31.76 14.01 32.66
C VAL E 159 -31.38 15.40 33.12
N PHE E 160 -30.28 15.52 33.89
CA PHE E 160 -29.75 16.83 34.24
C PHE E 160 -29.38 17.61 33.00
N GLN E 161 -28.60 16.97 32.11
CA GLN E 161 -28.16 17.64 30.89
C GLN E 161 -29.34 18.02 30.02
N GLU E 162 -30.41 17.23 30.05
CA GLU E 162 -31.54 17.50 29.18
C GLU E 162 -32.28 18.76 29.63
N LYS E 163 -32.48 18.92 30.94
CA LYS E 163 -33.14 20.13 31.43
C LYS E 163 -32.26 21.35 31.22
N LEU E 164 -30.96 21.22 31.45
CA LEU E 164 -30.05 22.32 31.17
C LEU E 164 -30.13 22.77 29.72
N ARG E 165 -30.19 21.82 28.79
CA ARG E 165 -30.16 22.17 27.37
C ARG E 165 -31.42 22.87 26.92
N LYS E 166 -32.49 22.83 27.72
CA LYS E 166 -33.72 23.52 27.39
C LYS E 166 -33.88 24.84 28.13
N ASP E 167 -33.16 25.05 29.23
CA ASP E 167 -33.31 26.25 30.05
C ASP E 167 -32.99 27.51 29.23
N PRO E 168 -33.98 28.36 29.00
CA PRO E 168 -33.75 29.59 28.24
C PRO E 168 -32.99 30.68 29.00
N LYS E 169 -32.61 30.45 30.24
CA LYS E 169 -31.76 31.38 30.96
C LYS E 169 -30.28 31.09 30.77
N HIS E 170 -29.96 30.07 29.96
CA HIS E 170 -28.62 29.71 29.51
C HIS E 170 -27.65 29.36 30.63
N PRO E 171 -27.99 28.43 31.53
CA PRO E 171 -27.02 28.01 32.53
C PRO E 171 -25.78 27.45 31.86
N TYR E 172 -24.61 27.77 32.44
CA TYR E 172 -23.31 27.35 31.90
C TYR E 172 -23.17 27.77 30.43
N ALA E 173 -23.91 28.80 30.05
CA ALA E 173 -23.95 29.37 28.71
C ALA E 173 -24.50 28.40 27.68
N TYR E 174 -25.27 27.41 28.13
CA TYR E 174 -25.92 26.49 27.21
C TYR E 174 -26.89 27.25 26.31
N SER E 175 -27.02 26.76 25.07
CA SER E 175 -28.09 27.16 24.15
C SER E 175 -28.03 28.64 23.81
N LYS E 176 -26.83 29.22 23.73
CA LYS E 176 -26.64 30.62 23.40
C LYS E 176 -25.31 30.77 22.66
N GLU E 177 -25.19 31.86 21.92
CA GLU E 177 -23.93 32.18 21.29
C GLU E 177 -22.89 32.56 22.33
N PRO E 178 -21.66 32.07 22.22
CA PRO E 178 -20.59 32.61 23.06
C PRO E 178 -20.38 34.08 22.73
N MET E 179 -19.92 34.86 23.71
CA MET E 179 -19.97 36.30 23.55
C MET E 179 -18.82 36.76 22.66
N THR E 180 -19.08 37.83 21.90
CA THR E 180 -18.03 38.57 21.22
C THR E 180 -17.61 39.74 22.08
N ILE E 181 -16.30 39.94 22.19
CA ILE E 181 -15.75 41.13 22.81
C ILE E 181 -15.09 41.93 21.71
N GLY E 182 -15.60 43.14 21.48
CA GLY E 182 -15.16 43.92 20.34
C GLY E 182 -13.71 44.36 20.39
N SER E 183 -13.35 45.16 19.39
CA SER E 183 -12.04 45.79 19.26
C SER E 183 -12.04 47.16 19.95
N ASP E 184 -10.83 47.62 20.30
CA ASP E 184 -10.65 48.90 20.98
C ASP E 184 -11.49 48.95 22.25
N VAL E 185 -11.63 47.81 22.90
CA VAL E 185 -12.40 47.70 24.12
C VAL E 185 -11.46 47.87 25.31
N TYR E 186 -11.95 48.52 26.37
CA TYR E 186 -11.20 48.67 27.62
C TYR E 186 -12.02 48.13 28.79
N ILE E 187 -11.41 47.28 29.60
CA ILE E 187 -12.06 46.70 30.78
C ILE E 187 -11.19 46.93 32.01
N GLY E 188 -11.77 47.53 33.05
CA GLY E 188 -11.01 47.89 34.24
C GLY E 188 -11.05 46.82 35.31
N ALA E 189 -10.41 47.11 36.44
CA ALA E 189 -10.23 46.11 37.49
C ALA E 189 -11.56 45.71 38.12
N HIS E 190 -11.59 44.48 38.66
CA HIS E 190 -12.72 43.97 39.43
C HIS E 190 -14.00 43.97 38.61
N ALA E 191 -13.88 43.82 37.30
CA ALA E 191 -15.03 43.79 36.42
C ALA E 191 -15.53 42.36 36.27
N PHE E 192 -16.84 42.23 36.03
CA PHE E 192 -17.47 40.94 35.79
C PHE E 192 -18.37 41.05 34.57
N ILE E 193 -18.44 39.97 33.78
CA ILE E 193 -19.38 39.85 32.67
C ILE E 193 -20.06 38.49 32.78
N ASN E 194 -21.38 38.50 32.78
CA ASN E 194 -22.15 37.27 32.96
C ASN E 194 -22.31 36.56 31.62
N ALA E 195 -21.63 35.42 31.46
CA ALA E 195 -21.70 34.67 30.22
C ALA E 195 -23.06 34.02 29.97
N SER E 196 -23.96 33.99 30.97
CA SER E 196 -25.29 33.44 30.71
C SER E 196 -26.16 34.42 29.97
N THR E 197 -25.98 35.71 30.21
CA THR E 197 -26.90 36.76 29.80
C THR E 197 -26.24 37.81 28.90
N VAL E 198 -25.00 37.60 28.47
CA VAL E 198 -24.30 38.57 27.63
C VAL E 198 -23.76 37.86 26.40
N THR E 199 -24.09 38.38 25.22
CA THR E 199 -23.54 37.88 23.98
C THR E 199 -22.59 38.85 23.31
N SER E 200 -22.51 40.09 23.77
CA SER E 200 -21.81 41.10 22.99
C SER E 200 -21.31 42.23 23.86
N ILE E 201 -20.00 42.42 23.87
CA ILE E 201 -19.38 43.66 24.31
C ILE E 201 -18.96 44.39 23.04
N GLY E 202 -19.73 45.43 22.67
CA GLY E 202 -19.55 46.06 21.37
C GLY E 202 -18.17 46.67 21.20
N ASP E 203 -17.75 46.80 19.94
CA ASP E 203 -16.52 47.51 19.66
C ASP E 203 -16.45 48.83 20.43
N GLY E 204 -15.26 49.16 20.92
CA GLY E 204 -15.02 50.44 21.54
C GLY E 204 -15.65 50.60 22.92
N ALA E 205 -16.32 49.57 23.43
CA ALA E 205 -16.96 49.68 24.72
C ALA E 205 -15.92 49.85 25.82
N ILE E 206 -16.27 50.64 26.82
CA ILE E 206 -15.45 50.83 28.00
C ILE E 206 -16.26 50.32 29.19
N ILE E 207 -15.72 49.33 29.88
CA ILE E 207 -16.31 48.76 31.10
C ILE E 207 -15.46 49.23 32.26
N GLY E 208 -16.02 50.11 33.09
CA GLY E 208 -15.26 50.68 34.18
C GLY E 208 -14.91 49.68 35.27
N SER E 209 -13.94 50.08 36.09
CA SER E 209 -13.53 49.30 37.25
C SER E 209 -14.72 49.01 38.16
N GLY E 210 -14.83 47.77 38.60
CA GLY E 210 -15.90 47.37 39.50
C GLY E 210 -17.23 47.08 38.85
N ALA E 211 -17.34 47.24 37.53
CA ALA E 211 -18.63 47.09 36.88
C ALA E 211 -19.04 45.61 36.84
N VAL E 212 -20.32 45.37 37.10
CA VAL E 212 -20.91 44.05 37.02
C VAL E 212 -21.83 44.08 35.81
N VAL E 213 -21.38 43.46 34.71
CA VAL E 213 -22.05 43.60 33.42
C VAL E 213 -23.00 42.43 33.23
N LEU E 214 -24.29 42.73 33.12
CA LEU E 214 -25.32 41.69 33.03
C LEU E 214 -26.01 41.63 31.68
N GLU E 215 -25.94 42.68 30.87
CA GLU E 215 -26.47 42.60 29.52
C GLU E 215 -25.46 43.15 28.55
N ASN E 216 -25.78 43.00 27.26
CA ASN E 216 -24.91 43.45 26.20
C ASN E 216 -24.58 44.92 26.33
N VAL E 217 -23.33 45.27 26.05
CA VAL E 217 -22.88 46.65 26.04
C VAL E 217 -22.80 47.11 24.59
N PRO E 218 -23.55 48.15 24.20
CA PRO E 218 -23.52 48.58 22.80
C PRO E 218 -22.16 49.13 22.43
N PRO E 219 -21.87 49.23 21.13
CA PRO E 219 -20.58 49.78 20.69
C PRO E 219 -20.33 51.18 21.25
N PHE E 220 -19.15 51.35 21.85
CA PHE E 220 -18.63 52.63 22.35
C PHE E 220 -19.41 53.16 23.53
N ALA E 221 -20.26 52.34 24.14
CA ALA E 221 -20.92 52.72 25.37
C ALA E 221 -19.93 52.65 26.53
N VAL E 222 -20.13 53.52 27.51
CA VAL E 222 -19.33 53.51 28.74
C VAL E 222 -20.25 53.10 29.88
N VAL E 223 -19.94 51.97 30.51
CA VAL E 223 -20.79 51.40 31.55
C VAL E 223 -20.01 51.34 32.86
N VAL E 224 -20.71 51.65 33.94
CA VAL E 224 -20.14 51.62 35.27
C VAL E 224 -21.21 51.10 36.21
N GLY E 225 -20.78 50.55 37.33
CA GLY E 225 -21.68 50.30 38.44
C GLY E 225 -22.02 48.84 38.61
N VAL E 226 -22.73 48.59 39.70
CA VAL E 226 -23.18 47.26 40.10
C VAL E 226 -24.68 47.35 40.31
N PRO E 227 -25.52 46.96 39.34
CA PRO E 227 -25.17 46.45 38.00
C PRO E 227 -24.73 47.57 37.06
N ALA E 228 -24.01 47.22 35.98
CA ALA E 228 -23.48 48.21 35.07
C ALA E 228 -24.58 48.90 34.29
N ARG E 229 -24.50 50.23 34.19
CA ARG E 229 -25.43 51.03 33.41
C ARG E 229 -24.62 51.90 32.46
N ILE E 230 -25.23 52.27 31.34
CA ILE E 230 -24.55 53.12 30.38
C ILE E 230 -24.47 54.54 30.92
N LYS E 231 -23.26 55.06 31.07
CA LYS E 231 -23.07 56.39 31.62
C LYS E 231 -22.93 57.45 30.53
N ARG E 232 -22.29 57.11 29.42
CA ARG E 232 -22.19 58.00 28.28
C ARG E 232 -21.77 57.15 27.10
N TYR E 233 -21.67 57.78 25.94
CA TYR E 233 -21.07 57.15 24.77
C TYR E 233 -19.78 57.87 24.43
N ARG E 234 -18.81 57.13 23.91
CA ARG E 234 -17.53 57.75 23.57
C ARG E 234 -17.66 58.76 22.44
N PHE E 235 -18.57 58.53 21.50
CA PHE E 235 -18.68 59.35 20.31
C PHE E 235 -20.14 59.53 19.93
N SER E 236 -20.38 60.54 19.08
CA SER E 236 -21.69 60.79 18.48
C SER E 236 -22.21 59.55 17.77
N LYS E 237 -23.53 59.49 17.55
CA LYS E 237 -24.10 58.36 16.85
C LYS E 237 -23.54 58.25 15.44
N GLU E 238 -23.28 59.39 14.81
CA GLU E 238 -22.78 59.40 13.44
C GLU E 238 -21.35 58.87 13.39
N MET E 239 -20.50 59.25 14.36
CA MET E 239 -19.15 58.70 14.33
C MET E 239 -19.13 57.24 14.71
N ILE E 240 -20.05 56.83 15.58
CA ILE E 240 -20.15 55.41 15.94
C ILE E 240 -20.41 54.57 14.69
N GLU E 241 -21.41 54.97 13.88
CA GLU E 241 -21.68 54.20 12.67
C GLU E 241 -20.56 54.34 11.66
N THR E 242 -19.90 55.51 11.60
CA THR E 242 -18.71 55.63 10.78
C THR E 242 -17.62 54.66 11.26
N LEU E 243 -17.35 54.62 12.56
CA LEU E 243 -16.32 53.74 13.09
C LEU E 243 -16.61 52.28 12.75
N LEU E 244 -17.89 51.89 12.83
CA LEU E 244 -18.23 50.51 12.52
C LEU E 244 -18.02 50.20 11.04
N ARG E 245 -18.11 51.21 10.17
CA ARG E 245 -17.83 50.97 8.75
C ARG E 245 -16.34 50.89 8.48
N VAL E 246 -15.56 51.81 9.06
CA VAL E 246 -14.14 51.94 8.70
C VAL E 246 -13.30 50.81 9.29
N LYS E 247 -13.55 50.44 10.54
CA LYS E 247 -12.81 49.37 11.22
C LYS E 247 -11.31 49.60 11.15
N TRP E 248 -10.86 50.72 11.73
CA TRP E 248 -9.43 51.03 11.73
C TRP E 248 -8.66 49.94 12.46
N TRP E 249 -9.30 49.23 13.37
CA TRP E 249 -8.59 48.22 14.13
C TRP E 249 -8.19 47.01 13.28
N ASP E 250 -8.68 46.93 12.04
CA ASP E 250 -8.26 45.92 11.07
C ASP E 250 -7.20 46.45 10.12
N TRP E 251 -6.89 47.75 10.16
CA TRP E 251 -5.84 48.33 9.35
C TRP E 251 -4.51 47.62 9.52
N SER E 252 -3.69 47.73 8.48
CA SER E 252 -2.32 47.27 8.53
C SER E 252 -1.47 48.24 9.35
N ILE E 253 -0.26 47.80 9.69
CA ILE E 253 0.66 48.65 10.44
C ILE E 253 0.96 49.93 9.67
N GLU E 254 1.28 49.77 8.39
CA GLU E 254 1.51 50.91 7.53
C GLU E 254 0.31 51.86 7.56
N GLU E 255 -0.90 51.32 7.54
CA GLU E 255 -2.08 52.17 7.52
C GLU E 255 -2.25 52.88 8.86
N ILE E 256 -2.06 52.16 9.96
CA ILE E 256 -2.12 52.77 11.29
C ILE E 256 -1.20 53.98 11.35
N ASN E 257 0.04 53.84 10.87
CA ASN E 257 0.97 54.97 10.92
C ASN E 257 0.63 56.03 9.90
N GLU E 258 0.19 55.62 8.71
CA GLU E 258 -0.14 56.60 7.67
C GLU E 258 -1.34 57.44 8.08
N ASN E 259 -2.19 56.93 8.96
CA ASN E 259 -3.41 57.62 9.40
C ASN E 259 -3.37 57.99 10.88
N VAL E 260 -2.19 58.11 11.46
CA VAL E 260 -2.08 58.32 12.90
C VAL E 260 -2.82 59.59 13.32
N ASP E 261 -2.82 60.62 12.46
CA ASP E 261 -3.48 61.87 12.80
C ASP E 261 -4.99 61.67 12.99
N ALA E 262 -5.60 60.80 12.17
CA ALA E 262 -7.03 60.53 12.31
C ALA E 262 -7.32 59.63 13.49
N LEU E 263 -6.36 58.79 13.87
CA LEU E 263 -6.55 57.96 15.06
C LEU E 263 -6.39 58.80 16.33
N ILE E 264 -5.50 59.79 16.29
CA ILE E 264 -5.30 60.65 17.44
C ILE E 264 -6.38 61.72 17.53
N SER E 265 -6.95 62.15 16.39
CA SER E 265 -7.96 63.20 16.39
C SER E 265 -9.31 62.68 15.90
N PRO E 266 -10.29 62.49 16.79
CA PRO E 266 -11.64 62.13 16.34
C PRO E 266 -12.23 63.15 15.40
N GLU E 267 -11.94 64.45 15.58
CA GLU E 267 -12.44 65.42 14.62
C GLU E 267 -11.86 65.17 13.23
N LEU E 268 -10.55 64.90 13.16
CA LEU E 268 -9.98 64.62 11.85
C LEU E 268 -10.34 63.23 11.38
N PHE E 269 -10.60 62.28 12.27
CA PHE E 269 -11.14 61.00 11.82
C PHE E 269 -12.42 61.21 11.02
N MET E 270 -13.34 62.00 11.55
CA MET E 270 -14.63 62.13 10.91
C MET E 270 -14.55 62.94 9.61
N LYS E 271 -13.62 63.90 9.52
CA LYS E 271 -13.44 64.63 8.27
C LYS E 271 -13.00 63.72 7.12
N LYS E 272 -12.19 62.70 7.41
CA LYS E 272 -11.68 61.85 6.35
C LYS E 272 -12.63 60.70 5.97
N TYR E 273 -13.36 60.14 6.94
CA TYR E 273 -14.13 58.94 6.67
C TYR E 273 -15.64 59.10 6.89
N GLY E 274 -16.10 60.24 7.39
CA GLY E 274 -17.50 60.35 7.80
C GLY E 274 -18.47 60.18 6.65
N SER E 275 -18.27 60.92 5.58
CA SER E 275 -19.22 60.92 4.46
C SER E 275 -18.83 59.86 3.43
N LEU E 276 -18.89 58.59 3.87
CA LEU E 276 -18.44 57.43 3.09
C LEU E 276 -16.90 57.38 2.92
N GLN F 1 10.68 -13.69 -15.17
CA GLN F 1 11.03 -13.78 -13.75
C GLN F 1 10.96 -12.41 -13.06
N GLY F 2 10.00 -12.26 -12.14
CA GLY F 2 9.77 -10.99 -11.46
C GLY F 2 10.84 -10.61 -10.45
N MET F 3 11.74 -11.51 -10.11
CA MET F 3 12.64 -11.33 -8.97
C MET F 3 14.04 -11.03 -9.45
N LYS F 4 14.69 -10.08 -8.78
CA LYS F 4 15.98 -9.59 -9.22
C LYS F 4 17.08 -10.54 -8.74
N THR F 5 17.95 -10.94 -9.67
CA THR F 5 19.10 -11.73 -9.29
C THR F 5 20.07 -10.86 -8.49
N ARG F 6 21.06 -11.53 -7.91
CA ARG F 6 22.12 -10.81 -7.22
C ARG F 6 22.80 -9.82 -8.16
N LEU F 7 23.03 -10.23 -9.40
CA LEU F 7 23.66 -9.34 -10.36
C LEU F 7 22.78 -8.12 -10.62
N GLU F 8 21.48 -8.33 -10.78
CA GLU F 8 20.61 -7.22 -11.12
C GLU F 8 20.53 -6.20 -10.00
N GLN F 9 20.59 -6.67 -8.75
CA GLN F 9 20.59 -5.75 -7.63
C GLN F 9 21.89 -4.97 -7.55
N VAL F 10 22.99 -5.59 -7.94
CA VAL F 10 24.26 -4.89 -7.90
C VAL F 10 24.30 -3.81 -8.97
N LEU F 11 23.91 -4.15 -10.20
CA LEU F 11 23.92 -3.17 -11.29
C LEU F 11 22.98 -2.02 -10.98
N GLU F 12 21.79 -2.31 -10.42
CA GLU F 12 20.88 -1.23 -10.07
C GLU F 12 21.48 -0.28 -9.06
N ARG F 13 22.34 -0.79 -8.17
CA ARG F 13 22.89 0.05 -7.13
C ARG F 13 24.14 0.79 -7.57
N TYR F 14 24.94 0.19 -8.46
CA TYR F 14 26.29 0.68 -8.72
C TYR F 14 26.61 0.96 -10.19
N LEU F 15 25.84 0.44 -11.14
CA LEU F 15 26.20 0.63 -12.54
C LEU F 15 26.31 2.12 -12.85
N ASN F 16 25.32 2.90 -12.46
CA ASN F 16 25.41 4.36 -12.49
C ASN F 16 25.66 4.87 -13.90
N GLY F 17 24.97 4.28 -14.88
CA GLY F 17 25.02 4.75 -16.24
C GLY F 17 26.23 4.31 -17.04
N ARG F 18 27.11 3.52 -16.46
CA ARG F 18 28.25 3.01 -17.20
C ARG F 18 27.80 1.92 -18.16
N GLU F 19 28.68 1.59 -19.10
CA GLU F 19 28.49 0.44 -19.96
C GLU F 19 29.06 -0.80 -19.31
N VAL F 20 28.51 -1.95 -19.65
CA VAL F 20 28.92 -3.23 -19.08
C VAL F 20 29.92 -3.89 -20.01
N ALA F 21 31.08 -4.26 -19.48
CA ALA F 21 32.09 -4.99 -20.24
C ALA F 21 32.01 -6.45 -19.79
N VAL F 22 31.59 -7.32 -20.70
CA VAL F 22 31.45 -8.74 -20.39
C VAL F 22 32.81 -9.41 -20.52
N TRP F 23 33.23 -10.08 -19.44
CA TRP F 23 34.52 -10.79 -19.38
C TRP F 23 34.18 -12.28 -19.37
N GLY F 24 34.40 -12.95 -20.51
CA GLY F 24 33.96 -14.32 -20.67
C GLY F 24 32.88 -14.54 -21.73
N VAL F 25 32.71 -15.78 -22.15
CA VAL F 25 31.69 -16.08 -23.16
C VAL F 25 30.31 -15.87 -22.55
N PRO F 26 29.41 -15.13 -23.19
CA PRO F 26 28.10 -14.86 -22.58
C PRO F 26 27.19 -16.09 -22.58
N THR F 27 26.09 -15.95 -21.86
CA THR F 27 25.01 -16.91 -21.88
C THR F 27 23.73 -16.18 -22.20
N ARG F 28 22.75 -16.93 -22.67
CA ARG F 28 21.42 -16.35 -22.90
C ARG F 28 20.89 -15.60 -21.69
N ARG F 29 20.92 -16.24 -20.51
CA ARG F 29 20.38 -15.63 -19.30
C ARG F 29 21.11 -14.31 -19.00
N LEU F 30 22.45 -14.31 -19.10
CA LEU F 30 23.19 -13.07 -18.87
C LEU F 30 22.81 -12.00 -19.90
N LEU F 31 22.78 -12.36 -21.18
CA LEU F 31 22.47 -11.38 -22.20
C LEU F 31 21.09 -10.77 -21.99
N ARG F 32 20.11 -11.57 -21.58
CA ARG F 32 18.78 -11.03 -21.30
C ARG F 32 18.84 -10.04 -20.14
N ALA F 33 19.55 -10.40 -19.07
CA ALA F 33 19.70 -9.48 -17.93
C ALA F 33 20.34 -8.16 -18.35
N LEU F 34 21.27 -8.21 -19.31
CA LEU F 34 22.00 -7.03 -19.77
C LEU F 34 21.25 -6.24 -20.82
N LYS F 35 20.12 -6.75 -21.29
CA LYS F 35 19.44 -6.18 -22.45
C LYS F 35 19.21 -4.67 -22.38
N PRO F 36 18.80 -4.05 -21.24
CA PRO F 36 18.57 -2.61 -21.27
C PRO F 36 19.82 -1.77 -21.30
N PHE F 37 20.98 -2.34 -21.03
CA PHE F 37 22.21 -1.58 -20.97
C PHE F 37 22.95 -1.64 -22.29
N LYS F 38 23.85 -0.68 -22.49
CA LYS F 38 24.94 -0.86 -23.44
C LYS F 38 25.93 -1.85 -22.86
N PHE F 39 26.27 -2.89 -23.62
CA PHE F 39 27.28 -3.83 -23.22
C PHE F 39 28.10 -4.28 -24.42
N HIS F 40 29.27 -4.83 -24.13
CA HIS F 40 30.22 -5.23 -25.16
C HIS F 40 31.18 -6.28 -24.58
N THR F 41 31.88 -6.97 -25.47
CA THR F 41 32.90 -7.91 -25.05
C THR F 41 34.08 -7.14 -24.49
N ALA F 42 34.44 -7.42 -23.23
CA ALA F 42 35.46 -6.62 -22.55
C ALA F 42 36.79 -6.68 -23.30
N ASP F 43 37.35 -5.50 -23.59
CA ASP F 43 38.63 -5.38 -24.24
C ASP F 43 39.52 -4.51 -23.35
N ARG F 44 39.69 -3.24 -23.67
CA ARG F 44 40.33 -2.30 -22.75
C ARG F 44 39.24 -1.72 -21.85
N VAL F 45 39.39 -1.90 -20.54
CA VAL F 45 38.35 -1.53 -19.58
C VAL F 45 38.88 -0.48 -18.62
N ASP F 46 38.03 0.50 -18.31
CA ASP F 46 38.30 1.67 -17.49
C ASP F 46 37.12 1.79 -16.54
N PRO F 47 37.31 1.69 -15.22
CA PRO F 47 36.15 1.67 -14.32
C PRO F 47 35.35 2.96 -14.35
N GLN F 48 35.93 4.04 -14.88
CA GLN F 48 35.17 5.29 -15.02
C GLN F 48 34.03 5.12 -16.02
N TYR F 49 34.19 4.22 -16.98
CA TYR F 49 33.25 4.07 -18.07
C TYR F 49 32.61 2.71 -18.12
N HIS F 50 33.21 1.72 -17.48
CA HIS F 50 32.81 0.33 -17.64
C HIS F 50 32.59 -0.32 -16.28
N TYR F 51 31.61 -1.20 -16.27
CA TYR F 51 31.42 -2.17 -15.20
C TYR F 51 31.71 -3.54 -15.80
N VAL F 52 32.52 -4.32 -15.10
CA VAL F 52 32.94 -5.63 -15.61
C VAL F 52 32.03 -6.70 -14.99
N VAL F 53 31.32 -7.44 -15.84
CA VAL F 53 30.62 -8.64 -15.39
C VAL F 53 31.41 -9.84 -15.89
N ALA F 54 32.07 -10.54 -14.97
CA ALA F 54 32.66 -11.83 -15.31
C ALA F 54 31.57 -12.88 -15.33
N VAL F 55 31.53 -13.71 -16.36
CA VAL F 55 30.39 -14.61 -16.50
C VAL F 55 30.47 -15.76 -15.50
N THR F 56 31.56 -16.53 -15.53
CA THR F 56 31.80 -17.61 -14.60
C THR F 56 32.91 -17.26 -13.61
N ASP F 57 33.10 -18.16 -12.64
CA ASP F 57 34.18 -17.99 -11.67
C ASP F 57 35.54 -17.96 -12.35
N ASP F 58 35.75 -18.82 -13.34
CA ASP F 58 36.99 -18.84 -14.09
C ASP F 58 37.19 -17.53 -14.85
N ASP F 59 36.12 -16.99 -15.41
CA ASP F 59 36.19 -15.67 -16.03
C ASP F 59 36.71 -14.66 -15.00
N LEU F 60 36.17 -14.69 -13.78
CA LEU F 60 36.62 -13.77 -12.75
C LEU F 60 38.11 -13.98 -12.44
N THR F 61 38.51 -15.24 -12.20
CA THR F 61 39.90 -15.58 -12.00
C THR F 61 40.77 -14.93 -13.09
N ASP F 62 40.35 -15.07 -14.35
CA ASP F 62 41.12 -14.50 -15.44
C ASP F 62 41.15 -12.97 -15.36
N PHE F 63 40.00 -12.36 -15.09
CA PHE F 63 39.93 -10.90 -15.00
C PHE F 63 40.83 -10.39 -13.87
N LEU F 64 40.75 -11.01 -12.70
CA LEU F 64 41.55 -10.53 -11.58
C LEU F 64 43.04 -10.75 -11.80
N SER F 65 43.43 -11.64 -12.72
CA SER F 65 44.82 -11.79 -13.07
C SER F 65 45.28 -10.78 -14.11
N ASP F 66 44.35 -10.01 -14.67
CA ASP F 66 44.67 -8.99 -15.66
C ASP F 66 45.03 -7.69 -14.96
N GLU F 67 46.12 -7.04 -15.40
CA GLU F 67 46.50 -5.80 -14.73
C GLU F 67 45.46 -4.69 -14.90
N GLN F 68 44.52 -4.81 -15.84
CA GLN F 68 43.43 -3.84 -15.93
C GLN F 68 42.45 -3.95 -14.78
N SER F 69 42.50 -5.03 -14.00
CA SER F 69 41.51 -5.21 -12.95
C SER F 69 41.88 -4.50 -11.66
N LYS F 70 43.14 -4.09 -11.49
CA LYS F 70 43.60 -3.57 -10.19
C LYS F 70 42.86 -2.30 -9.78
N SER F 71 42.44 -1.48 -10.74
CA SER F 71 41.69 -0.28 -10.43
C SER F 71 40.20 -0.54 -10.21
N PHE F 72 39.69 -1.74 -10.49
CA PHE F 72 38.28 -2.06 -10.32
C PHE F 72 38.04 -2.58 -8.90
N GLN F 73 36.98 -2.09 -8.26
CA GLN F 73 36.64 -2.49 -6.90
C GLN F 73 35.50 -3.51 -6.89
N TYR F 74 35.58 -4.45 -5.96
CA TYR F 74 34.61 -5.53 -5.91
C TYR F 74 33.20 -4.98 -5.70
N ALA F 75 32.25 -5.51 -6.47
CA ALA F 75 30.85 -5.12 -6.43
C ALA F 75 30.63 -3.72 -6.98
N ASN F 76 31.43 -2.74 -6.55
CA ASN F 76 31.26 -1.38 -7.07
C ASN F 76 31.53 -1.32 -8.57
N ASP F 77 32.51 -2.08 -9.05
CA ASP F 77 32.94 -2.05 -10.43
C ASP F 77 32.89 -3.38 -11.13
N TYR F 78 32.80 -4.50 -10.41
CA TYR F 78 32.76 -5.79 -11.07
C TYR F 78 32.01 -6.77 -10.21
N LEU F 79 31.54 -7.84 -10.85
CA LEU F 79 30.80 -8.89 -10.18
C LEU F 79 30.82 -10.10 -11.09
N THR F 80 30.55 -11.26 -10.51
CA THR F 80 30.37 -12.48 -11.26
C THR F 80 28.88 -12.69 -11.50
N PHE F 81 28.51 -12.96 -12.75
CA PHE F 81 27.09 -13.22 -13.04
C PHE F 81 26.60 -14.46 -12.31
N ASP F 82 27.44 -15.47 -12.19
CA ASP F 82 27.03 -16.83 -11.86
C ASP F 82 27.20 -17.17 -10.37
N ASP F 83 27.08 -16.19 -9.47
CA ASP F 83 27.40 -16.44 -8.07
C ASP F 83 26.32 -15.89 -7.16
N GLU F 84 25.12 -16.45 -7.29
CA GLU F 84 23.97 -15.94 -6.54
C GLU F 84 24.20 -16.02 -5.03
N GLY F 85 25.00 -16.97 -4.58
CA GLY F 85 25.26 -16.99 -3.15
C GLY F 85 26.43 -16.15 -2.68
N GLY F 86 27.12 -15.45 -3.58
CA GLY F 86 28.28 -14.68 -3.17
C GLY F 86 27.90 -13.55 -2.25
N GLU F 87 28.80 -13.24 -1.31
CA GLU F 87 28.57 -12.14 -0.40
C GLU F 87 28.61 -10.80 -1.13
N LEU F 88 27.99 -9.80 -0.51
CA LEU F 88 27.96 -8.43 -1.01
C LEU F 88 28.20 -7.49 0.17
N PRO F 89 28.68 -6.27 -0.10
CA PRO F 89 28.82 -5.30 0.99
C PRO F 89 27.50 -4.71 1.45
N PHE F 90 26.40 -4.95 0.74
CA PHE F 90 25.09 -4.51 1.17
C PHE F 90 24.14 -5.71 1.28
N GLU F 91 23.06 -5.52 2.04
CA GLU F 91 22.04 -6.55 2.14
C GLU F 91 21.31 -6.70 0.81
N ARG F 92 20.92 -7.92 0.50
CA ARG F 92 20.37 -8.23 -0.80
C ARG F 92 19.20 -9.18 -0.64
N MET F 93 18.54 -9.42 -1.75
CA MET F 93 17.51 -10.44 -1.86
C MET F 93 18.12 -11.65 -2.59
N CYS F 94 17.90 -12.83 -2.07
CA CYS F 94 18.08 -14.05 -2.85
C CYS F 94 16.70 -14.67 -3.02
N PHE F 95 16.12 -14.48 -4.21
CA PHE F 95 14.69 -14.73 -4.43
C PHE F 95 13.96 -13.88 -3.41
N ASN F 96 13.05 -14.43 -2.61
CA ASN F 96 12.32 -13.64 -1.61
C ASN F 96 13.00 -13.63 -0.26
N VAL F 97 14.30 -13.86 -0.20
CA VAL F 97 14.98 -14.08 1.08
C VAL F 97 15.99 -12.95 1.31
N PRO F 98 15.79 -12.13 2.35
CA PRO F 98 16.83 -11.16 2.74
C PRO F 98 18.13 -11.82 3.21
N VAL F 99 19.24 -11.32 2.70
CA VAL F 99 20.59 -11.81 3.02
C VAL F 99 21.41 -10.62 3.47
N GLY F 100 21.95 -10.70 4.69
CA GLY F 100 22.72 -9.61 5.23
C GLY F 100 24.08 -9.45 4.58
N ARG F 101 24.83 -8.50 5.10
CA ARG F 101 26.11 -8.13 4.52
C ARG F 101 27.16 -9.19 4.80
N GLN F 102 28.08 -9.36 3.83
CA GLN F 102 29.25 -10.23 3.97
C GLN F 102 28.86 -11.66 4.31
N THR F 103 27.72 -12.09 3.79
CA THR F 103 27.21 -13.43 3.96
C THR F 103 27.27 -14.20 2.65
N TYR F 104 27.86 -15.40 2.67
CA TYR F 104 28.03 -16.19 1.47
C TYR F 104 27.52 -17.61 1.71
N PHE F 105 27.07 -18.24 0.62
CA PHE F 105 26.65 -19.63 0.64
C PHE F 105 26.66 -20.13 -0.79
N GLY F 106 26.42 -21.43 -0.95
CA GLY F 106 26.48 -22.07 -2.24
C GLY F 106 25.11 -22.40 -2.82
N ASP F 107 25.14 -23.06 -3.99
CA ASP F 107 23.93 -23.22 -4.80
C ASP F 107 22.84 -24.04 -4.10
N GLY F 108 23.22 -24.97 -3.22
CA GLY F 108 22.19 -25.70 -2.48
C GLY F 108 21.33 -24.77 -1.66
N VAL F 109 21.96 -23.79 -1.01
CA VAL F 109 21.20 -22.86 -0.17
C VAL F 109 20.46 -21.83 -1.02
N VAL F 110 21.02 -21.46 -2.17
CA VAL F 110 20.26 -20.72 -3.17
C VAL F 110 18.97 -21.44 -3.50
N GLY F 111 19.06 -22.74 -3.77
CA GLY F 111 17.87 -23.50 -4.07
C GLY F 111 16.92 -23.50 -2.91
N ALA F 112 17.44 -23.54 -1.68
CA ALA F 112 16.56 -23.51 -0.52
C ALA F 112 15.79 -22.19 -0.46
N CYS F 113 16.46 -21.07 -0.82
CA CYS F 113 15.78 -19.78 -0.89
C CYS F 113 14.67 -19.80 -1.94
N GLU F 114 14.95 -20.35 -3.12
CA GLU F 114 13.95 -20.38 -4.18
C GLU F 114 12.79 -21.30 -3.79
N ASN F 115 13.08 -22.41 -3.12
CA ASN F 115 12.06 -23.37 -2.70
C ASN F 115 11.16 -22.81 -1.61
N GLY F 116 11.46 -21.66 -1.04
CA GLY F 116 10.66 -21.09 0.01
C GLY F 116 11.01 -21.59 1.40
N TYR F 117 12.13 -22.29 1.55
CA TYR F 117 12.47 -22.89 2.85
C TYR F 117 13.06 -21.89 3.82
N ILE F 118 13.49 -20.72 3.38
CA ILE F 118 14.25 -19.82 4.23
C ILE F 118 13.56 -18.46 4.28
N LYS F 119 13.44 -17.91 5.47
CA LYS F 119 12.83 -16.61 5.66
C LYS F 119 13.85 -15.50 5.57
N SER F 120 15.06 -15.75 6.03
CA SER F 120 16.09 -14.73 6.05
C SER F 120 17.37 -15.36 6.53
N ILE F 121 18.48 -14.77 6.09
CA ILE F 121 19.82 -15.15 6.48
C ILE F 121 20.52 -13.89 6.95
N GLY F 122 21.11 -13.97 8.15
CA GLY F 122 21.65 -12.79 8.80
C GLY F 122 22.94 -12.29 8.17
N GLN F 123 23.59 -11.40 8.91
CA GLN F 123 24.77 -10.69 8.45
C GLN F 123 26.02 -11.43 8.88
N PHE F 124 27.04 -11.39 8.04
CA PHE F 124 28.35 -11.96 8.38
C PHE F 124 28.22 -13.45 8.68
N THR F 125 27.50 -14.14 7.82
CA THR F 125 27.21 -15.55 7.97
C THR F 125 27.96 -16.32 6.89
N SER F 126 28.63 -17.39 7.27
CA SER F 126 29.55 -18.13 6.42
C SER F 126 29.05 -19.56 6.29
N ILE F 127 28.65 -19.94 5.07
CA ILE F 127 28.05 -21.25 4.83
C ILE F 127 28.82 -21.93 3.72
N ASN F 128 29.39 -23.09 4.02
CA ASN F 128 30.14 -23.85 3.03
C ASN F 128 29.27 -24.18 1.82
N GLY F 129 29.88 -24.15 0.64
CA GLY F 129 29.15 -24.36 -0.61
C GLY F 129 28.40 -25.67 -0.70
N THR F 130 28.75 -26.67 0.11
CA THR F 130 28.13 -27.98 -0.04
C THR F 130 26.93 -28.17 0.86
N ALA F 131 26.56 -27.18 1.66
CA ALA F 131 25.49 -27.38 2.62
C ALA F 131 24.16 -27.61 1.91
N GLU F 132 23.29 -28.37 2.54
CA GLU F 132 22.00 -28.71 1.93
C GLU F 132 20.87 -28.41 2.90
N ILE F 133 19.79 -27.85 2.37
CA ILE F 133 18.60 -27.56 3.16
C ILE F 133 17.39 -28.02 2.35
N HIS F 134 16.68 -29.03 2.87
CA HIS F 134 15.54 -29.64 2.19
C HIS F 134 14.54 -30.09 3.24
N ALA F 135 13.27 -30.12 2.86
CA ALA F 135 12.25 -30.60 3.76
C ALA F 135 12.05 -32.10 3.61
N ASN F 136 11.31 -32.70 4.54
CA ASN F 136 10.88 -34.07 4.37
C ASN F 136 9.71 -34.15 3.39
N HIS F 137 9.67 -35.23 2.63
CA HIS F 137 8.43 -35.58 1.94
C HIS F 137 7.40 -36.06 2.95
N GLN F 138 6.18 -36.27 2.47
CA GLN F 138 5.15 -36.81 3.36
C GLN F 138 5.57 -38.20 3.84
N LEU F 139 5.36 -38.46 5.13
CA LEU F 139 5.71 -39.71 5.77
C LEU F 139 4.48 -40.45 6.27
N ASN F 140 3.28 -40.04 5.85
CA ASN F 140 2.03 -40.61 6.35
C ASN F 140 1.12 -41.05 5.22
N MET F 141 1.66 -41.27 4.03
CA MET F 141 0.88 -41.78 2.91
C MET F 141 1.50 -43.10 2.46
N THR F 142 0.90 -43.73 1.44
CA THR F 142 1.41 -45.01 0.99
C THR F 142 2.75 -44.86 0.28
N PHE F 143 2.93 -43.74 -0.41
CA PHE F 143 4.12 -43.44 -1.16
C PHE F 143 4.85 -42.28 -0.49
N VAL F 144 6.13 -42.18 -0.81
CA VAL F 144 6.94 -41.07 -0.34
C VAL F 144 7.45 -40.20 -1.48
N SER F 145 7.24 -40.60 -2.73
CA SER F 145 7.58 -39.78 -3.90
C SER F 145 6.87 -38.44 -3.87
N ASP F 146 7.56 -37.41 -4.39
CA ASP F 146 6.89 -36.15 -4.73
C ASP F 146 6.53 -36.06 -6.19
N ASP F 147 7.40 -36.52 -7.10
CA ASP F 147 7.13 -36.29 -8.51
C ASP F 147 6.03 -37.18 -9.05
N ILE F 148 5.58 -38.16 -8.26
CA ILE F 148 4.35 -38.86 -8.61
C ILE F 148 3.24 -37.87 -8.90
N GLN F 149 3.22 -36.73 -8.20
CA GLN F 149 2.14 -35.77 -8.37
C GLN F 149 2.05 -35.23 -9.79
N ASN F 150 3.15 -35.25 -10.56
CA ASN F 150 3.10 -34.90 -11.98
C ASN F 150 2.12 -35.75 -12.76
N PHE F 151 1.66 -36.88 -12.20
CA PHE F 151 0.62 -37.69 -12.82
C PHE F 151 -0.78 -37.41 -12.27
N PHE F 152 -0.92 -36.59 -11.23
CA PHE F 152 -2.22 -36.40 -10.60
C PHE F 152 -3.07 -35.46 -11.42
N ASN F 153 -4.32 -35.85 -11.70
CA ASN F 153 -5.24 -34.90 -12.28
C ASN F 153 -5.62 -33.86 -11.23
N GLU F 154 -6.54 -32.97 -11.60
CA GLU F 154 -6.94 -31.91 -10.68
C GLU F 154 -7.52 -32.48 -9.38
N GLU F 155 -8.41 -33.48 -9.49
CA GLU F 155 -9.07 -34.00 -8.29
C GLU F 155 -8.09 -34.74 -7.39
N SER F 156 -7.19 -35.52 -7.98
CA SER F 156 -6.19 -36.24 -7.21
C SER F 156 -5.25 -35.28 -6.51
N MET F 157 -4.84 -34.21 -7.19
CA MET F 157 -3.93 -33.25 -6.58
C MET F 157 -4.58 -32.58 -5.38
N ALA F 158 -5.89 -32.30 -5.48
CA ALA F 158 -6.60 -31.63 -4.40
C ALA F 158 -6.60 -32.47 -3.13
N VAL F 159 -6.92 -33.76 -3.26
CA VAL F 159 -6.90 -34.60 -2.07
C VAL F 159 -5.48 -34.72 -1.56
N PHE F 160 -4.50 -34.76 -2.46
CA PHE F 160 -3.11 -34.81 -2.03
C PHE F 160 -2.76 -33.57 -1.22
N GLN F 161 -3.00 -32.39 -1.79
CA GLN F 161 -2.68 -31.14 -1.09
C GLN F 161 -3.45 -31.02 0.22
N GLU F 162 -4.74 -31.40 0.22
CA GLU F 162 -5.52 -31.29 1.45
C GLU F 162 -4.88 -32.06 2.60
N LYS F 163 -4.37 -33.25 2.35
CA LYS F 163 -3.74 -34.00 3.43
C LYS F 163 -2.38 -33.42 3.80
N LEU F 164 -1.58 -33.02 2.80
CA LEU F 164 -0.32 -32.33 3.08
C LEU F 164 -0.55 -31.13 4.00
N ARG F 165 -1.63 -30.38 3.76
CA ARG F 165 -1.87 -29.16 4.51
C ARG F 165 -2.28 -29.44 5.95
N LYS F 166 -2.81 -30.64 6.22
CA LYS F 166 -3.19 -31.10 7.54
C LYS F 166 -2.02 -31.62 8.36
N ASP F 167 -0.92 -31.94 7.72
CA ASP F 167 0.12 -32.77 8.33
C ASP F 167 0.96 -31.95 9.31
N PRO F 168 0.96 -32.31 10.59
CA PRO F 168 1.69 -31.51 11.59
C PRO F 168 3.20 -31.71 11.59
N LYS F 169 3.76 -32.57 10.73
CA LYS F 169 5.20 -32.72 10.62
C LYS F 169 5.79 -31.94 9.45
N HIS F 170 4.94 -31.15 8.77
CA HIS F 170 5.37 -30.13 7.82
C HIS F 170 6.08 -30.71 6.61
N PRO F 171 5.47 -31.65 5.90
CA PRO F 171 6.08 -32.12 4.65
C PRO F 171 6.23 -30.93 3.72
N TYR F 172 7.35 -30.90 3.00
CA TYR F 172 7.64 -29.79 2.09
C TYR F 172 7.58 -28.44 2.80
N ALA F 173 7.72 -28.45 4.13
CA ALA F 173 7.69 -27.26 4.97
C ALA F 173 6.30 -26.60 4.98
N TYR F 174 5.27 -27.39 4.72
CA TYR F 174 3.91 -26.90 4.83
C TYR F 174 3.57 -26.56 6.27
N SER F 175 2.62 -25.63 6.44
CA SER F 175 2.04 -25.25 7.71
C SER F 175 3.05 -24.69 8.72
N LYS F 176 4.28 -24.40 8.31
CA LYS F 176 5.30 -23.93 9.24
C LYS F 176 5.95 -22.66 8.70
N GLU F 177 6.71 -21.99 9.58
CA GLU F 177 7.44 -20.80 9.12
C GLU F 177 8.72 -21.23 8.40
N PRO F 178 9.11 -20.53 7.35
CA PRO F 178 10.45 -20.73 6.79
C PRO F 178 11.49 -20.37 7.83
N MET F 179 12.60 -21.10 7.81
CA MET F 179 13.60 -20.98 8.86
C MET F 179 14.39 -19.68 8.76
N THR F 180 14.66 -19.07 9.91
CA THR F 180 15.62 -17.98 9.93
C THR F 180 17.00 -18.55 10.21
N ILE F 181 18.00 -18.04 9.50
CA ILE F 181 19.40 -18.33 9.75
C ILE F 181 20.04 -17.04 10.24
N GLY F 182 20.63 -17.10 11.43
CA GLY F 182 21.04 -15.89 12.12
C GLY F 182 22.23 -15.23 11.49
N SER F 183 22.71 -14.20 12.18
CA SER F 183 23.94 -13.52 11.84
C SER F 183 25.13 -14.16 12.57
N ASP F 184 26.32 -13.93 12.02
CA ASP F 184 27.56 -14.46 12.59
C ASP F 184 27.47 -15.97 12.78
N VAL F 185 26.83 -16.62 11.84
CA VAL F 185 26.63 -18.06 11.83
C VAL F 185 27.72 -18.68 10.98
N TYR F 186 28.18 -19.86 11.37
CA TYR F 186 29.19 -20.58 10.61
C TYR F 186 28.71 -22.00 10.38
N ILE F 187 28.63 -22.42 9.12
CA ILE F 187 28.17 -23.76 8.78
C ILE F 187 29.27 -24.45 7.99
N GLY F 188 29.69 -25.63 8.48
CA GLY F 188 30.78 -26.37 7.87
C GLY F 188 30.35 -27.23 6.69
N ALA F 189 31.34 -27.90 6.09
CA ALA F 189 31.15 -28.72 4.90
C ALA F 189 30.27 -29.93 5.16
N HIS F 190 29.56 -30.37 4.11
CA HIS F 190 28.70 -31.55 4.15
C HIS F 190 27.65 -31.48 5.25
N ALA F 191 27.21 -30.26 5.59
CA ALA F 191 26.19 -30.08 6.61
C ALA F 191 24.79 -30.01 5.99
N PHE F 192 23.80 -30.40 6.78
CA PHE F 192 22.43 -30.47 6.32
C PHE F 192 21.50 -29.93 7.40
N ILE F 193 20.49 -29.18 7.00
CA ILE F 193 19.47 -28.67 7.90
C ILE F 193 18.11 -29.10 7.38
N ASN F 194 17.35 -29.83 8.18
CA ASN F 194 16.05 -30.32 7.75
C ASN F 194 15.00 -29.21 7.87
N ALA F 195 14.40 -28.82 6.75
CA ALA F 195 13.49 -27.69 6.73
C ALA F 195 12.07 -28.07 7.15
N SER F 196 11.79 -29.36 7.34
CA SER F 196 10.49 -29.72 7.89
C SER F 196 10.43 -29.46 9.38
N THR F 197 11.56 -29.63 10.08
CA THR F 197 11.56 -29.64 11.54
C THR F 197 12.39 -28.54 12.16
N VAL F 198 12.96 -27.64 11.35
CA VAL F 198 13.78 -26.55 11.84
C VAL F 198 13.16 -25.24 11.38
N THR F 199 13.04 -24.29 12.31
CA THR F 199 12.59 -22.94 11.98
C THR F 199 13.62 -21.89 12.36
N SER F 200 14.74 -22.26 12.97
CA SER F 200 15.60 -21.26 13.56
C SER F 200 17.01 -21.82 13.71
N ILE F 201 17.97 -21.21 13.04
CA ILE F 201 19.39 -21.34 13.34
C ILE F 201 19.77 -20.03 14.00
N GLY F 202 19.92 -20.04 15.33
CA GLY F 202 20.09 -18.80 16.06
C GLY F 202 21.38 -18.09 15.72
N ASP F 203 21.40 -16.77 15.97
CA ASP F 203 22.58 -15.97 15.72
C ASP F 203 23.80 -16.59 16.39
N GLY F 204 24.95 -16.43 15.76
CA GLY F 204 26.20 -16.92 16.32
C GLY F 204 26.37 -18.44 16.30
N ALA F 205 25.38 -19.19 15.85
CA ALA F 205 25.48 -20.64 15.92
C ALA F 205 26.59 -21.14 14.98
N ILE F 206 27.27 -22.19 15.43
CA ILE F 206 28.23 -22.93 14.60
C ILE F 206 27.67 -24.32 14.37
N ILE F 207 27.53 -24.70 13.11
CA ILE F 207 27.14 -26.03 12.72
C ILE F 207 28.35 -26.72 12.11
N GLY F 208 28.84 -27.76 12.77
CA GLY F 208 30.09 -28.36 12.38
C GLY F 208 29.99 -29.15 11.10
N SER F 209 31.14 -29.41 10.50
CA SER F 209 31.15 -30.16 9.26
C SER F 209 30.66 -31.58 9.49
N GLY F 210 29.90 -32.11 8.53
CA GLY F 210 29.28 -33.40 8.69
C GLY F 210 27.96 -33.38 9.45
N ALA F 211 27.62 -32.28 10.13
CA ALA F 211 26.44 -32.28 10.99
C ALA F 211 25.14 -32.41 10.21
N VAL F 212 24.17 -33.06 10.84
CA VAL F 212 22.84 -33.23 10.31
C VAL F 212 21.90 -32.62 11.35
N VAL F 213 21.36 -31.45 11.03
CA VAL F 213 20.63 -30.64 11.99
C VAL F 213 19.14 -30.88 11.80
N LEU F 214 18.51 -31.46 12.83
CA LEU F 214 17.12 -31.87 12.74
C LEU F 214 16.20 -31.04 13.62
N GLU F 215 16.73 -30.16 14.46
CA GLU F 215 15.89 -29.28 15.24
C GLU F 215 16.66 -27.98 15.46
N ASN F 216 15.95 -26.97 15.98
CA ASN F 216 16.50 -25.62 16.06
C ASN F 216 17.83 -25.57 16.80
N VAL F 217 18.72 -24.70 16.34
CA VAL F 217 20.00 -24.47 17.01
C VAL F 217 19.90 -23.18 17.81
N PRO F 218 20.01 -23.22 19.13
CA PRO F 218 19.91 -22.01 19.93
C PRO F 218 21.01 -21.03 19.56
N PRO F 219 20.81 -19.75 19.83
CA PRO F 219 21.82 -18.75 19.50
C PRO F 219 23.16 -19.04 20.18
N PHE F 220 24.22 -19.08 19.38
CA PHE F 220 25.61 -19.25 19.80
C PHE F 220 25.93 -20.65 20.26
N ALA F 221 25.03 -21.61 20.03
CA ALA F 221 25.29 -22.99 20.37
C ALA F 221 26.14 -23.63 19.28
N VAL F 222 27.08 -24.48 19.68
CA VAL F 222 27.93 -25.19 18.74
C VAL F 222 27.42 -26.62 18.63
N VAL F 223 27.08 -27.07 17.42
CA VAL F 223 26.46 -28.37 17.21
C VAL F 223 27.29 -29.18 16.21
N VAL F 224 27.43 -30.47 16.49
CA VAL F 224 28.15 -31.42 15.64
C VAL F 224 27.44 -32.77 15.73
N GLY F 225 27.69 -33.63 14.76
CA GLY F 225 27.27 -35.01 14.81
C GLY F 225 26.15 -35.32 13.83
N VAL F 226 25.91 -36.61 13.68
CA VAL F 226 24.79 -37.14 12.90
C VAL F 226 23.92 -37.95 13.86
N PRO F 227 22.82 -37.39 14.36
CA PRO F 227 22.32 -36.03 14.11
C PRO F 227 22.97 -35.01 15.05
N ALA F 228 22.86 -33.71 14.75
CA ALA F 228 23.58 -32.70 15.50
C ALA F 228 23.13 -32.62 16.95
N ARG F 229 24.09 -32.44 17.85
CA ARG F 229 23.84 -32.19 19.26
C ARG F 229 24.71 -31.03 19.72
N ILE F 230 24.26 -30.35 20.78
CA ILE F 230 24.94 -29.15 21.25
C ILE F 230 26.18 -29.56 22.04
N LYS F 231 27.36 -29.17 21.55
CA LYS F 231 28.56 -29.45 22.32
C LYS F 231 28.82 -28.36 23.35
N ARG F 232 28.73 -27.09 22.95
CA ARG F 232 29.05 -26.00 23.86
C ARG F 232 28.40 -24.73 23.32
N TYR F 233 28.47 -23.67 24.13
CA TYR F 233 28.10 -22.33 23.71
C TYR F 233 29.36 -21.49 23.52
N ARG F 234 29.33 -20.63 22.52
CA ARG F 234 30.49 -19.78 22.27
C ARG F 234 30.81 -18.91 23.48
N PHE F 235 29.78 -18.42 24.18
CA PHE F 235 29.95 -17.46 25.26
C PHE F 235 29.06 -17.86 26.44
N SER F 236 29.07 -17.03 27.48
CA SER F 236 28.25 -17.29 28.65
C SER F 236 26.81 -16.88 28.40
N LYS F 237 25.94 -17.36 29.29
CA LYS F 237 24.51 -17.08 29.20
C LYS F 237 24.23 -15.58 29.12
N GLU F 238 24.89 -14.80 29.99
CA GLU F 238 24.63 -13.37 30.02
C GLU F 238 25.18 -12.68 28.79
N MET F 239 26.33 -13.14 28.29
CA MET F 239 26.87 -12.50 27.10
C MET F 239 26.01 -12.75 25.87
N ILE F 240 25.41 -13.95 25.77
CA ILE F 240 24.48 -14.21 24.67
C ILE F 240 23.38 -13.15 24.68
N GLU F 241 22.80 -12.91 25.85
CA GLU F 241 21.63 -12.04 25.94
C GLU F 241 21.99 -10.61 25.56
N THR F 242 23.19 -10.15 25.95
CA THR F 242 23.59 -8.81 25.57
C THR F 242 24.12 -8.75 24.13
N LEU F 243 24.60 -9.87 23.59
CA LEU F 243 24.82 -9.95 22.16
C LEU F 243 23.50 -9.82 21.41
N LEU F 244 22.50 -10.60 21.81
CA LEU F 244 21.17 -10.47 21.22
C LEU F 244 20.59 -9.08 21.43
N ARG F 245 21.06 -8.35 22.45
CA ARG F 245 20.57 -7.00 22.67
C ARG F 245 21.32 -5.99 21.81
N VAL F 246 22.64 -6.14 21.69
CA VAL F 246 23.45 -5.11 21.03
C VAL F 246 23.30 -5.20 19.51
N LYS F 247 23.47 -6.40 18.95
CA LYS F 247 23.29 -6.65 17.52
C LYS F 247 24.35 -5.93 16.66
N TRP F 248 25.61 -6.13 17.05
CA TRP F 248 26.74 -5.56 16.32
C TRP F 248 26.68 -5.85 14.83
N TRP F 249 26.15 -7.03 14.45
CA TRP F 249 26.07 -7.41 13.04
C TRP F 249 25.19 -6.46 12.22
N ASP F 250 24.45 -5.55 12.87
CA ASP F 250 23.70 -4.51 12.18
C ASP F 250 24.45 -3.18 12.16
N TRP F 251 25.64 -3.12 12.73
CA TRP F 251 26.37 -1.87 12.84
C TRP F 251 26.75 -1.34 11.46
N SER F 252 26.90 -0.02 11.40
CA SER F 252 27.50 0.60 10.25
C SER F 252 28.95 0.14 10.12
N ILE F 253 29.51 0.32 8.92
CA ILE F 253 30.92 0.04 8.72
C ILE F 253 31.78 0.88 9.66
N GLU F 254 31.45 2.16 9.82
CA GLU F 254 32.20 3.02 10.73
C GLU F 254 32.14 2.49 12.15
N GLU F 255 30.94 2.11 12.61
CA GLU F 255 30.79 1.56 13.95
C GLU F 255 31.63 0.31 14.12
N ILE F 256 31.69 -0.53 13.09
CA ILE F 256 32.48 -1.75 13.18
C ILE F 256 33.95 -1.39 13.38
N ASN F 257 34.46 -0.44 12.61
CA ASN F 257 35.86 -0.07 12.75
C ASN F 257 36.11 0.60 14.09
N GLU F 258 35.18 1.43 14.59
CA GLU F 258 35.36 2.06 15.89
C GLU F 258 35.50 1.01 16.99
N ASN F 259 34.53 0.10 17.07
CA ASN F 259 34.48 -0.88 18.14
C ASN F 259 35.18 -2.18 17.76
N VAL F 260 36.25 -2.10 16.97
CA VAL F 260 36.93 -3.31 16.51
C VAL F 260 37.54 -4.07 17.67
N ASP F 261 37.92 -3.38 18.74
CA ASP F 261 38.61 -4.09 19.81
C ASP F 261 37.62 -4.82 20.72
N ALA F 262 36.39 -4.34 20.81
CA ALA F 262 35.34 -5.15 21.40
C ALA F 262 35.00 -6.33 20.52
N LEU F 263 35.13 -6.18 19.20
CA LEU F 263 34.85 -7.28 18.29
C LEU F 263 35.95 -8.32 18.34
N ILE F 264 37.20 -7.89 18.45
CA ILE F 264 38.30 -8.82 18.62
C ILE F 264 38.20 -9.53 19.96
N SER F 265 37.93 -8.78 21.02
CA SER F 265 38.10 -9.31 22.37
C SER F 265 36.76 -9.40 23.09
N PRO F 266 36.22 -10.60 23.28
CA PRO F 266 34.92 -10.72 23.96
C PRO F 266 34.91 -10.18 25.37
N GLU F 267 36.03 -10.23 26.08
CA GLU F 267 36.03 -9.66 27.43
C GLU F 267 35.88 -8.14 27.37
N LEU F 268 36.57 -7.48 26.44
CA LEU F 268 36.41 -6.04 26.28
C LEU F 268 35.05 -5.70 25.73
N PHE F 269 34.37 -6.66 25.09
CA PHE F 269 33.00 -6.46 24.66
C PHE F 269 32.07 -6.32 25.85
N MET F 270 32.12 -7.28 26.78
CA MET F 270 31.25 -7.25 27.95
C MET F 270 31.45 -5.97 28.75
N LYS F 271 32.69 -5.54 28.94
CA LYS F 271 32.93 -4.32 29.72
C LYS F 271 32.25 -3.12 29.09
N LYS F 272 32.21 -3.06 27.76
CA LYS F 272 31.63 -1.89 27.10
C LYS F 272 30.11 -1.98 27.00
N TYR F 273 29.54 -3.19 26.92
CA TYR F 273 28.12 -3.36 26.66
C TYR F 273 27.38 -4.24 27.66
N GLY F 274 28.08 -4.97 28.55
CA GLY F 274 27.45 -5.90 29.46
C GLY F 274 26.73 -5.26 30.64
N SER F 275 25.98 -4.20 30.35
CA SER F 275 25.14 -3.52 31.35
C SER F 275 24.31 -2.44 30.66
#